data_8JGL
#
_entry.id   8JGL
#
_cell.length_a   1.00
_cell.length_b   1.00
_cell.length_c   1.00
_cell.angle_alpha   90.00
_cell.angle_beta   90.00
_cell.angle_gamma   90.00
#
_symmetry.space_group_name_H-M   'P 1'
#
loop_
_entity.id
_entity.type
_entity.pdbx_description
1 polymer 'H(+)/Cl(-) exchange transporter 3'
2 non-polymer 'ADENOSINE MONOPHOSPHATE'
3 water water
#
_entity_poly.entity_id   1
_entity_poly.type   'polypeptide(L)'
_entity_poly.pdbx_seq_one_letter_code
;MESEQLFHRGYYRNSYNSITSASSDEELLDGAGAIMDFQTSEDDNLLDGDTAAGTHYTMTNGGSINSSTHLLDLLDEPIP
GVGTYDDFHTIDWVREKCKDRERHRRINSKKKESAWEMTKSLYDAWSGWLVVTLTGLASGALAGLIDIAADWMTDLKEGI
CLSALWYNHEQCCWGSNETTFEERDKCPQWKTWAELIIGQAEGPGSYIMNYIMYIFWALSFAFLAVSLVKVFAPYACGSG
IPEIKTILSGFIIRGYLGKWTLMIKTITLVLAVASGLSLGKEGPLVHVACCCGNIFSYLFPKYSTNEAKKREVLSAASAA
GVSVAFGAPIGGVLFSLEEVSYYFPLKTLWRSFFAALVAAFVLRSINPFGNSRLVLFYVEYHTPWYLFELFPFILLGVFG
GLWGAFFIRANIAWCRRRKSTKFGKYPVLEVIIVAAITAVIAFPNPYTRLNTSELIKELFTDCGPLESSSLCDYRNDMNA
SKIVDDIPDRPAGVGVYSAIWQLCLALIFKIIMTVFTFGIKVPSGLFIPSMAIGAIAGRIVGIAVEQLAYYHHDWFIFKE
WCEVGADCITPGLYAMVGAAACLGGVTRMTVSLVVIVFELTGGLEYIVPLMAAVMTSKWVGDAFGREGIYEAHIRLNGYP
FLDAKEEFTHTTLAADVMRPRRSDPPLAVLTQDNMTVDDIENMINETSYNGFPVIMSKESQRLVGFALRRDLTIAIESAR
KKQEGIVGSSRVCFAQHTPSLPAESPRPLKLRSILDMSPFTVTDHTPMEIVVDIFRKLGLRQCLVTHNGRLLGIITKKDI
LRHMAQTANQDPASIMFN
;
_entity_poly.pdbx_strand_id   A,B
#
# COMPACT_ATOMS: atom_id res chain seq x y z
N GLY A 81 -8.00 -36.19 -6.00
CA GLY A 81 -7.87 -36.35 -4.56
C GLY A 81 -6.57 -35.80 -4.02
N VAL A 82 -5.50 -35.96 -4.79
CA VAL A 82 -4.18 -35.50 -4.37
C VAL A 82 -4.16 -33.98 -4.34
N GLY A 83 -3.58 -33.41 -3.29
CA GLY A 83 -3.40 -31.98 -3.19
C GLY A 83 -4.56 -31.21 -2.60
N THR A 84 -5.54 -31.89 -2.02
CA THR A 84 -6.66 -31.22 -1.38
C THR A 84 -6.29 -30.82 0.06
N TYR A 85 -7.20 -30.07 0.70
CA TYR A 85 -7.02 -29.65 2.08
C TYR A 85 -8.24 -30.07 2.89
N ASP A 86 -8.00 -30.64 4.06
CA ASP A 86 -9.07 -31.13 4.92
C ASP A 86 -9.55 -30.01 5.83
N ASP A 87 -10.59 -30.31 6.60
CA ASP A 87 -11.28 -29.29 7.38
C ASP A 87 -10.39 -28.73 8.48
N PHE A 88 -10.53 -27.42 8.71
CA PHE A 88 -10.00 -26.75 9.89
C PHE A 88 -8.51 -27.01 10.09
N HIS A 89 -7.75 -27.01 9.00
CA HIS A 89 -6.30 -26.97 9.06
C HIS A 89 -5.79 -25.83 8.19
N THR A 90 -4.63 -25.29 8.57
CA THR A 90 -4.06 -24.13 7.91
C THR A 90 -3.41 -24.55 6.59
N ILE A 91 -3.30 -23.60 5.67
CA ILE A 91 -2.82 -23.87 4.32
C ILE A 91 -1.31 -23.69 4.26
N ASP A 92 -0.68 -24.42 3.34
CA ASP A 92 0.71 -24.19 2.97
C ASP A 92 0.72 -23.42 1.65
N TRP A 93 1.21 -22.18 1.70
CA TRP A 93 1.16 -21.32 0.53
C TRP A 93 2.15 -21.74 -0.54
N VAL A 94 3.31 -22.28 -0.14
CA VAL A 94 4.36 -22.58 -1.11
C VAL A 94 3.89 -23.66 -2.09
N ARG A 95 3.20 -24.67 -1.58
CA ARG A 95 2.68 -25.72 -2.46
C ARG A 95 1.67 -25.17 -3.45
N GLU A 96 0.80 -24.27 -2.98
CA GLU A 96 -0.18 -23.65 -3.88
C GLU A 96 0.50 -22.81 -4.95
N LYS A 97 1.54 -22.07 -4.57
CA LYS A 97 2.29 -21.29 -5.55
C LYS A 97 2.97 -22.20 -6.56
N CYS A 98 3.51 -23.33 -6.11
CA CYS A 98 4.12 -24.28 -7.03
C CYS A 98 3.09 -24.84 -8.00
N LYS A 99 1.90 -25.19 -7.50
CA LYS A 99 0.85 -25.68 -8.38
C LYS A 99 0.42 -24.60 -9.37
N ASP A 100 0.35 -23.36 -8.91
CA ASP A 100 0.02 -22.26 -9.82
C ASP A 100 1.08 -22.10 -10.89
N ARG A 101 2.36 -22.23 -10.52
CA ARG A 101 3.42 -22.19 -11.52
C ARG A 101 3.29 -23.34 -12.51
N GLU A 102 2.92 -24.53 -12.03
CA GLU A 102 2.74 -25.67 -12.93
C GLU A 102 1.63 -25.39 -13.93
N ARG A 103 0.49 -24.85 -13.46
CA ARG A 103 -0.59 -24.51 -14.37
C ARG A 103 -0.17 -23.42 -15.34
N HIS A 104 0.59 -22.43 -14.85
CA HIS A 104 1.07 -21.37 -15.72
C HIS A 104 1.98 -21.91 -16.81
N ARG A 105 2.86 -22.85 -16.45
CA ARG A 105 3.72 -23.48 -17.45
C ARG A 105 2.91 -24.27 -18.45
N ARG A 106 1.90 -25.00 -17.98
CA ARG A 106 1.05 -25.73 -18.90
C ARG A 106 0.37 -24.81 -19.90
N ILE A 107 -0.11 -23.66 -19.42
CA ILE A 107 -0.76 -22.70 -20.32
C ILE A 107 0.25 -22.06 -21.27
N ASN A 108 1.41 -21.68 -20.74
CA ASN A 108 2.39 -20.94 -21.54
C ASN A 108 3.04 -21.82 -22.59
N SER A 109 3.13 -23.13 -22.34
CA SER A 109 3.66 -24.03 -23.36
C SER A 109 2.81 -23.98 -24.62
N LYS A 110 1.49 -23.96 -24.46
CA LYS A 110 0.60 -23.87 -25.61
C LYS A 110 0.44 -22.43 -26.09
N LYS A 111 0.74 -21.44 -25.22
CA LYS A 111 0.43 -20.05 -25.54
C LYS A 111 1.01 -19.62 -26.88
N LYS A 112 2.30 -19.91 -27.10
CA LYS A 112 2.96 -19.48 -28.33
C LYS A 112 2.69 -20.40 -29.50
N GLU A 113 2.02 -21.54 -29.29
CA GLU A 113 1.82 -22.49 -30.38
C GLU A 113 0.78 -21.99 -31.37
N SER A 114 -0.22 -21.26 -30.90
CA SER A 114 -1.28 -20.76 -31.78
C SER A 114 -1.90 -19.52 -31.16
N ALA A 115 -2.63 -18.77 -32.00
CA ALA A 115 -3.29 -17.56 -31.52
C ALA A 115 -4.41 -17.89 -30.54
N TRP A 116 -5.14 -18.98 -30.80
CA TRP A 116 -6.20 -19.38 -29.88
C TRP A 116 -5.66 -19.59 -28.47
N GLU A 117 -4.44 -20.13 -28.36
CA GLU A 117 -3.84 -20.31 -27.05
C GLU A 117 -3.53 -18.96 -26.40
N MET A 118 -3.10 -17.98 -27.19
CA MET A 118 -2.89 -16.63 -26.65
C MET A 118 -4.20 -16.05 -26.14
N THR A 119 -5.29 -16.24 -26.88
CA THR A 119 -6.59 -15.75 -26.42
C THR A 119 -7.01 -16.44 -25.14
N LYS A 120 -6.79 -17.77 -25.06
CA LYS A 120 -7.13 -18.51 -23.84
C LYS A 120 -6.32 -18.01 -22.65
N SER A 121 -5.02 -17.77 -22.86
CA SER A 121 -4.18 -17.26 -21.78
C SER A 121 -4.64 -15.87 -21.35
N LEU A 122 -5.01 -15.01 -22.30
CA LEU A 122 -5.51 -13.69 -21.95
C LEU A 122 -6.80 -13.79 -21.13
N TYR A 123 -7.69 -14.71 -21.51
CA TYR A 123 -8.91 -14.92 -20.74
C TYR A 123 -8.60 -15.41 -19.34
N ASP A 124 -7.66 -16.35 -19.22
CA ASP A 124 -7.29 -16.85 -17.90
C ASP A 124 -6.67 -15.75 -17.05
N ALA A 125 -5.96 -14.81 -17.68
CA ALA A 125 -5.40 -13.69 -16.93
C ALA A 125 -6.47 -12.69 -16.52
N TRP A 126 -7.45 -12.46 -17.38
CA TRP A 126 -8.56 -11.57 -17.05
C TRP A 126 -9.54 -12.21 -16.08
N SER A 127 -9.43 -13.51 -15.83
CA SER A 127 -10.30 -14.16 -14.85
C SER A 127 -10.26 -13.44 -13.51
N GLY A 128 -9.08 -13.01 -13.08
CA GLY A 128 -8.98 -12.31 -11.80
C GLY A 128 -9.78 -11.03 -11.78
N TRP A 129 -9.65 -10.21 -12.81
CA TRP A 129 -10.43 -8.98 -12.88
C TRP A 129 -11.91 -9.27 -12.98
N LEU A 130 -12.29 -10.33 -13.70
CA LEU A 130 -13.70 -10.69 -13.77
C LEU A 130 -14.26 -11.06 -12.40
N VAL A 131 -13.52 -11.86 -11.64
CA VAL A 131 -14.02 -12.27 -10.32
C VAL A 131 -14.09 -11.08 -9.39
N VAL A 132 -13.09 -10.19 -9.46
CA VAL A 132 -13.12 -9.01 -8.60
C VAL A 132 -14.25 -8.07 -8.99
N THR A 133 -14.51 -7.93 -10.30
CA THR A 133 -15.62 -7.09 -10.75
C THR A 133 -16.94 -7.65 -10.26
N LEU A 134 -17.14 -8.96 -10.39
CA LEU A 134 -18.38 -9.57 -9.94
C LEU A 134 -18.51 -9.47 -8.42
N THR A 135 -17.39 -9.59 -7.70
CA THR A 135 -17.43 -9.42 -6.26
C THR A 135 -17.88 -8.00 -5.89
N GLY A 136 -17.35 -7.00 -6.58
CA GLY A 136 -17.79 -5.64 -6.32
C GLY A 136 -19.26 -5.44 -6.63
N LEU A 137 -19.70 -5.96 -7.78
CA LEU A 137 -21.12 -5.86 -8.14
C LEU A 137 -22.00 -6.48 -7.07
N ALA A 138 -21.67 -7.71 -6.66
CA ALA A 138 -22.49 -8.41 -5.69
C ALA A 138 -22.45 -7.75 -4.33
N SER A 139 -21.28 -7.26 -3.92
CA SER A 139 -21.19 -6.56 -2.64
C SER A 139 -22.08 -5.32 -2.65
N GLY A 140 -22.01 -4.52 -3.72
CA GLY A 140 -22.87 -3.36 -3.80
C GLY A 140 -24.34 -3.72 -3.78
N ALA A 141 -24.73 -4.70 -4.60
CA ALA A 141 -26.15 -5.07 -4.68
C ALA A 141 -26.66 -5.62 -3.36
N LEU A 142 -25.88 -6.49 -2.72
CA LEU A 142 -26.32 -7.12 -1.49
C LEU A 142 -26.34 -6.13 -0.34
N ALA A 143 -25.35 -5.24 -0.28
CA ALA A 143 -25.38 -4.20 0.75
C ALA A 143 -26.55 -3.27 0.56
N GLY A 144 -26.88 -2.92 -0.69
CA GLY A 144 -28.04 -2.09 -0.93
C GLY A 144 -29.34 -2.76 -0.52
N LEU A 145 -29.50 -4.03 -0.90
CA LEU A 145 -30.70 -4.75 -0.51
C LEU A 145 -30.79 -4.91 1.01
N ILE A 146 -29.66 -5.21 1.65
CA ILE A 146 -29.63 -5.34 3.10
C ILE A 146 -30.00 -4.02 3.76
N ASP A 147 -29.46 -2.90 3.26
CA ASP A 147 -29.79 -1.61 3.84
C ASP A 147 -31.28 -1.30 3.69
N ILE A 148 -31.82 -1.54 2.50
CA ILE A 148 -33.23 -1.24 2.26
C ILE A 148 -34.11 -2.08 3.18
N ALA A 149 -33.87 -3.39 3.21
CA ALA A 149 -34.70 -4.28 4.03
C ALA A 149 -34.53 -3.97 5.51
N ALA A 150 -33.31 -3.67 5.95
CA ALA A 150 -33.08 -3.35 7.35
C ALA A 150 -33.81 -2.07 7.74
N ASP A 151 -33.77 -1.05 6.88
CA ASP A 151 -34.51 0.18 7.17
C ASP A 151 -36.00 -0.11 7.27
N TRP A 152 -36.54 -0.85 6.31
CA TRP A 152 -37.98 -1.13 6.33
C TRP A 152 -38.37 -1.91 7.57
N MET A 153 -37.61 -2.94 7.93
CA MET A 153 -37.98 -3.76 9.07
C MET A 153 -37.78 -3.02 10.38
N THR A 154 -36.75 -2.17 10.45
CA THR A 154 -36.56 -1.35 11.65
C THR A 154 -37.73 -0.39 11.84
N ASP A 155 -38.23 0.18 10.74
CA ASP A 155 -39.39 1.05 10.85
C ASP A 155 -40.66 0.26 11.15
N LEU A 156 -40.72 -0.99 10.70
CA LEU A 156 -41.92 -1.80 10.91
C LEU A 156 -42.20 -2.07 12.38
N LYS A 157 -41.22 -1.82 13.26
CA LYS A 157 -41.41 -2.04 14.69
C LYS A 157 -42.22 -0.94 15.34
N GLU A 158 -42.57 0.12 14.62
CA GLU A 158 -43.22 1.28 15.21
C GLU A 158 -44.51 1.69 14.51
N GLY A 159 -44.76 1.23 13.29
CA GLY A 159 -46.00 1.57 12.64
C GLY A 159 -46.08 0.93 11.27
N ILE A 160 -47.23 1.14 10.62
CA ILE A 160 -47.47 0.68 9.26
C ILE A 160 -47.96 1.87 8.44
N CYS A 161 -48.07 1.65 7.14
CA CYS A 161 -48.41 2.70 6.19
C CYS A 161 -49.60 2.22 5.36
N LEU A 162 -50.80 2.67 5.73
CA LEU A 162 -52.02 2.13 5.11
C LEU A 162 -52.04 2.38 3.61
N SER A 163 -51.62 3.56 3.17
CA SER A 163 -51.69 3.88 1.75
C SER A 163 -50.87 2.88 0.93
N ALA A 164 -49.68 2.55 1.40
CA ALA A 164 -48.83 1.56 0.75
C ALA A 164 -48.02 0.83 1.81
N LEU A 165 -48.26 -0.48 1.95
CA LEU A 165 -47.65 -1.25 3.02
C LEU A 165 -46.15 -1.48 2.84
N TRP A 166 -45.59 -1.16 1.66
CA TRP A 166 -44.20 -1.42 1.37
C TRP A 166 -43.33 -0.16 1.35
N TYR A 167 -43.82 0.93 1.94
CA TYR A 167 -43.01 2.11 2.20
C TYR A 167 -42.67 2.17 3.68
N ASN A 168 -41.47 2.68 3.99
CA ASN A 168 -41.03 2.76 5.39
C ASN A 168 -41.48 4.07 6.01
N HIS A 169 -41.02 4.35 7.24
CA HIS A 169 -41.49 5.52 7.97
C HIS A 169 -41.15 6.81 7.25
N GLU A 170 -39.87 6.99 6.91
CA GLU A 170 -39.44 8.23 6.26
C GLU A 170 -40.12 8.41 4.91
N GLN A 171 -40.22 7.34 4.13
CA GLN A 171 -40.81 7.45 2.80
C GLN A 171 -42.29 7.81 2.86
N CYS A 172 -43.03 7.23 3.80
CA CYS A 172 -44.44 7.59 3.93
C CYS A 172 -44.62 8.99 4.47
N CYS A 173 -43.83 9.39 5.47
CA CYS A 173 -43.95 10.73 6.02
C CYS A 173 -43.63 11.78 4.96
N TRP A 174 -42.62 11.50 4.13
CA TRP A 174 -42.23 12.43 3.08
C TRP A 174 -43.19 12.43 1.91
N GLY A 175 -43.99 11.37 1.74
CA GLY A 175 -44.90 11.27 0.62
C GLY A 175 -46.18 12.05 0.84
N SER A 176 -46.07 13.36 0.95
CA SER A 176 -47.24 14.22 1.14
C SER A 176 -46.87 15.68 0.92
N LYS A 186 -48.19 15.47 11.57
CA LYS A 186 -49.60 15.07 11.57
C LYS A 186 -49.96 14.41 10.24
N CYS A 187 -49.74 13.10 10.14
CA CYS A 187 -49.98 12.34 8.94
C CYS A 187 -51.01 11.24 9.20
N PRO A 188 -52.08 11.15 8.41
CA PRO A 188 -53.09 10.11 8.66
C PRO A 188 -52.80 8.80 7.94
N GLN A 189 -51.92 8.81 6.94
CA GLN A 189 -51.65 7.59 6.18
C GLN A 189 -50.76 6.63 6.97
N TRP A 190 -49.81 7.17 7.72
CA TRP A 190 -48.92 6.35 8.54
C TRP A 190 -49.51 6.22 9.94
N LYS A 191 -49.81 4.99 10.35
CA LYS A 191 -50.49 4.74 11.62
C LYS A 191 -49.65 3.82 12.48
N THR A 192 -49.45 4.20 13.73
CA THR A 192 -48.82 3.32 14.70
C THR A 192 -49.82 2.27 15.17
N TRP A 193 -49.29 1.22 15.80
CA TRP A 193 -50.13 0.08 16.17
C TRP A 193 -51.18 0.49 17.20
N ALA A 194 -50.82 1.38 18.12
CA ALA A 194 -51.77 1.79 19.15
C ALA A 194 -53.01 2.40 18.53
N GLU A 195 -52.84 3.24 17.49
CA GLU A 195 -53.98 3.82 16.81
C GLU A 195 -54.81 2.76 16.10
N LEU A 196 -54.18 1.67 15.67
CA LEU A 196 -54.91 0.62 14.97
C LEU A 196 -55.74 -0.23 15.92
N ILE A 197 -55.21 -0.52 17.11
CA ILE A 197 -55.87 -1.48 17.99
C ILE A 197 -56.95 -0.81 18.84
N ILE A 198 -56.64 0.31 19.50
CA ILE A 198 -57.58 0.94 20.41
C ILE A 198 -58.39 1.99 19.67
N GLY A 199 -57.83 2.54 18.60
CA GLY A 199 -58.47 3.62 17.87
C GLY A 199 -58.24 4.98 18.46
N GLN A 200 -57.45 5.09 19.53
CA GLN A 200 -57.10 6.38 20.12
C GLN A 200 -55.59 6.56 20.02
N ALA A 201 -55.18 7.77 19.64
CA ALA A 201 -53.78 8.07 19.39
C ALA A 201 -53.03 8.59 20.60
N GLU A 202 -53.72 8.87 21.71
CA GLU A 202 -53.08 9.39 22.91
C GLU A 202 -53.70 8.75 24.14
N GLY A 203 -52.96 8.82 25.24
CA GLY A 203 -53.41 8.26 26.50
C GLY A 203 -52.47 7.18 27.00
N PRO A 204 -52.64 6.77 28.26
CA PRO A 204 -51.79 5.68 28.77
C PRO A 204 -51.91 4.41 27.97
N GLY A 205 -53.11 4.10 27.49
CA GLY A 205 -53.32 2.86 26.76
C GLY A 205 -52.53 2.83 25.46
N SER A 206 -52.50 3.95 24.74
CA SER A 206 -51.77 3.99 23.47
C SER A 206 -50.27 3.76 23.70
N TYR A 207 -49.70 4.42 24.70
CA TYR A 207 -48.29 4.23 25.00
C TYR A 207 -48.01 2.79 25.43
N ILE A 208 -48.89 2.23 26.26
CA ILE A 208 -48.73 0.85 26.70
C ILE A 208 -48.71 -0.09 25.50
N MET A 209 -49.69 0.07 24.60
CA MET A 209 -49.79 -0.83 23.46
C MET A 209 -48.60 -0.67 22.53
N ASN A 210 -48.15 0.56 22.29
CA ASN A 210 -47.01 0.76 21.41
C ASN A 210 -45.75 0.16 22.02
N TYR A 211 -45.56 0.34 23.32
CA TYR A 211 -44.43 -0.25 24.03
C TYR A 211 -44.44 -1.77 23.88
N ILE A 212 -45.58 -2.39 24.17
CA ILE A 212 -45.70 -3.84 24.07
C ILE A 212 -45.42 -4.30 22.64
N MET A 213 -45.92 -3.58 21.64
CA MET A 213 -45.82 -4.07 20.26
C MET A 213 -44.41 -3.87 19.72
N TYR A 214 -43.74 -2.80 20.14
CA TYR A 214 -42.32 -2.65 19.84
C TYR A 214 -41.54 -3.81 20.42
N ILE A 215 -41.83 -4.17 21.68
CA ILE A 215 -41.16 -5.33 22.28
C ILE A 215 -41.48 -6.59 21.47
N PHE A 216 -42.71 -6.70 20.98
CA PHE A 216 -43.12 -7.89 20.23
C PHE A 216 -42.32 -8.03 18.94
N TRP A 217 -42.26 -6.97 18.14
CA TRP A 217 -41.46 -7.05 16.91
C TRP A 217 -39.98 -7.24 17.19
N ALA A 218 -39.43 -6.59 18.22
CA ALA A 218 -38.04 -6.83 18.54
C ALA A 218 -37.80 -8.31 18.83
N LEU A 219 -38.64 -8.90 19.68
CA LEU A 219 -38.52 -10.31 20.00
C LEU A 219 -38.69 -11.18 18.77
N SER A 220 -39.66 -10.87 17.92
CA SER A 220 -39.94 -11.70 16.75
C SER A 220 -38.78 -11.68 15.77
N PHE A 221 -38.23 -10.49 15.49
CA PHE A 221 -37.11 -10.40 14.58
C PHE A 221 -35.89 -11.12 15.15
N ALA A 222 -35.61 -10.90 16.44
CA ALA A 222 -34.47 -11.58 17.04
C ALA A 222 -34.66 -13.11 16.98
N PHE A 223 -35.85 -13.58 17.32
CA PHE A 223 -36.13 -15.02 17.26
C PHE A 223 -35.91 -15.55 15.85
N LEU A 224 -36.51 -14.90 14.85
CA LEU A 224 -36.43 -15.43 13.50
C LEU A 224 -34.98 -15.45 13.02
N ALA A 225 -34.24 -14.37 13.29
CA ALA A 225 -32.84 -14.32 12.85
C ALA A 225 -32.01 -15.41 13.53
N VAL A 226 -32.12 -15.52 14.85
CA VAL A 226 -31.27 -16.47 15.57
C VAL A 226 -31.63 -17.90 15.17
N SER A 227 -32.92 -18.20 15.07
CA SER A 227 -33.33 -19.55 14.71
C SER A 227 -32.90 -19.90 13.29
N LEU A 228 -33.02 -18.93 12.37
CA LEU A 228 -32.63 -19.19 11.00
C LEU A 228 -31.11 -19.42 10.90
N VAL A 229 -30.33 -18.66 11.67
CA VAL A 229 -28.89 -18.88 11.71
C VAL A 229 -28.58 -20.27 12.25
N LYS A 230 -29.20 -20.60 13.40
CA LYS A 230 -28.91 -21.88 14.05
C LYS A 230 -29.28 -23.05 13.16
N VAL A 231 -30.36 -22.92 12.40
CA VAL A 231 -30.88 -24.06 11.65
C VAL A 231 -30.19 -24.19 10.30
N PHE A 232 -30.14 -23.10 9.53
CA PHE A 232 -29.80 -23.20 8.12
C PHE A 232 -28.34 -22.90 7.82
N ALA A 233 -27.68 -22.08 8.63
CA ALA A 233 -26.28 -21.75 8.41
C ALA A 233 -25.66 -21.23 9.70
N PRO A 234 -25.18 -22.13 10.57
CA PRO A 234 -24.64 -21.67 11.86
C PRO A 234 -23.42 -20.77 11.74
N TYR A 235 -22.91 -20.52 10.53
CA TYR A 235 -21.69 -19.74 10.37
C TYR A 235 -21.96 -18.25 10.26
N ALA A 236 -23.23 -17.84 10.09
CA ALA A 236 -23.55 -16.44 9.87
C ALA A 236 -23.42 -15.59 11.13
N CYS A 237 -23.32 -16.20 12.30
CA CYS A 237 -23.27 -15.44 13.54
C CYS A 237 -22.01 -14.61 13.63
N GLY A 238 -22.12 -13.47 14.31
CA GLY A 238 -20.98 -12.60 14.55
C GLY A 238 -20.63 -11.77 13.34
N SER A 239 -19.73 -10.80 13.56
CA SER A 239 -19.28 -9.96 12.46
C SER A 239 -18.55 -10.78 11.41
N GLY A 240 -17.77 -11.76 11.83
CA GLY A 240 -17.07 -12.62 10.91
C GLY A 240 -15.74 -12.10 10.42
N ILE A 241 -15.28 -10.97 10.95
CA ILE A 241 -13.97 -10.42 10.58
C ILE A 241 -12.89 -11.24 11.29
N PRO A 242 -13.05 -11.62 12.56
CA PRO A 242 -12.03 -12.47 13.19
C PRO A 242 -11.79 -13.76 12.43
N GLU A 243 -12.79 -14.28 11.72
CA GLU A 243 -12.62 -15.49 10.93
C GLU A 243 -12.12 -15.20 9.53
N ILE A 244 -12.53 -14.08 8.92
CA ILE A 244 -12.01 -13.74 7.60
C ILE A 244 -10.52 -13.43 7.66
N LYS A 245 -10.07 -12.89 8.76
CA LYS A 245 -8.68 -12.55 8.91
C LYS A 245 -7.88 -13.80 8.98
N THR A 246 -8.39 -14.82 9.67
CA THR A 246 -7.71 -16.11 9.77
C THR A 246 -7.77 -16.86 8.44
N ILE A 247 -8.88 -16.75 7.72
CA ILE A 247 -9.01 -17.41 6.43
C ILE A 247 -8.02 -16.83 5.43
N LEU A 248 -7.85 -15.50 5.43
CA LEU A 248 -6.86 -14.89 4.56
C LEU A 248 -5.44 -15.15 5.03
N SER A 249 -5.24 -15.44 6.31
CA SER A 249 -3.96 -15.89 6.82
C SER A 249 -3.64 -17.31 6.36
N GLY A 250 -4.59 -18.00 5.75
CA GLY A 250 -4.39 -19.34 5.23
C GLY A 250 -5.30 -20.39 5.81
N PHE A 251 -5.98 -20.11 6.91
CA PHE A 251 -6.88 -21.08 7.51
C PHE A 251 -7.97 -21.49 6.51
N ILE A 252 -8.65 -22.59 6.82
CA ILE A 252 -9.69 -23.13 5.97
C ILE A 252 -10.92 -23.41 6.83
N ILE A 253 -12.05 -22.85 6.42
CA ILE A 253 -13.36 -23.16 6.99
C ILE A 253 -14.27 -23.39 5.80
N ARG A 254 -14.81 -24.62 5.69
CA ARG A 254 -15.38 -25.05 4.41
C ARG A 254 -16.55 -24.17 3.98
N GLY A 255 -17.62 -24.17 4.76
CA GLY A 255 -18.83 -23.47 4.38
C GLY A 255 -18.89 -22.01 4.79
N TYR A 256 -17.82 -21.48 5.39
CA TYR A 256 -17.85 -20.10 5.86
C TYR A 256 -18.17 -19.13 4.74
N LEU A 257 -17.75 -19.44 3.52
CA LEU A 257 -17.95 -18.56 2.37
C LEU A 257 -18.72 -19.30 1.27
N GLY A 258 -19.68 -20.12 1.67
CA GLY A 258 -20.52 -20.84 0.73
C GLY A 258 -21.69 -19.99 0.28
N LYS A 259 -22.72 -20.66 -0.23
CA LYS A 259 -23.94 -20.00 -0.68
C LYS A 259 -25.04 -20.01 0.37
N TRP A 260 -25.15 -21.07 1.18
CA TRP A 260 -26.11 -21.04 2.27
C TRP A 260 -25.68 -20.06 3.36
N THR A 261 -24.38 -20.01 3.66
CA THR A 261 -23.91 -19.04 4.63
C THR A 261 -24.18 -17.62 4.15
N LEU A 262 -23.98 -17.36 2.86
CA LEU A 262 -24.24 -16.02 2.33
C LEU A 262 -25.71 -15.66 2.41
N MET A 263 -26.59 -16.55 1.94
CA MET A 263 -28.02 -16.28 1.96
C MET A 263 -28.50 -16.04 3.38
N ILE A 264 -28.14 -16.93 4.29
CA ILE A 264 -28.62 -16.81 5.67
C ILE A 264 -28.00 -15.59 6.33
N LYS A 265 -26.73 -15.29 6.02
CA LYS A 265 -26.11 -14.10 6.58
C LYS A 265 -26.86 -12.86 6.14
N THR A 266 -27.21 -12.77 4.85
CA THR A 266 -27.95 -11.61 4.37
C THR A 266 -29.28 -11.47 5.10
N ILE A 267 -30.09 -12.54 5.07
CA ILE A 267 -31.44 -12.44 5.62
C ILE A 267 -31.38 -12.18 7.13
N THR A 268 -30.53 -12.93 7.83
CA THR A 268 -30.47 -12.83 9.28
C THR A 268 -29.79 -11.54 9.72
N LEU A 269 -28.90 -10.98 8.90
CA LEU A 269 -28.32 -9.69 9.21
C LEU A 269 -29.37 -8.60 9.10
N VAL A 270 -30.19 -8.65 8.06
CA VAL A 270 -31.33 -7.74 7.96
C VAL A 270 -32.21 -7.86 9.19
N LEU A 271 -32.57 -9.10 9.54
CA LEU A 271 -33.51 -9.32 10.64
C LEU A 271 -32.90 -8.90 11.97
N ALA A 272 -31.60 -9.13 12.16
CA ALA A 272 -30.95 -8.79 13.42
C ALA A 272 -30.83 -7.28 13.59
N VAL A 273 -30.44 -6.57 12.52
CA VAL A 273 -30.37 -5.12 12.60
C VAL A 273 -31.75 -4.55 12.85
N ALA A 274 -32.78 -5.13 12.22
CA ALA A 274 -34.14 -4.70 12.49
C ALA A 274 -34.57 -5.00 13.92
N SER A 275 -34.07 -6.09 14.50
CA SER A 275 -34.56 -6.53 15.82
C SER A 275 -34.35 -5.45 16.87
N GLY A 276 -33.31 -4.64 16.71
CA GLY A 276 -33.04 -3.57 17.66
C GLY A 276 -31.90 -3.90 18.60
N LEU A 277 -31.23 -5.03 18.36
CA LEU A 277 -30.08 -5.40 19.17
C LEU A 277 -28.96 -4.38 19.00
N SER A 278 -28.17 -4.23 20.06
CA SER A 278 -27.03 -3.31 20.03
C SER A 278 -25.94 -3.95 19.18
N LEU A 279 -26.14 -3.93 17.87
CA LEU A 279 -25.20 -4.49 16.92
C LEU A 279 -25.28 -3.69 15.63
N GLY A 280 -24.46 -4.06 14.66
CA GLY A 280 -24.36 -3.30 13.43
C GLY A 280 -24.49 -4.14 12.18
N LYS A 281 -24.29 -3.50 11.02
CA LYS A 281 -24.39 -4.18 9.74
C LYS A 281 -23.26 -3.80 8.80
N GLU A 282 -22.24 -3.09 9.29
CA GLU A 282 -21.14 -2.64 8.45
C GLU A 282 -19.92 -3.55 8.54
N GLY A 283 -19.65 -4.12 9.71
CA GLY A 283 -18.62 -5.11 9.86
C GLY A 283 -18.97 -6.42 9.17
N PRO A 284 -20.21 -6.88 9.36
CA PRO A 284 -20.63 -8.13 8.71
C PRO A 284 -20.62 -8.07 7.19
N LEU A 285 -20.62 -6.89 6.58
CA LEU A 285 -20.57 -6.82 5.13
C LEU A 285 -19.23 -7.26 4.57
N VAL A 286 -18.18 -7.25 5.38
CA VAL A 286 -16.92 -7.85 4.95
C VAL A 286 -17.10 -9.34 4.72
N HIS A 287 -17.82 -10.01 5.63
CA HIS A 287 -18.10 -11.43 5.46
C HIS A 287 -18.95 -11.67 4.23
N VAL A 288 -19.93 -10.82 3.97
CA VAL A 288 -20.77 -10.98 2.79
C VAL A 288 -19.96 -10.79 1.52
N ALA A 289 -19.08 -9.79 1.49
CA ALA A 289 -18.25 -9.57 0.32
C ALA A 289 -17.31 -10.73 0.08
N CYS A 290 -16.74 -11.29 1.16
CA CYS A 290 -15.86 -12.44 1.00
C CYS A 290 -16.64 -13.68 0.55
N CYS A 291 -17.89 -13.82 1.03
CA CYS A 291 -18.75 -14.90 0.54
C CYS A 291 -18.97 -14.76 -0.96
N CYS A 292 -19.23 -13.54 -1.41
CA CYS A 292 -19.42 -13.30 -2.84
C CYS A 292 -18.16 -13.63 -3.61
N GLY A 293 -17.00 -13.22 -3.08
CA GLY A 293 -15.75 -13.53 -3.75
C GLY A 293 -15.51 -15.03 -3.86
N ASN A 294 -15.76 -15.76 -2.78
CA ASN A 294 -15.60 -17.21 -2.81
C ASN A 294 -16.55 -17.86 -3.81
N ILE A 295 -17.81 -17.41 -3.84
CA ILE A 295 -18.77 -17.99 -4.76
C ILE A 295 -18.36 -17.70 -6.20
N PHE A 296 -17.92 -16.48 -6.48
CA PHE A 296 -17.58 -16.10 -7.84
C PHE A 296 -16.25 -16.69 -8.29
N SER A 297 -15.38 -17.06 -7.35
CA SER A 297 -14.15 -17.75 -7.72
C SER A 297 -14.43 -19.08 -8.38
N TYR A 298 -15.44 -19.80 -7.90
CA TYR A 298 -15.73 -21.14 -8.40
C TYR A 298 -16.14 -21.13 -9.86
N LEU A 299 -16.50 -19.98 -10.43
CA LEU A 299 -16.82 -19.91 -11.84
C LEU A 299 -15.58 -20.03 -12.73
N PHE A 300 -14.39 -19.93 -12.16
CA PHE A 300 -13.13 -20.04 -12.90
C PHE A 300 -12.31 -21.18 -12.33
N PRO A 301 -11.92 -22.18 -13.13
CA PRO A 301 -11.05 -23.24 -12.60
C PRO A 301 -9.72 -22.72 -12.09
N LYS A 302 -9.26 -21.58 -12.58
CA LYS A 302 -7.99 -21.02 -12.13
C LYS A 302 -8.02 -20.72 -10.63
N TYR A 303 -9.19 -20.38 -10.08
CA TYR A 303 -9.31 -20.03 -8.68
C TYR A 303 -9.99 -21.10 -7.84
N SER A 304 -10.81 -21.96 -8.44
CA SER A 304 -11.48 -23.01 -7.67
C SER A 304 -10.48 -24.02 -7.12
N THR A 305 -9.60 -24.54 -7.97
CA THR A 305 -8.64 -25.54 -7.52
C THR A 305 -7.57 -24.93 -6.62
N ASN A 306 -6.99 -23.80 -7.04
CA ASN A 306 -5.98 -23.14 -6.23
C ASN A 306 -6.63 -22.41 -5.06
N GLU A 307 -5.87 -22.27 -3.97
CA GLU A 307 -6.37 -21.66 -2.75
C GLU A 307 -5.72 -20.32 -2.45
N ALA A 308 -4.40 -20.18 -2.69
CA ALA A 308 -3.75 -18.89 -2.47
C ALA A 308 -4.33 -17.83 -3.38
N LYS A 309 -4.62 -18.18 -4.63
CA LYS A 309 -5.33 -17.27 -5.52
C LYS A 309 -6.69 -16.92 -4.92
N LYS A 310 -7.33 -17.90 -4.28
CA LYS A 310 -8.59 -17.63 -3.59
C LYS A 310 -8.38 -16.65 -2.45
N ARG A 311 -7.29 -16.77 -1.72
CA ARG A 311 -7.02 -15.80 -0.66
C ARG A 311 -6.79 -14.41 -1.23
N GLU A 312 -6.16 -14.30 -2.40
CA GLU A 312 -6.00 -12.99 -3.03
C GLU A 312 -7.37 -12.40 -3.40
N VAL A 313 -8.23 -13.23 -4.00
CA VAL A 313 -9.56 -12.77 -4.38
C VAL A 313 -10.34 -12.34 -3.15
N LEU A 314 -10.26 -13.11 -2.07
CA LEU A 314 -10.96 -12.76 -0.84
C LEU A 314 -10.37 -11.53 -0.17
N SER A 315 -9.07 -11.31 -0.33
CA SER A 315 -8.47 -10.08 0.17
C SER A 315 -9.04 -8.87 -0.56
N ALA A 316 -9.19 -8.98 -1.89
CA ALA A 316 -9.86 -7.92 -2.63
C ALA A 316 -11.31 -7.78 -2.19
N ALA A 317 -11.98 -8.91 -1.93
CA ALA A 317 -13.37 -8.88 -1.52
C ALA A 317 -13.57 -8.20 -0.16
N SER A 318 -12.63 -8.38 0.76
CA SER A 318 -12.74 -7.72 2.05
C SER A 318 -12.62 -6.21 1.90
N ALA A 319 -11.72 -5.76 1.02
CA ALA A 319 -11.63 -4.34 0.72
C ALA A 319 -12.93 -3.84 0.13
N ALA A 320 -13.51 -4.59 -0.81
CA ALA A 320 -14.81 -4.20 -1.36
C ALA A 320 -15.87 -4.16 -0.28
N GLY A 321 -15.83 -5.11 0.66
CA GLY A 321 -16.84 -5.16 1.70
C GLY A 321 -16.78 -3.97 2.63
N VAL A 322 -15.57 -3.59 3.07
CA VAL A 322 -15.45 -2.41 3.92
C VAL A 322 -15.79 -1.16 3.14
N SER A 323 -15.42 -1.11 1.86
CA SER A 323 -15.79 0.02 1.02
C SER A 323 -17.29 0.21 1.00
N VAL A 324 -18.03 -0.85 0.68
CA VAL A 324 -19.48 -0.73 0.58
C VAL A 324 -20.09 -0.49 1.96
N ALA A 325 -19.47 -1.04 3.01
CA ALA A 325 -19.96 -0.81 4.36
C ALA A 325 -19.89 0.66 4.74
N PHE A 326 -18.76 1.31 4.44
CA PHE A 326 -18.56 2.70 4.80
C PHE A 326 -18.60 3.64 3.60
N GLY A 327 -18.76 3.12 2.38
CA GLY A 327 -18.69 3.96 1.21
C GLY A 327 -17.34 4.62 1.03
N ALA A 328 -16.26 3.97 1.47
CA ALA A 328 -14.91 4.54 1.45
C ALA A 328 -13.99 3.60 0.71
N PRO A 329 -13.86 3.75 -0.61
CA PRO A 329 -12.96 2.86 -1.36
C PRO A 329 -11.53 2.85 -0.85
N ILE A 330 -10.91 4.03 -0.73
CA ILE A 330 -9.53 4.08 -0.24
C ILE A 330 -9.46 3.58 1.19
N GLY A 331 -10.41 3.99 2.03
CA GLY A 331 -10.44 3.49 3.39
C GLY A 331 -10.64 1.98 3.44
N GLY A 332 -11.50 1.45 2.58
CA GLY A 332 -11.70 0.01 2.54
C GLY A 332 -10.44 -0.73 2.15
N VAL A 333 -9.71 -0.22 1.16
CA VAL A 333 -8.48 -0.88 0.73
C VAL A 333 -7.42 -0.81 1.82
N LEU A 334 -7.32 0.34 2.49
CA LEU A 334 -6.36 0.45 3.59
C LEU A 334 -6.73 -0.49 4.72
N PHE A 335 -8.02 -0.62 5.02
CA PHE A 335 -8.47 -1.58 6.02
C PHE A 335 -8.09 -3.00 5.63
N SER A 336 -8.31 -3.36 4.36
CA SER A 336 -7.95 -4.69 3.90
C SER A 336 -6.46 -4.94 4.07
N LEU A 337 -5.63 -4.01 3.61
CA LEU A 337 -4.18 -4.19 3.73
C LEU A 337 -3.75 -4.28 5.20
N GLU A 338 -4.38 -3.51 6.07
CA GLU A 338 -3.96 -3.41 7.47
C GLU A 338 -4.64 -4.47 8.33
N GLU A 339 -5.97 -4.46 8.38
CA GLU A 339 -6.68 -5.37 9.27
C GLU A 339 -6.93 -6.75 8.78
N VAL A 340 -7.35 -6.92 7.55
CA VAL A 340 -7.82 -8.22 7.08
C VAL A 340 -6.78 -8.91 6.21
N SER A 341 -6.40 -8.28 5.10
CA SER A 341 -5.47 -8.92 4.18
C SER A 341 -4.17 -9.27 4.89
N TYR A 342 -3.72 -10.51 4.70
CA TYR A 342 -2.50 -11.01 5.31
C TYR A 342 -1.36 -11.16 4.31
N TYR A 343 -1.64 -11.74 3.14
CA TYR A 343 -0.62 -11.92 2.11
C TYR A 343 -0.85 -10.93 0.98
N PHE A 344 0.22 -10.24 0.61
CA PHE A 344 0.15 -9.07 -0.28
C PHE A 344 1.21 -9.20 -1.35
N PRO A 345 0.88 -9.72 -2.54
CA PRO A 345 1.86 -9.76 -3.63
C PRO A 345 2.22 -8.39 -4.18
N LEU A 346 1.66 -7.31 -3.65
CA LEU A 346 1.89 -5.92 -4.05
C LEU A 346 1.35 -5.60 -5.43
N LYS A 347 0.67 -6.54 -6.09
CA LYS A 347 -0.02 -6.24 -7.35
C LYS A 347 -1.53 -6.20 -7.18
N THR A 348 -2.08 -7.00 -6.27
CA THR A 348 -3.52 -7.03 -6.05
C THR A 348 -4.05 -5.74 -5.44
N LEU A 349 -3.19 -4.85 -4.96
CA LEU A 349 -3.66 -3.57 -4.45
C LEU A 349 -4.52 -2.87 -5.49
N TRP A 350 -4.14 -2.97 -6.77
CA TRP A 350 -5.00 -2.46 -7.83
C TRP A 350 -6.31 -3.23 -7.87
N ARG A 351 -6.25 -4.55 -7.69
CA ARG A 351 -7.46 -5.35 -7.66
C ARG A 351 -8.34 -4.97 -6.48
N SER A 352 -7.74 -4.77 -5.31
CA SER A 352 -8.52 -4.36 -4.14
C SER A 352 -9.16 -2.99 -4.36
N PHE A 353 -8.41 -2.04 -4.90
CA PHE A 353 -8.96 -0.71 -5.15
C PHE A 353 -10.07 -0.76 -6.18
N PHE A 354 -9.90 -1.57 -7.24
CA PHE A 354 -10.95 -1.70 -8.24
C PHE A 354 -12.19 -2.34 -7.65
N ALA A 355 -12.02 -3.36 -6.81
CA ALA A 355 -13.17 -3.99 -6.16
C ALA A 355 -13.91 -2.99 -5.30
N ALA A 356 -13.16 -2.20 -4.52
CA ALA A 356 -13.79 -1.20 -3.66
C ALA A 356 -14.52 -0.16 -4.48
N LEU A 357 -13.90 0.32 -5.56
CA LEU A 357 -14.54 1.32 -6.41
C LEU A 357 -15.81 0.77 -7.03
N VAL A 358 -15.77 -0.46 -7.53
CA VAL A 358 -16.96 -1.05 -8.15
C VAL A 358 -18.06 -1.24 -7.13
N ALA A 359 -17.72 -1.71 -5.93
CA ALA A 359 -18.73 -1.89 -4.89
C ALA A 359 -19.37 -0.56 -4.53
N ALA A 360 -18.56 0.49 -4.36
CA ALA A 360 -19.11 1.80 -4.05
C ALA A 360 -19.98 2.32 -5.18
N PHE A 361 -19.55 2.12 -6.42
CA PHE A 361 -20.33 2.56 -7.57
C PHE A 361 -21.70 1.88 -7.60
N VAL A 362 -21.71 0.56 -7.40
CA VAL A 362 -22.97 -0.17 -7.46
C VAL A 362 -23.87 0.22 -6.29
N LEU A 363 -23.29 0.45 -5.12
CA LEU A 363 -24.08 0.87 -3.97
C LEU A 363 -24.70 2.24 -4.20
N ARG A 364 -23.92 3.17 -4.75
CA ARG A 364 -24.44 4.52 -4.98
C ARG A 364 -25.62 4.51 -5.93
N SER A 365 -25.58 3.65 -6.95
CA SER A 365 -26.69 3.53 -7.88
C SER A 365 -27.96 2.99 -7.23
N ILE A 366 -27.87 2.44 -6.03
CA ILE A 366 -29.05 1.94 -5.32
C ILE A 366 -29.64 3.13 -4.57
N ASN A 367 -30.46 3.90 -5.30
CA ASN A 367 -31.15 5.05 -4.73
C ASN A 367 -32.45 5.27 -5.49
N PRO A 368 -33.38 4.32 -5.42
CA PRO A 368 -34.63 4.47 -6.17
C PRO A 368 -35.43 5.70 -5.80
N PHE A 369 -35.39 6.10 -4.53
CA PHE A 369 -36.24 7.18 -4.02
C PHE A 369 -35.48 8.49 -3.84
N GLY A 370 -34.29 8.61 -4.42
CA GLY A 370 -33.55 9.86 -4.39
C GLY A 370 -33.06 10.29 -3.02
N ASN A 371 -32.54 9.36 -2.23
CA ASN A 371 -31.92 9.72 -0.96
C ASN A 371 -30.68 10.57 -1.21
N SER A 372 -30.47 11.55 -0.34
CA SER A 372 -29.36 12.48 -0.47
C SER A 372 -28.12 12.07 0.33
N ARG A 373 -28.17 10.93 1.01
CA ARG A 373 -27.07 10.46 1.84
C ARG A 373 -26.34 9.30 1.18
N LEU A 374 -25.01 9.38 1.16
CA LEU A 374 -24.21 8.25 0.69
C LEU A 374 -24.40 7.03 1.57
N VAL A 375 -24.49 7.22 2.88
CA VAL A 375 -24.78 6.16 3.83
C VAL A 375 -25.82 6.67 4.83
N LEU A 376 -26.50 5.74 5.49
CA LEU A 376 -27.55 6.11 6.44
C LEU A 376 -27.02 6.90 7.62
N PHE A 377 -25.70 6.90 7.85
CA PHE A 377 -25.09 7.68 8.92
C PHE A 377 -24.09 8.65 8.31
N TYR A 378 -24.50 9.33 7.23
CA TYR A 378 -23.66 10.26 6.51
C TYR A 378 -23.93 11.69 6.97
N VAL A 379 -22.85 12.44 7.20
CA VAL A 379 -22.95 13.85 7.54
C VAL A 379 -21.65 14.52 7.09
N GLU A 380 -21.76 15.81 6.75
CA GLU A 380 -20.62 16.61 6.32
C GLU A 380 -20.51 17.85 7.18
N TYR A 381 -19.31 18.41 7.25
CA TYR A 381 -19.02 19.53 8.14
C TYR A 381 -18.33 20.65 7.37
N HIS A 382 -18.76 21.88 7.61
CA HIS A 382 -18.14 23.06 7.03
C HIS A 382 -18.00 24.15 8.10
N THR A 383 -17.57 23.76 9.29
CA THR A 383 -17.43 24.65 10.43
C THR A 383 -16.00 24.56 10.94
N PRO A 384 -15.52 25.59 11.65
CA PRO A 384 -14.12 25.60 12.08
C PRO A 384 -13.87 24.83 13.37
N TRP A 385 -12.60 24.60 13.67
CA TRP A 385 -12.18 24.05 14.96
C TRP A 385 -10.97 24.83 15.43
N TYR A 386 -10.88 25.01 16.74
CA TYR A 386 -9.85 25.83 17.34
C TYR A 386 -8.84 24.95 18.06
N LEU A 387 -7.68 25.53 18.37
CA LEU A 387 -6.63 24.77 19.02
C LEU A 387 -7.03 24.31 20.41
N PHE A 388 -7.76 25.14 21.16
CA PHE A 388 -8.18 24.73 22.50
C PHE A 388 -9.15 23.57 22.47
N GLU A 389 -9.79 23.30 21.34
CA GLU A 389 -10.63 22.12 21.19
C GLU A 389 -9.82 20.85 20.98
N LEU A 390 -8.48 20.93 20.96
CA LEU A 390 -7.67 19.72 20.95
C LEU A 390 -7.45 19.16 22.35
N PHE A 391 -7.75 19.93 23.39
CA PHE A 391 -7.64 19.41 24.76
C PHE A 391 -8.67 18.32 24.97
N PRO A 392 -9.95 18.55 24.64
CA PRO A 392 -10.95 17.50 24.83
C PRO A 392 -11.04 16.52 23.68
N PHE A 393 -10.63 16.91 22.47
CA PHE A 393 -10.49 15.92 21.41
C PHE A 393 -9.48 14.85 21.80
N ILE A 394 -8.42 15.25 22.52
CA ILE A 394 -7.54 14.26 23.14
C ILE A 394 -8.28 13.51 24.24
N LEU A 395 -9.08 14.22 25.04
CA LEU A 395 -9.81 13.59 26.13
C LEU A 395 -10.73 12.49 25.60
N LEU A 396 -11.47 12.79 24.53
CA LEU A 396 -12.29 11.75 23.92
C LEU A 396 -11.44 10.56 23.52
N GLY A 397 -10.26 10.81 22.95
CA GLY A 397 -9.36 9.72 22.65
C GLY A 397 -9.08 8.89 23.89
N VAL A 398 -8.80 9.56 25.01
CA VAL A 398 -8.60 8.84 26.26
C VAL A 398 -9.83 7.96 26.55
N PHE A 399 -11.03 8.54 26.43
CA PHE A 399 -12.24 7.74 26.56
C PHE A 399 -12.20 6.58 25.58
N GLY A 400 -11.97 6.88 24.29
CA GLY A 400 -11.91 5.82 23.30
C GLY A 400 -10.90 4.76 23.63
N GLY A 401 -9.86 5.12 24.39
CA GLY A 401 -8.88 4.12 24.80
C GLY A 401 -9.32 3.30 25.98
N LEU A 402 -9.99 3.91 26.94
CA LEU A 402 -10.46 3.14 28.09
C LEU A 402 -11.62 2.23 27.72
N TRP A 403 -12.68 2.81 27.13
CA TRP A 403 -13.82 1.98 26.75
C TRP A 403 -13.38 0.81 25.88
N GLY A 404 -12.63 1.10 24.83
CA GLY A 404 -12.04 0.04 24.03
C GLY A 404 -11.41 -1.01 24.92
N ALA A 405 -10.44 -0.59 25.73
CA ALA A 405 -9.78 -1.53 26.63
C ALA A 405 -10.79 -2.19 27.54
N PHE A 406 -11.77 -1.43 28.04
CA PHE A 406 -12.85 -2.02 28.81
C PHE A 406 -13.59 -3.07 28.00
N PHE A 407 -14.02 -2.72 26.78
CA PHE A 407 -14.86 -3.63 26.01
C PHE A 407 -14.16 -4.97 25.81
N ILE A 408 -12.94 -4.95 25.29
CA ILE A 408 -12.21 -6.18 25.05
C ILE A 408 -12.08 -6.97 26.35
N ARG A 409 -11.90 -6.27 27.46
CA ARG A 409 -11.87 -6.95 28.75
C ARG A 409 -13.23 -7.55 29.09
N ALA A 410 -14.29 -6.74 28.97
CA ALA A 410 -15.61 -7.18 29.44
C ALA A 410 -16.26 -8.14 28.44
N ASN A 411 -16.15 -7.86 27.14
CA ASN A 411 -16.78 -8.73 26.16
C ASN A 411 -16.12 -10.11 26.14
N ILE A 412 -14.80 -10.14 26.03
CA ILE A 412 -14.10 -11.42 25.99
C ILE A 412 -14.46 -12.26 27.21
N ALA A 413 -14.36 -11.66 28.40
CA ALA A 413 -14.77 -12.37 29.61
C ALA A 413 -16.16 -12.93 29.45
N TRP A 414 -17.12 -12.10 29.03
CA TRP A 414 -18.48 -12.60 28.83
C TRP A 414 -18.49 -13.73 27.81
N CYS A 415 -17.78 -13.55 26.69
CA CYS A 415 -17.73 -14.62 25.71
C CYS A 415 -17.13 -15.87 26.33
N ARG A 416 -16.13 -15.71 27.19
CA ARG A 416 -15.60 -16.86 27.92
C ARG A 416 -16.73 -17.56 28.68
N ARG A 417 -17.51 -16.80 29.45
CA ARG A 417 -18.60 -17.40 30.19
C ARG A 417 -19.66 -17.96 29.25
N ARG A 418 -19.71 -17.44 28.02
CA ARG A 418 -20.67 -17.96 27.06
C ARG A 418 -20.29 -19.36 26.58
N LYS A 419 -19.07 -19.81 26.89
CA LYS A 419 -18.63 -21.14 26.52
C LYS A 419 -18.41 -22.06 27.73
N SER A 420 -18.10 -21.50 28.90
CA SER A 420 -17.85 -22.28 30.10
C SER A 420 -19.05 -22.24 31.04
N THR A 421 -20.25 -22.23 30.48
CA THR A 421 -21.48 -22.23 31.27
C THR A 421 -22.59 -22.78 30.39
N LYS A 422 -23.71 -23.14 31.02
CA LYS A 422 -24.84 -23.67 30.27
C LYS A 422 -25.47 -22.62 29.36
N PHE A 423 -25.10 -21.35 29.53
CA PHE A 423 -25.62 -20.30 28.66
C PHE A 423 -25.35 -20.61 27.20
N GLY A 424 -24.27 -21.33 26.92
CA GLY A 424 -23.92 -21.68 25.56
C GLY A 424 -24.80 -22.78 24.97
N LYS A 425 -25.46 -23.57 25.80
CA LYS A 425 -26.35 -24.62 25.33
C LYS A 425 -27.69 -24.08 24.87
N TYR A 426 -28.00 -22.81 25.16
CA TYR A 426 -29.29 -22.21 24.84
C TYR A 426 -29.03 -20.90 24.10
N PRO A 427 -28.58 -20.98 22.84
CA PRO A 427 -28.30 -19.73 22.11
C PRO A 427 -29.55 -19.00 21.68
N VAL A 428 -30.59 -19.72 21.28
CA VAL A 428 -31.83 -19.06 20.88
C VAL A 428 -32.45 -18.35 22.08
N LEU A 429 -32.45 -19.01 23.25
CA LEU A 429 -32.93 -18.35 24.45
C LEU A 429 -32.05 -17.17 24.82
N GLU A 430 -30.74 -17.30 24.60
CA GLU A 430 -29.83 -16.18 24.86
C GLU A 430 -30.23 -14.97 24.03
N VAL A 431 -30.44 -15.17 22.73
CA VAL A 431 -30.80 -14.05 21.86
C VAL A 431 -32.16 -13.50 22.22
N ILE A 432 -33.11 -14.38 22.56
CA ILE A 432 -34.44 -13.90 22.95
C ILE A 432 -34.35 -13.01 24.17
N ILE A 433 -33.64 -13.46 25.21
CA ILE A 433 -33.52 -12.67 26.43
C ILE A 433 -32.80 -11.36 26.17
N VAL A 434 -31.71 -11.41 25.41
CA VAL A 434 -30.94 -10.19 25.16
C VAL A 434 -31.77 -9.18 24.38
N ALA A 435 -32.45 -9.64 23.33
CA ALA A 435 -33.28 -8.74 22.53
C ALA A 435 -34.44 -8.19 23.35
N ALA A 436 -35.05 -9.02 24.19
CA ALA A 436 -36.14 -8.53 25.03
C ALA A 436 -35.66 -7.47 25.99
N ILE A 437 -34.52 -7.71 26.65
CA ILE A 437 -33.99 -6.72 27.58
C ILE A 437 -33.66 -5.43 26.85
N THR A 438 -33.03 -5.54 25.68
CA THR A 438 -32.70 -4.34 24.91
C THR A 438 -33.95 -3.56 24.55
N ALA A 439 -34.99 -4.26 24.07
CA ALA A 439 -36.21 -3.56 23.67
C ALA A 439 -36.92 -2.92 24.86
N VAL A 440 -36.93 -3.59 26.01
CA VAL A 440 -37.61 -3.05 27.17
C VAL A 440 -36.88 -1.83 27.71
N ILE A 441 -35.55 -1.86 27.69
CA ILE A 441 -34.76 -0.75 28.23
C ILE A 441 -34.32 0.25 27.17
N ALA A 442 -34.61 0.01 25.89
CA ALA A 442 -34.27 0.93 24.82
C ALA A 442 -35.45 1.74 24.32
N PHE A 443 -36.67 1.40 24.72
CA PHE A 443 -37.85 2.14 24.29
C PHE A 443 -38.03 3.43 25.09
N PRO A 444 -37.96 3.38 26.42
CA PRO A 444 -38.23 4.60 27.20
C PRO A 444 -37.34 5.77 26.81
N ASN A 445 -36.06 5.54 26.51
CA ASN A 445 -35.16 6.61 26.14
C ASN A 445 -35.23 6.83 24.64
N PRO A 446 -35.62 8.01 24.16
CA PRO A 446 -35.77 8.18 22.70
C PRO A 446 -34.47 8.04 21.94
N TYR A 447 -33.33 8.20 22.59
CA TYR A 447 -32.05 8.09 21.88
C TYR A 447 -31.70 6.64 21.59
N THR A 448 -31.98 5.73 22.53
CA THR A 448 -31.73 4.31 22.31
C THR A 448 -32.84 3.64 21.50
N ARG A 449 -34.06 4.17 21.52
CA ARG A 449 -35.13 3.65 20.68
C ARG A 449 -34.86 3.82 19.20
N LEU A 450 -34.06 4.82 18.82
CA LEU A 450 -33.77 5.05 17.41
C LEU A 450 -32.74 4.05 16.91
N ASN A 451 -32.84 3.74 15.61
CA ASN A 451 -31.88 2.85 15.00
C ASN A 451 -30.47 3.41 15.19
N THR A 452 -29.53 2.53 15.54
CA THR A 452 -28.19 3.00 15.89
C THR A 452 -27.57 3.82 14.76
N SER A 453 -27.86 3.48 13.50
CA SER A 453 -27.39 4.30 12.40
C SER A 453 -28.06 5.67 12.41
N GLU A 454 -29.37 5.70 12.67
CA GLU A 454 -30.05 6.99 12.82
C GLU A 454 -29.53 7.76 14.02
N LEU A 455 -29.21 7.05 15.12
CA LEU A 455 -28.63 7.75 16.27
C LEU A 455 -27.29 8.36 15.90
N ILE A 456 -26.46 7.63 15.15
CA ILE A 456 -25.17 8.18 14.74
C ILE A 456 -25.38 9.37 13.81
N LYS A 457 -26.41 9.31 12.97
CA LYS A 457 -26.68 10.42 12.06
C LYS A 457 -27.10 11.68 12.81
N GLU A 458 -28.03 11.56 13.76
CA GLU A 458 -28.40 12.71 14.58
C GLU A 458 -27.28 13.16 15.50
N LEU A 459 -26.33 12.28 15.83
CA LEU A 459 -25.19 12.71 16.64
C LEU A 459 -24.14 13.45 15.83
N PHE A 460 -24.13 13.26 14.51
CA PHE A 460 -23.22 13.99 13.65
C PHE A 460 -23.81 15.30 13.13
N THR A 461 -25.10 15.55 13.35
CA THR A 461 -25.78 16.71 12.79
C THR A 461 -25.85 17.81 13.85
N ASP A 462 -25.41 19.02 13.48
CA ASP A 462 -25.48 20.15 14.38
C ASP A 462 -26.89 20.70 14.45
N CYS A 463 -27.17 21.42 15.55
CA CYS A 463 -28.50 21.95 15.80
C CYS A 463 -28.84 23.07 14.80
N GLY A 464 -29.80 22.81 13.92
CA GLY A 464 -30.24 23.81 12.97
C GLY A 464 -31.32 24.70 13.55
N PRO A 465 -31.60 25.81 12.88
CA PRO A 465 -32.65 26.73 13.39
C PRO A 465 -34.01 26.07 13.51
N LEU A 466 -34.36 25.16 12.60
CA LEU A 466 -35.67 24.54 12.60
C LEU A 466 -35.80 23.40 13.60
N GLU A 467 -34.71 22.93 14.17
CA GLU A 467 -34.75 21.80 15.09
C GLU A 467 -35.36 22.22 16.42
N SER A 468 -36.39 21.49 16.85
CA SER A 468 -37.00 21.72 18.16
C SER A 468 -36.99 20.46 19.02
N SER A 469 -36.16 19.47 18.69
CA SER A 469 -36.10 18.24 19.46
C SER A 469 -35.46 18.49 20.82
N SER A 470 -35.56 17.49 21.69
CA SER A 470 -34.93 17.59 23.01
C SER A 470 -33.42 17.71 22.91
N LEU A 471 -32.82 17.23 21.82
CA LEU A 471 -31.38 17.33 21.65
C LEU A 471 -30.92 18.76 21.43
N CYS A 472 -31.79 19.64 20.95
CA CYS A 472 -31.40 21.00 20.59
C CYS A 472 -32.44 22.00 21.09
N ASP A 473 -32.87 21.85 22.34
CA ASP A 473 -33.81 22.79 22.95
C ASP A 473 -33.03 23.97 23.52
N TYR A 474 -33.11 25.09 22.80
CA TYR A 474 -32.49 26.34 23.21
C TYR A 474 -33.54 27.45 23.24
N ARG A 475 -33.36 28.40 24.15
CA ARG A 475 -34.31 29.49 24.29
C ARG A 475 -34.48 30.23 22.96
N ILE A 487 -24.56 37.73 22.99
CA ILE A 487 -23.73 36.63 23.47
C ILE A 487 -23.42 35.69 22.31
N PRO A 488 -22.15 35.25 22.18
CA PRO A 488 -21.79 34.39 21.05
C PRO A 488 -22.61 33.11 20.99
N ASP A 489 -22.87 32.51 22.15
CA ASP A 489 -23.58 31.24 22.22
C ASP A 489 -25.08 31.50 22.32
N ARG A 490 -25.84 30.45 22.63
CA ARG A 490 -27.29 30.52 22.72
C ARG A 490 -27.76 30.12 24.11
N PRO A 491 -28.69 30.85 24.71
CA PRO A 491 -29.18 30.45 26.04
C PRO A 491 -29.91 29.13 25.99
N ALA A 492 -29.84 28.39 27.10
CA ALA A 492 -30.37 27.04 27.19
C ALA A 492 -31.37 26.95 28.34
N GLY A 493 -32.35 26.06 28.17
CA GLY A 493 -33.37 25.80 29.16
C GLY A 493 -33.23 24.43 29.79
N VAL A 494 -34.34 23.96 30.37
CA VAL A 494 -34.36 22.63 30.98
C VAL A 494 -34.14 21.56 29.93
N GLY A 495 -34.40 21.87 28.67
CA GLY A 495 -34.28 20.87 27.62
C GLY A 495 -32.87 20.32 27.49
N VAL A 496 -31.87 21.19 27.59
CA VAL A 496 -30.48 20.73 27.47
C VAL A 496 -30.07 19.90 28.67
N TYR A 497 -30.52 20.30 29.87
CA TYR A 497 -30.28 19.50 31.07
C TYR A 497 -30.84 18.10 30.88
N SER A 498 -32.09 17.99 30.44
CA SER A 498 -32.69 16.69 30.20
C SER A 498 -31.98 15.95 29.07
N ALA A 499 -31.49 16.66 28.06
CA ALA A 499 -30.80 16.01 26.95
C ALA A 499 -29.51 15.35 27.42
N ILE A 500 -28.74 16.04 28.25
CA ILE A 500 -27.54 15.43 28.82
C ILE A 500 -27.93 14.26 29.71
N TRP A 501 -28.97 14.44 30.53
CA TRP A 501 -29.46 13.34 31.35
C TRP A 501 -29.73 12.10 30.51
N GLN A 502 -30.42 12.27 29.38
CA GLN A 502 -30.81 11.13 28.56
C GLN A 502 -29.62 10.55 27.81
N LEU A 503 -28.72 11.40 27.32
CA LEU A 503 -27.56 10.90 26.60
C LEU A 503 -26.65 10.09 27.51
N CYS A 504 -26.55 10.48 28.78
CA CYS A 504 -25.74 9.69 29.72
C CYS A 504 -26.31 8.28 29.87
N LEU A 505 -27.63 8.17 30.03
CA LEU A 505 -28.24 6.84 30.14
C LEU A 505 -28.10 6.06 28.84
N ALA A 506 -28.21 6.74 27.70
CA ALA A 506 -28.00 6.06 26.42
C ALA A 506 -26.60 5.50 26.33
N LEU A 507 -25.60 6.29 26.72
CA LEU A 507 -24.22 5.82 26.67
C LEU A 507 -24.01 4.63 27.59
N ILE A 508 -24.50 4.73 28.83
CA ILE A 508 -24.34 3.62 29.76
C ILE A 508 -25.03 2.38 29.23
N PHE A 509 -26.26 2.53 28.73
CA PHE A 509 -27.01 1.41 28.20
C PHE A 509 -26.25 0.73 27.06
N LYS A 510 -25.72 1.51 26.13
CA LYS A 510 -25.07 0.91 24.97
C LYS A 510 -23.73 0.29 25.34
N ILE A 511 -22.97 0.95 26.22
CA ILE A 511 -21.72 0.35 26.68
C ILE A 511 -22.00 -1.00 27.33
N ILE A 512 -23.00 -1.06 28.20
CA ILE A 512 -23.28 -2.31 28.91
C ILE A 512 -23.82 -3.37 27.95
N MET A 513 -24.66 -2.97 27.00
CA MET A 513 -25.41 -3.95 26.22
C MET A 513 -24.65 -4.45 25.00
N THR A 514 -23.77 -3.64 24.41
CA THR A 514 -22.93 -4.17 23.34
C THR A 514 -22.00 -5.24 23.86
N VAL A 515 -21.61 -5.15 25.14
CA VAL A 515 -20.79 -6.18 25.75
C VAL A 515 -21.50 -7.53 25.71
N PHE A 516 -22.78 -7.55 26.07
CA PHE A 516 -23.55 -8.78 26.09
C PHE A 516 -24.11 -9.17 24.73
N THR A 517 -24.07 -8.26 23.75
CA THR A 517 -24.74 -8.47 22.48
C THR A 517 -23.79 -8.83 21.34
N PHE A 518 -22.48 -8.67 21.52
CA PHE A 518 -21.58 -8.85 20.39
C PHE A 518 -21.45 -10.33 20.01
N GLY A 519 -21.29 -11.21 20.98
CA GLY A 519 -21.01 -12.61 20.69
C GLY A 519 -22.21 -13.53 20.82
N ILE A 520 -23.37 -13.10 20.34
CA ILE A 520 -24.56 -13.93 20.32
C ILE A 520 -24.72 -14.52 18.92
N LYS A 521 -25.52 -15.59 18.83
CA LYS A 521 -25.58 -16.41 17.62
C LYS A 521 -26.46 -15.80 16.54
N VAL A 522 -26.11 -14.60 16.11
CA VAL A 522 -26.84 -13.89 15.06
C VAL A 522 -25.93 -12.83 14.48
N PRO A 523 -26.01 -12.58 13.16
CA PRO A 523 -25.04 -11.65 12.56
C PRO A 523 -25.02 -10.32 13.28
N SER A 524 -23.88 -10.03 13.91
CA SER A 524 -23.73 -8.84 14.72
C SER A 524 -22.41 -8.18 14.37
N GLY A 525 -22.46 -6.84 14.24
CA GLY A 525 -21.27 -6.08 13.95
C GLY A 525 -20.88 -5.24 15.15
N LEU A 526 -19.68 -4.67 15.08
CA LEU A 526 -19.15 -3.85 16.15
C LEU A 526 -18.77 -2.44 15.72
N PHE A 527 -18.77 -2.14 14.41
CA PHE A 527 -18.49 -0.78 13.98
C PHE A 527 -19.60 0.17 14.41
N ILE A 528 -20.86 -0.21 14.16
CA ILE A 528 -21.98 0.68 14.47
C ILE A 528 -22.13 0.91 15.97
N PRO A 529 -22.18 -0.11 16.81
CA PRO A 529 -22.31 0.17 18.26
C PRO A 529 -21.13 0.95 18.83
N SER A 530 -19.92 0.67 18.36
CA SER A 530 -18.75 1.42 18.83
C SER A 530 -18.83 2.88 18.40
N MET A 531 -19.24 3.13 17.15
CA MET A 531 -19.43 4.51 16.73
C MET A 531 -20.55 5.19 17.52
N ALA A 532 -21.60 4.45 17.87
CA ALA A 532 -22.68 5.07 18.65
C ALA A 532 -22.19 5.45 20.04
N ILE A 533 -21.41 4.58 20.69
CA ILE A 533 -20.85 4.91 21.99
C ILE A 533 -19.94 6.13 21.87
N GLY A 534 -19.05 6.12 20.88
CA GLY A 534 -18.14 7.24 20.71
C GLY A 534 -18.86 8.54 20.39
N ALA A 535 -19.92 8.45 19.57
CA ALA A 535 -20.65 9.64 19.17
C ALA A 535 -21.47 10.20 20.32
N ILE A 536 -22.03 9.33 21.17
CA ILE A 536 -22.73 9.83 22.34
C ILE A 536 -21.75 10.52 23.28
N ALA A 537 -20.58 9.91 23.49
CA ALA A 537 -19.57 10.56 24.32
C ALA A 537 -19.16 11.91 23.74
N GLY A 538 -18.94 11.95 22.43
CA GLY A 538 -18.53 13.21 21.81
C GLY A 538 -19.61 14.26 21.86
N ARG A 539 -20.86 13.88 21.69
CA ARG A 539 -21.96 14.84 21.79
C ARG A 539 -22.07 15.38 23.20
N ILE A 540 -21.89 14.51 24.20
CA ILE A 540 -21.91 14.97 25.58
C ILE A 540 -20.80 15.99 25.81
N VAL A 541 -19.59 15.68 25.33
CA VAL A 541 -18.47 16.58 25.51
C VAL A 541 -18.72 17.90 24.78
N GLY A 542 -19.28 17.83 23.58
CA GLY A 542 -19.53 19.05 22.82
C GLY A 542 -20.57 19.94 23.46
N ILE A 543 -21.66 19.35 23.95
CA ILE A 543 -22.67 20.15 24.64
C ILE A 543 -22.08 20.75 25.91
N ALA A 544 -21.27 19.97 26.64
CA ALA A 544 -20.63 20.51 27.83
C ALA A 544 -19.75 21.70 27.48
N VAL A 545 -18.97 21.58 26.41
CA VAL A 545 -18.10 22.67 25.99
C VAL A 545 -18.91 23.89 25.61
N GLU A 546 -20.01 23.69 24.87
CA GLU A 546 -20.83 24.82 24.45
C GLU A 546 -21.42 25.55 25.65
N GLN A 547 -21.97 24.80 26.60
CA GLN A 547 -22.52 25.44 27.80
C GLN A 547 -21.43 26.15 28.59
N LEU A 548 -20.25 25.54 28.70
CA LEU A 548 -19.15 26.16 29.42
C LEU A 548 -18.75 27.48 28.77
N ALA A 549 -18.69 27.50 27.44
CA ALA A 549 -18.40 28.74 26.74
C ALA A 549 -19.49 29.78 26.98
N TYR A 550 -20.76 29.36 26.94
CA TYR A 550 -21.86 30.31 27.08
C TYR A 550 -21.84 30.96 28.45
N TYR A 551 -21.78 30.16 29.52
CA TYR A 551 -21.79 30.72 30.86
C TYR A 551 -20.54 31.56 31.13
N HIS A 552 -19.39 31.13 30.62
CA HIS A 552 -18.13 31.79 30.94
C HIS A 552 -17.36 32.20 29.69
N HIS A 553 -18.05 32.83 28.74
CA HIS A 553 -17.35 33.43 27.61
C HIS A 553 -16.42 34.55 28.04
N ASP A 554 -16.72 35.23 29.15
CA ASP A 554 -15.89 36.33 29.61
C ASP A 554 -14.50 35.88 30.02
N TRP A 555 -14.29 34.58 30.20
CA TRP A 555 -12.96 34.09 30.56
C TRP A 555 -12.01 34.24 29.38
N PHE A 556 -10.73 34.44 29.70
CA PHE A 556 -9.75 34.71 28.65
C PHE A 556 -9.60 33.53 27.70
N ILE A 557 -9.83 32.31 28.18
CA ILE A 557 -9.62 31.12 27.34
C ILE A 557 -10.50 31.19 26.10
N PHE A 558 -11.74 31.67 26.26
CA PHE A 558 -12.66 31.77 25.13
C PHE A 558 -12.76 33.19 24.58
N LYS A 559 -12.32 34.18 25.37
CA LYS A 559 -12.44 35.57 24.93
C LYS A 559 -11.60 35.84 23.68
N GLU A 560 -10.52 35.08 23.48
CA GLU A 560 -9.65 35.32 22.34
C GLU A 560 -10.25 34.79 21.04
N TRP A 561 -10.99 33.69 21.10
CA TRP A 561 -11.48 33.01 19.89
C TRP A 561 -12.95 33.26 19.61
N CYS A 562 -13.83 32.97 20.56
CA CYS A 562 -15.27 33.05 20.31
C CYS A 562 -15.64 34.48 19.92
N GLU A 563 -16.42 34.61 18.85
CA GLU A 563 -16.83 35.91 18.34
C GLU A 563 -18.29 36.17 18.67
N VAL A 564 -18.57 37.39 19.14
CA VAL A 564 -19.92 37.76 19.53
C VAL A 564 -20.86 37.62 18.35
N GLY A 565 -22.06 37.10 18.60
CA GLY A 565 -23.10 37.01 17.60
C GLY A 565 -23.11 35.74 16.77
N ALA A 566 -22.16 34.83 16.99
CA ALA A 566 -22.07 33.60 16.21
C ALA A 566 -21.75 32.42 17.10
N ASP A 567 -22.19 31.24 16.68
CA ASP A 567 -21.88 30.02 17.40
C ASP A 567 -20.38 29.76 17.37
N CYS A 568 -19.85 29.24 18.48
CA CYS A 568 -18.41 29.10 18.64
C CYS A 568 -17.93 27.65 18.70
N ILE A 569 -18.80 26.70 19.06
CA ILE A 569 -18.43 25.29 19.15
C ILE A 569 -19.48 24.46 18.43
N THR A 570 -19.05 23.37 17.82
CA THR A 570 -19.92 22.47 17.07
C THR A 570 -19.87 21.07 17.67
N PRO A 571 -20.87 20.67 18.46
CA PRO A 571 -20.82 19.34 19.10
C PRO A 571 -20.81 18.19 18.12
N GLY A 572 -21.35 18.36 16.91
CA GLY A 572 -21.34 17.27 15.95
C GLY A 572 -19.93 16.82 15.60
N LEU A 573 -19.00 17.77 15.51
CA LEU A 573 -17.62 17.41 15.27
C LEU A 573 -17.06 16.59 16.43
N TYR A 574 -17.42 16.96 17.66
CA TYR A 574 -17.00 16.18 18.82
C TYR A 574 -17.54 14.76 18.75
N ALA A 575 -18.80 14.60 18.33
CA ALA A 575 -19.38 13.28 18.17
C ALA A 575 -18.65 12.47 17.10
N MET A 576 -18.36 13.11 15.97
CA MET A 576 -17.65 12.41 14.91
C MET A 576 -16.24 12.02 15.33
N VAL A 577 -15.61 12.84 16.18
CA VAL A 577 -14.28 12.52 16.68
C VAL A 577 -14.36 11.37 17.67
N GLY A 578 -15.35 11.39 18.56
CA GLY A 578 -15.49 10.32 19.53
C GLY A 578 -15.82 8.98 18.88
N ALA A 579 -16.60 9.01 17.81
CA ALA A 579 -16.86 7.79 17.06
C ALA A 579 -15.56 7.14 16.61
N ALA A 580 -14.69 7.92 15.95
CA ALA A 580 -13.42 7.39 15.50
C ALA A 580 -12.53 6.99 16.67
N ALA A 581 -12.57 7.75 17.77
CA ALA A 581 -11.76 7.42 18.93
C ALA A 581 -12.11 6.04 19.47
N CYS A 582 -13.41 5.80 19.70
CA CYS A 582 -13.83 4.50 20.23
C CYS A 582 -13.63 3.39 19.21
N LEU A 583 -13.87 3.69 17.93
CA LEU A 583 -13.68 2.68 16.89
C LEU A 583 -12.24 2.23 16.84
N GLY A 584 -11.29 3.17 16.95
CA GLY A 584 -9.89 2.82 16.97
C GLY A 584 -9.42 2.23 18.27
N GLY A 585 -10.05 2.61 19.39
CA GLY A 585 -9.71 1.99 20.65
C GLY A 585 -10.12 0.54 20.73
N VAL A 586 -11.25 0.18 20.12
CA VAL A 586 -11.70 -1.21 20.13
C VAL A 586 -11.02 -2.02 19.02
N THR A 587 -10.93 -1.47 17.81
CA THR A 587 -10.28 -2.18 16.71
C THR A 587 -8.76 -1.97 16.67
N ARG A 588 -8.25 -0.99 17.39
CA ARG A 588 -6.82 -0.66 17.36
C ARG A 588 -6.35 -0.33 15.95
N MET A 589 -7.25 0.24 15.14
CA MET A 589 -6.90 0.75 13.84
C MET A 589 -6.52 2.23 13.96
N THR A 590 -5.50 2.65 13.20
CA THR A 590 -5.00 4.00 13.27
C THR A 590 -5.21 4.78 11.97
N VAL A 591 -4.64 4.31 10.86
CA VAL A 591 -4.64 5.06 9.62
C VAL A 591 -5.76 4.60 8.69
N SER A 592 -5.98 3.29 8.61
CA SER A 592 -7.12 2.80 7.85
C SER A 592 -8.41 3.37 8.42
N LEU A 593 -8.53 3.38 9.75
CA LEU A 593 -9.72 3.93 10.38
C LEU A 593 -9.86 5.42 10.12
N VAL A 594 -8.75 6.17 10.16
CA VAL A 594 -8.82 7.60 9.93
C VAL A 594 -9.25 7.89 8.50
N VAL A 595 -8.73 7.13 7.53
CA VAL A 595 -9.15 7.31 6.15
C VAL A 595 -10.61 6.93 5.99
N ILE A 596 -11.05 5.88 6.70
CA ILE A 596 -12.45 5.47 6.67
C ILE A 596 -13.33 6.60 7.16
N VAL A 597 -12.93 7.27 8.24
CA VAL A 597 -13.75 8.35 8.79
C VAL A 597 -13.70 9.56 7.86
N PHE A 598 -12.54 9.85 7.28
CA PHE A 598 -12.44 10.99 6.38
C PHE A 598 -13.34 10.81 5.15
N GLU A 599 -13.35 9.63 4.56
CA GLU A 599 -14.20 9.37 3.41
C GLU A 599 -15.67 9.20 3.79
N LEU A 600 -15.93 8.66 4.98
CA LEU A 600 -17.30 8.48 5.47
C LEU A 600 -17.98 9.82 5.76
N THR A 601 -17.25 10.76 6.34
CA THR A 601 -17.75 12.10 6.61
C THR A 601 -16.79 13.09 5.93
N GLY A 602 -17.14 13.50 4.72
CA GLY A 602 -16.26 14.32 3.92
C GLY A 602 -15.81 15.58 4.62
N GLY A 603 -14.55 15.97 4.39
CA GLY A 603 -13.99 17.15 5.00
C GLY A 603 -12.60 16.92 5.56
N LEU A 604 -11.64 17.75 5.11
CA LEU A 604 -10.25 17.60 5.51
C LEU A 604 -9.86 18.55 6.64
N GLU A 605 -10.72 19.50 7.02
CA GLU A 605 -10.37 20.41 8.09
C GLU A 605 -10.19 19.70 9.42
N TYR A 606 -10.67 18.47 9.54
CA TYR A 606 -10.64 17.72 10.79
C TYR A 606 -9.74 16.49 10.74
N ILE A 607 -8.68 16.54 9.92
CA ILE A 607 -7.70 15.46 9.94
C ILE A 607 -6.89 15.48 11.23
N VAL A 608 -6.49 16.66 11.69
CA VAL A 608 -5.69 16.75 12.91
C VAL A 608 -6.51 16.28 14.10
N PRO A 609 -7.74 16.75 14.27
CA PRO A 609 -8.58 16.23 15.38
C PRO A 609 -8.75 14.72 15.34
N LEU A 610 -9.17 14.17 14.20
CA LEU A 610 -9.37 12.73 14.11
C LEU A 610 -8.08 11.97 14.37
N MET A 611 -6.97 12.45 13.79
CA MET A 611 -5.70 11.78 13.96
C MET A 611 -5.29 11.75 15.42
N ALA A 612 -5.38 12.90 16.10
CA ALA A 612 -5.00 12.95 17.51
C ALA A 612 -5.91 12.07 18.36
N ALA A 613 -7.22 12.11 18.10
CA ALA A 613 -8.15 11.31 18.89
C ALA A 613 -7.89 9.82 18.70
N VAL A 614 -7.70 9.39 17.45
CA VAL A 614 -7.46 7.98 17.17
C VAL A 614 -6.15 7.53 17.78
N MET A 615 -5.08 8.32 17.63
CA MET A 615 -3.81 7.93 18.20
C MET A 615 -3.89 7.85 19.72
N THR A 616 -4.53 8.83 20.36
CA THR A 616 -4.66 8.78 21.81
C THR A 616 -5.46 7.57 22.26
N SER A 617 -6.55 7.26 21.54
CA SER A 617 -7.36 6.11 21.90
C SER A 617 -6.56 4.82 21.78
N LYS A 618 -5.80 4.67 20.69
CA LYS A 618 -5.00 3.46 20.53
C LYS A 618 -3.92 3.36 21.60
N TRP A 619 -3.24 4.47 21.89
CA TRP A 619 -2.15 4.42 22.85
C TRP A 619 -2.66 4.16 24.26
N VAL A 620 -3.85 4.67 24.60
CA VAL A 620 -4.42 4.39 25.91
C VAL A 620 -4.93 2.95 25.97
N GLY A 621 -5.47 2.43 24.87
CA GLY A 621 -5.92 1.06 24.86
C GLY A 621 -4.76 0.07 24.86
N ASP A 622 -3.61 0.49 24.35
CA ASP A 622 -2.42 -0.35 24.35
C ASP A 622 -1.81 -0.48 25.74
N ALA A 623 -1.96 0.54 26.59
CA ALA A 623 -1.47 0.44 27.95
C ALA A 623 -2.15 -0.68 28.73
N PHE A 624 -3.32 -1.13 28.27
CA PHE A 624 -4.03 -2.25 28.88
C PHE A 624 -3.95 -3.52 28.04
N GLY A 625 -3.05 -3.56 27.07
CA GLY A 625 -2.98 -4.68 26.15
C GLY A 625 -3.08 -4.22 24.71
N ARG A 626 -2.27 -4.79 23.82
CA ARG A 626 -2.20 -4.36 22.43
C ARG A 626 -3.09 -5.19 21.53
N GLU A 627 -4.19 -5.71 22.06
CA GLU A 627 -5.09 -6.59 21.32
C GLU A 627 -6.29 -5.80 20.81
N GLY A 628 -6.52 -5.87 19.50
CA GLY A 628 -7.78 -5.43 18.95
C GLY A 628 -8.87 -6.42 19.25
N ILE A 629 -10.12 -6.00 19.03
CA ILE A 629 -11.25 -6.88 19.31
C ILE A 629 -11.21 -8.08 18.38
N TYR A 630 -10.80 -7.89 17.14
CA TYR A 630 -10.69 -8.99 16.19
C TYR A 630 -9.48 -9.86 16.45
N GLU A 631 -8.61 -9.50 17.34
CA GLU A 631 -7.51 -10.39 17.67
C GLU A 631 -7.82 -10.96 18.99
N ALA A 632 -8.44 -10.22 19.89
CA ALA A 632 -8.87 -10.85 21.13
C ALA A 632 -9.87 -11.97 20.85
N HIS A 633 -10.79 -11.80 19.88
CA HIS A 633 -11.74 -12.88 19.57
C HIS A 633 -11.10 -14.02 18.78
N ILE A 634 -10.09 -13.72 17.97
CA ILE A 634 -9.31 -14.78 17.33
C ILE A 634 -8.60 -15.61 18.39
N ARG A 635 -8.01 -14.94 19.38
CA ARG A 635 -7.39 -15.67 20.50
C ARG A 635 -8.43 -16.50 21.26
N LEU A 636 -9.60 -15.91 21.52
CA LEU A 636 -10.63 -16.61 22.28
C LEU A 636 -11.11 -17.86 21.55
N ASN A 637 -11.38 -17.75 20.25
CA ASN A 637 -11.76 -18.92 19.47
C ASN A 637 -10.59 -19.87 19.25
N GLY A 638 -9.37 -19.46 19.60
CA GLY A 638 -8.22 -20.32 19.44
C GLY A 638 -7.94 -20.64 17.98
N TYR A 639 -8.16 -19.67 17.12
CA TYR A 639 -7.88 -19.86 15.71
C TYR A 639 -6.38 -19.80 15.44
N PRO A 640 -5.87 -20.63 14.54
CA PRO A 640 -4.41 -20.60 14.28
C PRO A 640 -4.00 -19.40 13.44
N PHE A 641 -4.01 -18.23 14.08
CA PHE A 641 -3.69 -16.96 13.43
C PHE A 641 -2.27 -16.57 13.82
N LEU A 642 -1.39 -16.46 12.83
CA LEU A 642 -0.01 -16.03 13.03
C LEU A 642 0.00 -14.52 12.92
N ASP A 643 -0.13 -13.84 14.05
CA ASP A 643 -0.21 -12.39 14.05
C ASP A 643 1.06 -11.80 13.44
N ALA A 644 0.87 -10.85 12.52
CA ALA A 644 2.00 -10.19 11.88
C ALA A 644 2.76 -9.29 12.84
N LYS A 645 2.18 -8.97 13.99
CA LYS A 645 2.80 -8.07 14.96
C LYS A 645 3.39 -8.80 16.16
N GLU A 646 2.99 -10.05 16.40
CA GLU A 646 3.46 -10.79 17.56
C GLU A 646 4.99 -10.90 17.53
N GLU A 647 5.58 -10.75 18.72
CA GLU A 647 7.03 -10.85 18.89
C GLU A 647 7.35 -12.05 19.77
N PHE A 648 8.38 -12.80 19.37
CA PHE A 648 8.81 -13.97 20.14
C PHE A 648 9.78 -13.47 21.21
N THR A 649 9.23 -13.20 22.40
CA THR A 649 10.02 -12.58 23.45
C THR A 649 11.16 -13.48 23.90
N HIS A 650 10.91 -14.79 24.03
CA HIS A 650 11.95 -15.71 24.44
C HIS A 650 13.12 -15.65 23.47
N THR A 651 14.33 -15.53 24.01
CA THR A 651 15.55 -15.54 23.19
C THR A 651 16.01 -16.96 22.93
N THR A 652 15.10 -17.79 22.41
CA THR A 652 15.37 -19.18 22.13
C THR A 652 15.43 -19.41 20.63
N LEU A 653 15.71 -20.64 20.25
CA LEU A 653 15.97 -21.02 18.86
C LEU A 653 14.94 -22.05 18.43
N ALA A 654 15.13 -22.61 17.23
CA ALA A 654 14.29 -23.71 16.78
C ALA A 654 14.52 -24.98 17.57
N ALA A 655 15.58 -25.04 18.39
CA ALA A 655 15.78 -26.19 19.26
C ALA A 655 14.66 -26.32 20.29
N ASP A 656 14.24 -25.19 20.85
CA ASP A 656 13.23 -25.22 21.90
C ASP A 656 11.87 -25.69 21.38
N VAL A 657 11.59 -25.44 20.09
CA VAL A 657 10.23 -25.56 19.59
C VAL A 657 9.97 -26.84 18.80
N MET A 658 11.00 -27.61 18.47
CA MET A 658 10.75 -28.97 17.98
C MET A 658 10.00 -29.74 19.05
N ARG A 659 9.04 -30.57 18.62
CA ARG A 659 8.19 -31.24 19.61
C ARG A 659 8.25 -32.75 19.47
N PRO A 660 9.42 -33.34 19.18
CA PRO A 660 9.79 -34.60 19.83
C PRO A 660 10.60 -34.31 21.08
N ARG A 661 10.10 -34.65 22.26
CA ARG A 661 10.79 -34.35 23.52
C ARG A 661 11.04 -35.65 24.29
N ARG A 662 11.70 -35.50 25.45
CA ARG A 662 12.03 -36.66 26.26
C ARG A 662 10.78 -37.41 26.71
N SER A 663 9.66 -36.70 26.88
CA SER A 663 8.41 -37.31 27.30
C SER A 663 7.55 -37.79 26.14
N ASP A 664 7.95 -37.51 24.90
CA ASP A 664 7.22 -37.94 23.72
C ASP A 664 7.89 -39.17 23.12
N PRO A 665 7.14 -39.99 22.39
CA PRO A 665 7.75 -41.14 21.72
C PRO A 665 8.75 -40.69 20.68
N PRO A 666 9.52 -41.61 20.09
CA PRO A 666 10.48 -41.20 19.05
C PRO A 666 9.78 -40.57 17.87
N LEU A 667 10.50 -39.66 17.21
CA LEU A 667 9.96 -38.95 16.06
C LEU A 667 9.34 -39.94 15.08
N ALA A 668 8.19 -39.55 14.51
CA ALA A 668 7.55 -40.31 13.45
C ALA A 668 8.29 -40.04 12.15
N VAL A 669 8.78 -41.11 11.51
CA VAL A 669 9.54 -41.00 10.28
C VAL A 669 9.14 -42.15 9.35
N LEU A 670 9.67 -42.12 8.15
CA LEU A 670 9.47 -43.18 7.19
C LEU A 670 10.82 -43.67 6.66
N THR A 671 10.90 -44.98 6.43
CA THR A 671 12.07 -45.59 5.83
C THR A 671 12.02 -45.39 4.32
N GLN A 672 13.09 -45.78 3.64
CA GLN A 672 13.17 -45.54 2.20
C GLN A 672 12.60 -46.71 1.41
N ASP A 673 13.17 -47.91 1.58
CA ASP A 673 12.76 -49.05 0.75
C ASP A 673 12.64 -50.36 1.51
N ASN A 674 12.49 -50.34 2.84
CA ASN A 674 12.39 -51.56 3.62
C ASN A 674 10.98 -51.82 4.15
N MET A 675 10.17 -50.77 4.29
CA MET A 675 8.84 -50.91 4.84
C MET A 675 7.87 -51.51 3.83
N THR A 676 6.81 -52.13 4.35
CA THR A 676 5.77 -52.77 3.54
C THR A 676 4.43 -52.10 3.83
N VAL A 677 3.37 -52.68 3.24
CA VAL A 677 2.04 -52.09 3.36
C VAL A 677 1.53 -52.20 4.79
N ASP A 678 1.71 -53.36 5.42
CA ASP A 678 1.20 -53.56 6.77
C ASP A 678 1.81 -52.56 7.74
N ASP A 679 3.11 -52.31 7.61
CA ASP A 679 3.77 -51.39 8.53
C ASP A 679 3.18 -49.99 8.43
N ILE A 680 3.00 -49.48 7.21
CA ILE A 680 2.46 -48.13 7.05
C ILE A 680 1.01 -48.09 7.52
N GLU A 681 0.23 -49.12 7.21
CA GLU A 681 -1.17 -49.12 7.66
C GLU A 681 -1.24 -49.06 9.18
N ASN A 682 -0.45 -49.91 9.86
CA ASN A 682 -0.47 -49.91 11.31
C ASN A 682 0.01 -48.58 11.87
N MET A 683 1.07 -48.02 11.28
CA MET A 683 1.61 -46.75 11.78
C MET A 683 0.59 -45.63 11.65
N ILE A 684 -0.10 -45.55 10.51
CA ILE A 684 -1.09 -44.49 10.32
C ILE A 684 -2.29 -44.70 11.23
N ASN A 685 -2.71 -45.95 11.40
CA ASN A 685 -3.82 -46.23 12.32
C ASN A 685 -3.47 -45.83 13.75
N GLU A 686 -2.22 -46.08 14.17
CA GLU A 686 -1.80 -45.82 15.54
C GLU A 686 -1.31 -44.39 15.76
N THR A 687 -1.15 -43.60 14.70
CA THR A 687 -0.62 -42.26 14.79
C THR A 687 -1.62 -41.25 14.26
N SER A 688 -1.39 -39.98 14.60
CA SER A 688 -2.34 -38.91 14.29
C SER A 688 -1.65 -37.66 13.75
N TYR A 689 -0.74 -37.83 12.80
CA TYR A 689 0.04 -36.73 12.25
C TYR A 689 -0.39 -36.45 10.82
N ASN A 690 -0.28 -35.17 10.43
CA ASN A 690 -0.70 -34.76 9.09
C ASN A 690 0.33 -35.12 8.03
N GLY A 691 1.62 -35.04 8.36
CA GLY A 691 2.68 -35.35 7.42
C GLY A 691 3.80 -36.09 8.09
N PHE A 692 4.57 -36.81 7.27
CA PHE A 692 5.70 -37.60 7.73
C PHE A 692 6.91 -37.32 6.86
N PRO A 693 8.08 -37.06 7.45
CA PRO A 693 9.30 -36.99 6.64
C PRO A 693 9.76 -38.37 6.21
N VAL A 694 10.58 -38.41 5.16
CA VAL A 694 11.17 -39.63 4.63
C VAL A 694 12.67 -39.50 4.77
N ILE A 695 13.31 -40.48 5.40
CA ILE A 695 14.73 -40.47 5.69
C ILE A 695 15.36 -41.74 5.08
N MET A 696 16.70 -41.77 5.09
CA MET A 696 17.42 -42.89 4.48
C MET A 696 17.23 -44.18 5.27
N SER A 697 17.68 -44.19 6.53
CA SER A 697 17.73 -45.43 7.29
C SER A 697 17.68 -45.13 8.77
N LYS A 698 17.45 -46.19 9.56
CA LYS A 698 17.32 -46.04 11.00
C LYS A 698 18.61 -45.49 11.61
N GLU A 699 19.76 -46.06 11.23
CA GLU A 699 21.03 -45.64 11.81
C GLU A 699 21.60 -44.40 11.15
N SER A 700 21.02 -43.94 10.04
CA SER A 700 21.51 -42.77 9.32
C SER A 700 20.75 -41.50 9.67
N GLN A 701 19.41 -41.55 9.67
CA GLN A 701 18.58 -40.39 9.96
C GLN A 701 18.90 -39.24 8.99
N ARG A 702 19.18 -39.60 7.74
CA ARG A 702 19.51 -38.64 6.70
C ARG A 702 18.25 -38.33 5.91
N LEU A 703 17.89 -37.04 5.85
CA LEU A 703 16.63 -36.64 5.25
C LEU A 703 16.58 -37.02 3.78
N VAL A 704 15.38 -37.39 3.33
CA VAL A 704 15.09 -37.62 1.91
C VAL A 704 14.05 -36.65 1.40
N GLY A 705 12.94 -36.51 2.12
CA GLY A 705 11.85 -35.67 1.65
C GLY A 705 10.71 -35.62 2.63
N PHE A 706 9.53 -35.31 2.12
CA PHE A 706 8.33 -35.16 2.94
C PHE A 706 7.15 -35.80 2.22
N ALA A 707 6.18 -36.28 2.99
CA ALA A 707 4.94 -36.84 2.46
C ALA A 707 3.78 -36.41 3.32
N LEU A 708 2.59 -36.36 2.73
CA LEU A 708 1.40 -35.89 3.41
C LEU A 708 0.46 -37.05 3.69
N ARG A 709 -0.39 -36.88 4.71
CA ARG A 709 -1.30 -37.95 5.13
C ARG A 709 -2.34 -38.26 4.06
N ARG A 710 -3.02 -37.22 3.57
CA ARG A 710 -4.17 -37.44 2.69
C ARG A 710 -3.76 -38.08 1.38
N ASP A 711 -2.75 -37.52 0.72
CA ASP A 711 -2.33 -38.06 -0.57
C ASP A 711 -1.71 -39.45 -0.41
N LEU A 712 -0.98 -39.67 0.69
CA LEU A 712 -0.42 -40.99 0.94
C LEU A 712 -1.51 -42.03 1.10
N THR A 713 -2.55 -41.70 1.88
CA THR A 713 -3.66 -42.62 2.06
C THR A 713 -4.38 -42.87 0.74
N ILE A 714 -4.58 -41.82 -0.05
CA ILE A 714 -5.23 -41.98 -1.35
C ILE A 714 -4.43 -42.92 -2.24
N ALA A 715 -3.11 -42.71 -2.29
CA ALA A 715 -2.25 -43.57 -3.10
C ALA A 715 -2.30 -45.01 -2.63
N ILE A 716 -2.31 -45.23 -1.31
CA ILE A 716 -2.34 -46.59 -0.80
C ILE A 716 -3.66 -47.26 -1.17
N GLU A 717 -4.78 -46.53 -1.04
CA GLU A 717 -6.07 -47.10 -1.43
C GLU A 717 -6.09 -47.44 -2.91
N SER A 718 -5.60 -46.53 -3.75
CA SER A 718 -5.56 -46.79 -5.19
C SER A 718 -4.70 -47.99 -5.52
N ALA A 719 -3.54 -48.11 -4.86
CA ALA A 719 -2.65 -49.24 -5.11
C ALA A 719 -3.30 -50.55 -4.70
N ARG A 720 -4.00 -50.57 -3.56
CA ARG A 720 -4.69 -51.78 -3.15
C ARG A 720 -5.78 -52.15 -4.14
N LYS A 721 -6.57 -51.17 -4.59
CA LYS A 721 -7.65 -51.48 -5.53
C LYS A 721 -7.11 -52.01 -6.85
N LYS A 722 -6.06 -51.40 -7.40
CA LYS A 722 -5.53 -51.82 -8.69
C LYS A 722 -4.44 -52.86 -8.51
N VAL A 732 7.07 -51.57 -1.49
CA VAL A 732 6.94 -50.13 -1.27
C VAL A 732 8.33 -49.49 -1.23
N CYS A 733 8.65 -48.73 -2.27
CA CYS A 733 9.97 -48.13 -2.43
C CYS A 733 9.81 -46.63 -2.65
N PHE A 734 10.57 -45.84 -1.89
CA PHE A 734 10.64 -44.40 -2.07
C PHE A 734 11.82 -43.98 -2.94
N ALA A 735 12.63 -44.92 -3.41
CA ALA A 735 13.80 -44.61 -4.21
C ALA A 735 13.41 -44.36 -5.66
N GLN A 736 14.40 -44.01 -6.48
CA GLN A 736 14.18 -43.73 -7.89
C GLN A 736 13.99 -45.05 -8.67
N LEU A 749 5.35 -51.73 -5.60
CA LEU A 749 4.66 -50.45 -5.43
C LEU A 749 5.65 -49.32 -5.20
N LYS A 750 5.44 -48.20 -5.89
CA LYS A 750 6.32 -47.04 -5.80
C LYS A 750 5.46 -45.79 -5.60
N LEU A 751 5.82 -44.98 -4.60
CA LEU A 751 5.12 -43.74 -4.28
C LEU A 751 6.01 -42.53 -4.56
N ARG A 752 6.85 -42.63 -5.59
CA ARG A 752 7.81 -41.57 -5.88
C ARG A 752 7.09 -40.27 -6.25
N SER A 753 5.96 -40.37 -6.94
CA SER A 753 5.36 -39.19 -7.55
C SER A 753 4.85 -38.20 -6.51
N ILE A 754 4.12 -38.66 -5.51
CA ILE A 754 3.39 -37.77 -4.61
C ILE A 754 4.26 -37.32 -3.45
N LEU A 755 5.53 -37.68 -3.48
CA LEU A 755 6.46 -37.38 -2.40
C LEU A 755 6.99 -35.96 -2.56
N ASP A 756 6.71 -35.11 -1.58
CA ASP A 756 7.23 -33.75 -1.58
C ASP A 756 8.73 -33.84 -1.36
N MET A 757 9.49 -33.67 -2.44
CA MET A 757 10.92 -33.91 -2.42
C MET A 757 11.71 -32.66 -2.05
N SER A 758 11.06 -31.52 -1.84
CA SER A 758 11.74 -30.28 -1.48
C SER A 758 11.08 -29.65 -0.26
N PRO A 759 11.16 -30.31 0.89
CA PRO A 759 10.61 -29.73 2.13
C PRO A 759 11.58 -28.71 2.72
N PHE A 760 11.03 -27.63 3.24
CA PHE A 760 11.87 -26.61 3.87
C PHE A 760 12.52 -27.18 5.13
N THR A 761 13.79 -26.85 5.32
CA THR A 761 14.58 -27.31 6.46
C THR A 761 15.18 -26.11 7.17
N VAL A 762 15.39 -26.25 8.47
CA VAL A 762 15.94 -25.19 9.30
C VAL A 762 16.84 -25.82 10.36
N THR A 763 18.04 -25.27 10.51
CA THR A 763 18.97 -25.81 11.50
C THR A 763 18.53 -25.41 12.91
N ASP A 764 18.79 -26.30 13.86
CA ASP A 764 18.36 -26.07 15.23
C ASP A 764 18.89 -24.74 15.77
N HIS A 765 20.12 -24.37 15.41
CA HIS A 765 20.67 -23.09 15.85
C HIS A 765 20.04 -21.90 15.15
N THR A 766 19.12 -22.14 14.22
CA THR A 766 18.37 -21.03 13.64
C THR A 766 17.48 -20.40 14.71
N PRO A 767 17.43 -19.07 14.79
CA PRO A 767 16.57 -18.42 15.77
C PRO A 767 15.11 -18.23 15.32
N MET A 768 14.24 -18.17 16.33
CA MET A 768 12.81 -18.28 16.06
C MET A 768 12.28 -17.08 15.27
N GLU A 769 12.97 -15.96 15.32
CA GLU A 769 12.57 -14.83 14.47
C GLU A 769 12.61 -15.23 13.00
N ILE A 770 13.65 -15.94 12.59
CA ILE A 770 13.77 -16.36 11.20
C ILE A 770 12.67 -17.34 10.84
N VAL A 771 12.37 -18.28 11.73
CA VAL A 771 11.34 -19.27 11.43
C VAL A 771 9.97 -18.60 11.31
N VAL A 772 9.67 -17.69 12.23
CA VAL A 772 8.41 -16.95 12.15
C VAL A 772 8.36 -16.13 10.87
N ASP A 773 9.48 -15.51 10.50
CA ASP A 773 9.52 -14.68 9.31
C ASP A 773 9.31 -15.50 8.05
N ILE A 774 9.92 -16.67 7.96
CA ILE A 774 9.75 -17.51 6.78
C ILE A 774 8.32 -18.05 6.72
N PHE A 775 7.75 -18.39 7.88
CA PHE A 775 6.34 -18.78 7.91
C PHE A 775 5.46 -17.65 7.40
N ARG A 776 5.74 -16.42 7.85
CA ARG A 776 4.90 -15.27 7.48
C ARG A 776 5.04 -14.94 6.00
N LYS A 777 6.25 -15.02 5.46
CA LYS A 777 6.48 -14.54 4.09
C LYS A 777 6.24 -15.63 3.06
N LEU A 778 6.86 -16.80 3.24
CA LEU A 778 6.66 -17.89 2.31
C LEU A 778 5.37 -18.66 2.57
N GLY A 779 4.68 -18.38 3.67
CA GLY A 779 3.44 -19.07 3.97
C GLY A 779 3.64 -20.55 4.21
N LEU A 780 4.64 -20.89 5.01
CA LEU A 780 4.89 -22.28 5.35
C LEU A 780 3.80 -22.83 6.26
N ARG A 781 3.54 -24.12 6.12
CA ARG A 781 2.74 -24.88 7.06
C ARG A 781 3.58 -25.74 7.98
N GLN A 782 4.72 -26.24 7.50
CA GLN A 782 5.65 -26.97 8.35
C GLN A 782 7.06 -26.79 7.81
N CYS A 783 8.03 -26.83 8.72
CA CYS A 783 9.43 -26.84 8.35
C CYS A 783 10.14 -27.92 9.14
N LEU A 784 10.86 -28.80 8.44
CA LEU A 784 11.71 -29.76 9.10
C LEU A 784 12.82 -29.04 9.87
N VAL A 785 13.52 -29.78 10.71
CA VAL A 785 14.71 -29.28 11.36
C VAL A 785 15.79 -30.36 11.25
N THR A 786 16.96 -29.97 10.78
CA THR A 786 18.06 -30.89 10.54
C THR A 786 19.28 -30.45 11.33
N HIS A 787 20.02 -31.43 11.84
CA HIS A 787 21.25 -31.19 12.59
C HIS A 787 22.41 -31.83 11.81
N ASN A 788 23.27 -31.01 11.23
CA ASN A 788 24.44 -31.48 10.51
C ASN A 788 24.04 -32.53 9.46
N GLY A 789 22.89 -32.29 8.82
CA GLY A 789 22.35 -33.24 7.88
C GLY A 789 21.52 -34.35 8.47
N ARG A 790 21.41 -34.40 9.80
CA ARG A 790 20.63 -35.43 10.48
C ARG A 790 19.31 -34.82 10.96
N LEU A 791 18.20 -35.44 10.55
CA LEU A 791 16.88 -34.94 10.89
C LEU A 791 16.62 -35.07 12.39
N LEU A 792 15.98 -34.06 12.95
CA LEU A 792 15.63 -34.05 14.38
C LEU A 792 14.13 -34.00 14.63
N GLY A 793 13.43 -33.09 13.98
CA GLY A 793 12.01 -32.94 14.24
C GLY A 793 11.34 -32.04 13.22
N ILE A 794 10.11 -31.66 13.53
CA ILE A 794 9.31 -30.80 12.66
C ILE A 794 8.75 -29.64 13.48
N ILE A 795 8.52 -28.52 12.82
CA ILE A 795 7.88 -27.36 13.42
C ILE A 795 6.75 -26.93 12.49
N THR A 796 5.51 -27.13 12.93
CA THR A 796 4.33 -26.74 12.18
C THR A 796 3.81 -25.41 12.71
N LYS A 797 2.77 -24.90 12.06
CA LYS A 797 2.18 -23.65 12.51
C LYS A 797 1.64 -23.79 13.93
N LYS A 798 1.04 -24.93 14.23
CA LYS A 798 0.52 -25.17 15.58
C LYS A 798 1.65 -25.10 16.61
N ASP A 799 2.82 -25.63 16.27
CA ASP A 799 3.94 -25.56 17.21
C ASP A 799 4.33 -24.12 17.50
N ILE A 800 4.53 -23.32 16.45
CA ILE A 800 4.92 -21.93 16.63
C ILE A 800 3.87 -21.20 17.45
N LEU A 801 2.60 -21.44 17.14
CA LEU A 801 1.52 -20.72 17.80
C LEU A 801 1.44 -21.09 19.28
N ARG A 802 1.47 -22.39 19.57
CA ARG A 802 1.43 -22.83 20.97
C ARG A 802 2.61 -22.26 21.75
N HIS A 803 3.83 -22.37 21.20
CA HIS A 803 5.00 -21.93 21.94
C HIS A 803 5.03 -20.41 22.09
N MET A 804 4.45 -19.69 21.13
CA MET A 804 4.45 -18.23 21.20
C MET A 804 3.66 -17.73 22.41
N ALA A 805 2.53 -18.37 22.69
CA ALA A 805 1.69 -17.98 23.82
C ALA A 805 2.48 -17.95 25.12
N GLY B 81 34.85 -3.95 13.28
CA GLY B 81 35.25 -4.51 12.01
C GLY B 81 34.35 -5.65 11.55
N VAL B 82 33.88 -6.45 12.51
CA VAL B 82 33.03 -7.59 12.19
C VAL B 82 31.65 -7.10 11.76
N GLY B 83 31.14 -7.69 10.68
CA GLY B 83 29.79 -7.42 10.23
C GLY B 83 29.64 -6.27 9.27
N THR B 84 30.73 -5.74 8.73
CA THR B 84 30.65 -4.65 7.75
C THR B 84 30.38 -5.22 6.36
N TYR B 85 30.16 -4.31 5.42
CA TYR B 85 29.90 -4.67 4.03
C TYR B 85 30.87 -3.92 3.12
N ASP B 86 31.43 -4.64 2.16
CA ASP B 86 32.33 -4.05 1.19
C ASP B 86 31.54 -3.24 0.16
N ASP B 87 32.26 -2.41 -0.59
CA ASP B 87 31.65 -1.54 -1.57
C ASP B 87 31.18 -2.34 -2.78
N PHE B 88 30.10 -1.86 -3.42
CA PHE B 88 29.52 -2.50 -4.58
C PHE B 88 29.22 -3.97 -4.30
N HIS B 89 28.68 -4.23 -3.10
CA HIS B 89 28.20 -5.55 -2.72
C HIS B 89 26.71 -5.47 -2.45
N THR B 90 26.12 -6.59 -2.09
CA THR B 90 24.69 -6.65 -1.79
C THR B 90 24.45 -7.03 -0.34
N ILE B 91 23.58 -6.28 0.31
CA ILE B 91 23.19 -6.55 1.70
C ILE B 91 22.43 -7.86 1.78
N ASP B 92 22.77 -8.65 2.78
CA ASP B 92 21.97 -9.80 3.21
C ASP B 92 21.04 -9.31 4.31
N TRP B 93 19.74 -9.26 4.01
CA TRP B 93 18.79 -8.63 4.93
C TRP B 93 18.62 -9.44 6.20
N VAL B 94 18.77 -10.76 6.13
CA VAL B 94 18.51 -11.60 7.29
C VAL B 94 19.51 -11.31 8.40
N ARG B 95 20.78 -11.15 8.05
CA ARG B 95 21.79 -10.86 9.07
C ARG B 95 21.55 -9.49 9.71
N GLU B 96 21.18 -8.50 8.90
CA GLU B 96 20.88 -7.18 9.45
C GLU B 96 19.67 -7.24 10.38
N LYS B 97 18.64 -8.01 10.00
CA LYS B 97 17.48 -8.17 10.87
C LYS B 97 17.87 -8.87 12.17
N CYS B 98 18.75 -9.86 12.10
CA CYS B 98 19.20 -10.53 13.31
C CYS B 98 19.97 -9.57 14.21
N LYS B 99 20.83 -8.74 13.63
CA LYS B 99 21.55 -7.75 14.44
C LYS B 99 20.57 -6.76 15.07
N ASP B 100 19.54 -6.35 14.32
CA ASP B 100 18.53 -5.47 14.86
C ASP B 100 17.79 -6.13 16.02
N ARG B 101 17.49 -7.43 15.88
CA ARG B 101 16.84 -8.15 16.97
C ARG B 101 17.73 -8.21 18.20
N GLU B 102 19.04 -8.43 17.99
CA GLU B 102 19.97 -8.46 19.12
C GLU B 102 19.99 -7.11 19.83
N ARG B 103 20.07 -6.03 19.07
CA ARG B 103 20.08 -4.69 19.68
C ARG B 103 18.76 -4.40 20.39
N HIS B 104 17.64 -4.84 19.79
CA HIS B 104 16.35 -4.67 20.43
C HIS B 104 16.28 -5.42 21.75
N ARG B 105 16.83 -6.64 21.79
CA ARG B 105 16.88 -7.38 23.04
C ARG B 105 17.73 -6.65 24.07
N ARG B 106 18.88 -6.11 23.63
CA ARG B 106 19.72 -5.34 24.54
C ARG B 106 18.96 -4.17 25.15
N ILE B 107 18.22 -3.44 24.32
CA ILE B 107 17.47 -2.28 24.81
C ILE B 107 16.34 -2.74 25.73
N ASN B 108 15.61 -3.77 25.34
CA ASN B 108 14.43 -4.19 26.10
C ASN B 108 14.81 -4.82 27.43
N SER B 109 16.00 -5.42 27.52
CA SER B 109 16.44 -5.95 28.81
C SER B 109 16.53 -4.85 29.86
N LYS B 110 17.07 -3.69 29.47
CA LYS B 110 17.14 -2.56 30.39
C LYS B 110 15.84 -1.77 30.45
N LYS B 111 14.95 -1.92 29.46
CA LYS B 111 13.78 -1.06 29.36
C LYS B 111 12.96 -1.10 30.64
N LYS B 112 12.66 -2.29 31.16
CA LYS B 112 11.82 -2.42 32.33
C LYS B 112 12.55 -2.19 33.64
N GLU B 113 13.88 -2.05 33.62
CA GLU B 113 14.62 -1.91 34.86
C GLU B 113 14.38 -0.56 35.53
N SER B 114 14.21 0.49 34.73
CA SER B 114 14.02 1.83 35.29
C SER B 114 13.26 2.68 34.28
N ALA B 115 12.72 3.80 34.78
CA ALA B 115 11.98 4.72 33.92
C ALA B 115 12.89 5.38 32.90
N TRP B 116 14.13 5.71 33.30
CA TRP B 116 15.06 6.30 32.35
C TRP B 116 15.27 5.39 31.15
N GLU B 117 15.30 4.07 31.37
CA GLU B 117 15.44 3.14 30.25
C GLU B 117 14.21 3.17 29.36
N MET B 118 13.02 3.32 29.94
CA MET B 118 11.82 3.45 29.13
C MET B 118 11.88 4.71 28.27
N THR B 119 12.34 5.82 28.85
CA THR B 119 12.48 7.05 28.07
C THR B 119 13.51 6.87 26.95
N LYS B 120 14.62 6.21 27.24
CA LYS B 120 15.63 5.95 26.22
C LYS B 120 15.06 5.09 25.09
N SER B 121 14.29 4.06 25.44
CA SER B 121 13.69 3.21 24.42
C SER B 121 12.67 3.98 23.58
N LEU B 122 11.90 4.86 24.22
CA LEU B 122 10.95 5.67 23.47
C LEU B 122 11.68 6.60 22.51
N TYR B 123 12.78 7.20 22.95
CA TYR B 123 13.58 8.03 22.05
C TYR B 123 14.14 7.21 20.90
N ASP B 124 14.63 6.01 21.18
CA ASP B 124 15.15 5.16 20.13
C ASP B 124 14.07 4.79 19.12
N ALA B 125 12.85 4.56 19.60
CA ALA B 125 11.75 4.25 18.69
C ALA B 125 11.34 5.48 17.87
N TRP B 126 11.38 6.66 18.48
CA TRP B 126 11.08 7.89 17.75
C TRP B 126 12.20 8.30 16.81
N SER B 127 13.37 7.68 16.92
CA SER B 127 14.47 7.98 16.00
C SER B 127 14.04 7.86 14.55
N GLY B 128 13.24 6.84 14.23
CA GLY B 128 12.79 6.68 12.85
C GLY B 128 11.95 7.86 12.37
N TRP B 129 11.00 8.28 13.20
CA TRP B 129 10.17 9.42 12.82
C TRP B 129 11.00 10.69 12.74
N LEU B 130 12.00 10.84 13.61
CA LEU B 130 12.88 12.00 13.53
C LEU B 130 13.64 12.03 12.22
N VAL B 131 14.20 10.89 11.81
CA VAL B 131 14.98 10.86 10.57
C VAL B 131 14.07 11.11 9.37
N VAL B 132 12.85 10.55 9.40
CA VAL B 132 11.94 10.77 8.28
C VAL B 132 11.47 12.22 8.24
N THR B 133 11.23 12.82 9.40
CA THR B 133 10.84 14.23 9.46
C THR B 133 11.94 15.12 8.89
N LEU B 134 13.18 14.86 9.31
CA LEU B 134 14.30 15.65 8.81
C LEU B 134 14.51 15.43 7.32
N THR B 135 14.28 14.20 6.85
CA THR B 135 14.37 13.94 5.42
C THR B 135 13.34 14.74 4.65
N GLY B 136 12.10 14.80 5.16
CA GLY B 136 11.09 15.61 4.50
C GLY B 136 11.45 17.08 4.51
N LEU B 137 11.91 17.58 5.66
CA LEU B 137 12.32 18.98 5.75
C LEU B 137 13.41 19.31 4.74
N ALA B 138 14.45 18.46 4.69
CA ALA B 138 15.57 18.72 3.81
C ALA B 138 15.17 18.58 2.35
N SER B 139 14.33 17.59 2.03
CA SER B 139 13.87 17.46 0.66
C SER B 139 13.10 18.70 0.22
N GLY B 140 12.19 19.19 1.07
CA GLY B 140 11.47 20.40 0.72
C GLY B 140 12.39 21.60 0.55
N ALA B 141 13.29 21.80 1.50
CA ALA B 141 14.17 22.96 1.44
C ALA B 141 15.08 22.90 0.22
N LEU B 142 15.68 21.73 -0.04
CA LEU B 142 16.62 21.62 -1.14
C LEU B 142 15.91 21.70 -2.48
N ALA B 143 14.73 21.11 -2.60
CA ALA B 143 13.97 21.25 -3.84
C ALA B 143 13.56 22.69 -4.07
N GLY B 144 13.18 23.40 -3.01
CA GLY B 144 12.83 24.81 -3.18
C GLY B 144 14.02 25.63 -3.62
N LEU B 145 15.17 25.45 -2.98
CA LEU B 145 16.37 26.18 -3.37
C LEU B 145 16.78 25.82 -4.80
N ILE B 146 16.72 24.53 -5.14
CA ILE B 146 17.07 24.09 -6.48
C ILE B 146 16.15 24.72 -7.51
N ASP B 147 14.85 24.75 -7.23
CA ASP B 147 13.90 25.36 -8.17
C ASP B 147 14.18 26.85 -8.33
N ILE B 148 14.41 27.55 -7.22
CA ILE B 148 14.66 28.99 -7.30
C ILE B 148 15.91 29.26 -8.13
N ALA B 149 17.00 28.59 -7.80
CA ALA B 149 18.26 28.84 -8.50
C ALA B 149 18.17 28.41 -9.96
N ALA B 150 17.48 27.30 -10.24
CA ALA B 150 17.32 26.86 -11.62
C ALA B 150 16.52 27.88 -12.43
N ASP B 151 15.45 28.42 -11.86
CA ASP B 151 14.68 29.45 -12.56
C ASP B 151 15.56 30.67 -12.82
N TRP B 152 16.31 31.12 -11.81
CA TRP B 152 17.11 32.32 -11.97
C TRP B 152 18.19 32.13 -13.04
N MET B 153 18.89 31.00 -13.01
CA MET B 153 19.96 30.78 -13.98
C MET B 153 19.41 30.46 -15.37
N THR B 154 18.21 29.87 -15.44
CA THR B 154 17.59 29.67 -16.74
C THR B 154 17.22 31.01 -17.37
N ASP B 155 16.74 31.95 -16.56
CA ASP B 155 16.42 33.28 -17.09
C ASP B 155 17.68 34.06 -17.39
N LEU B 156 18.75 33.85 -16.63
CA LEU B 156 20.00 34.58 -16.84
C LEU B 156 20.56 34.38 -18.24
N LYS B 157 20.17 33.30 -18.92
CA LYS B 157 20.65 33.05 -20.27
C LYS B 157 20.13 34.05 -21.28
N GLU B 158 19.12 34.85 -20.94
CA GLU B 158 18.44 35.69 -21.90
C GLU B 158 18.48 37.17 -21.56
N GLY B 159 18.82 37.56 -20.34
CA GLY B 159 18.92 38.96 -20.00
C GLY B 159 19.30 39.15 -18.56
N ILE B 160 19.44 40.42 -18.18
CA ILE B 160 19.69 40.82 -16.81
C ILE B 160 18.67 41.89 -16.44
N CYS B 161 18.66 42.27 -15.16
CA CYS B 161 17.73 43.26 -14.65
C CYS B 161 18.54 44.36 -13.98
N LEU B 162 18.63 45.52 -14.64
CA LEU B 162 19.53 46.58 -14.16
C LEU B 162 19.15 47.04 -12.77
N SER B 163 17.85 47.22 -12.50
CA SER B 163 17.43 47.76 -11.21
C SER B 163 17.89 46.86 -10.07
N ALA B 164 17.73 45.55 -10.23
CA ALA B 164 18.17 44.59 -9.24
C ALA B 164 18.68 43.34 -9.95
N LEU B 165 19.95 43.00 -9.73
CA LEU B 165 20.60 41.92 -10.46
C LEU B 165 20.17 40.53 -9.99
N TRP B 166 19.44 40.42 -8.89
CA TRP B 166 19.06 39.13 -8.33
C TRP B 166 17.57 38.82 -8.49
N TYR B 167 16.90 39.48 -9.43
CA TYR B 167 15.54 39.15 -9.82
C TYR B 167 15.56 38.49 -11.20
N ASN B 168 14.72 37.48 -11.41
CA ASN B 168 14.68 36.76 -12.67
C ASN B 168 13.77 37.46 -13.65
N HIS B 169 13.53 36.83 -14.81
CA HIS B 169 12.77 37.47 -15.89
C HIS B 169 11.36 37.81 -15.44
N GLU B 170 10.64 36.81 -14.92
CA GLU B 170 9.24 37.03 -14.53
C GLU B 170 9.13 38.07 -13.43
N GLN B 171 10.02 38.02 -12.44
CA GLN B 171 9.92 38.93 -11.30
C GLN B 171 10.17 40.37 -11.71
N CYS B 172 11.16 40.63 -12.58
CA CYS B 172 11.41 42.00 -13.00
C CYS B 172 10.37 42.49 -13.99
N CYS B 173 9.87 41.61 -14.86
CA CYS B 173 8.78 42.01 -15.75
C CYS B 173 7.54 42.36 -14.95
N TRP B 174 7.26 41.60 -13.89
CA TRP B 174 6.10 41.85 -13.06
C TRP B 174 6.30 43.00 -12.09
N GLY B 175 7.56 43.40 -11.84
CA GLY B 175 7.85 44.45 -10.89
C GLY B 175 7.66 45.84 -11.48
N SER B 176 6.42 46.16 -11.86
CA SER B 176 6.11 47.47 -12.43
C SER B 176 4.61 47.70 -12.46
N LYS B 186 7.16 46.13 -22.81
CA LYS B 186 8.05 47.29 -22.90
C LYS B 186 8.54 47.68 -21.50
N CYS B 187 9.56 46.97 -21.02
CA CYS B 187 10.11 47.20 -19.70
C CYS B 187 11.57 47.66 -19.80
N PRO B 188 11.93 48.80 -19.17
CA PRO B 188 13.31 49.27 -19.25
C PRO B 188 14.23 48.65 -18.21
N GLN B 189 13.66 48.03 -17.17
CA GLN B 189 14.49 47.43 -16.13
C GLN B 189 15.16 46.15 -16.62
N TRP B 190 14.42 45.29 -17.30
CA TRP B 190 14.94 44.03 -17.81
C TRP B 190 15.52 44.27 -19.20
N LYS B 191 16.83 44.08 -19.33
CA LYS B 191 17.53 44.33 -20.59
C LYS B 191 18.20 43.05 -21.06
N THR B 192 18.02 42.73 -22.34
CA THR B 192 18.74 41.64 -22.95
C THR B 192 20.16 42.09 -23.29
N TRP B 193 21.01 41.11 -23.58
CA TRP B 193 22.43 41.40 -23.76
C TRP B 193 22.67 42.29 -24.99
N ALA B 194 21.89 42.06 -26.06
CA ALA B 194 22.10 42.82 -27.28
C ALA B 194 21.96 44.31 -27.04
N GLU B 195 20.94 44.71 -26.26
CA GLU B 195 20.77 46.12 -25.95
C GLU B 195 21.92 46.66 -25.12
N LEU B 196 22.57 45.79 -24.33
CA LEU B 196 23.69 46.24 -23.52
C LEU B 196 24.95 46.43 -24.34
N ILE B 197 25.18 45.58 -25.34
CA ILE B 197 26.45 45.61 -26.06
C ILE B 197 26.42 46.60 -27.22
N ILE B 198 25.40 46.57 -28.06
CA ILE B 198 25.37 47.43 -29.24
C ILE B 198 24.62 48.71 -28.94
N GLY B 199 23.70 48.66 -27.98
CA GLY B 199 22.86 49.80 -27.67
C GLY B 199 21.63 49.92 -28.53
N GLN B 200 21.40 48.99 -29.44
CA GLN B 200 20.19 48.96 -30.27
C GLN B 200 19.39 47.70 -29.95
N ALA B 201 18.08 47.87 -29.87
CA ALA B 201 17.19 46.79 -29.46
C ALA B 201 16.62 45.97 -30.61
N GLU B 202 16.85 46.39 -31.85
CA GLU B 202 16.34 45.68 -33.01
C GLU B 202 17.37 45.70 -34.12
N GLY B 203 17.22 44.77 -35.06
CA GLY B 203 18.11 44.64 -36.18
C GLY B 203 18.79 43.28 -36.21
N PRO B 204 19.44 42.96 -37.34
CA PRO B 204 20.16 41.68 -37.40
C PRO B 204 21.21 41.54 -36.30
N GLY B 205 21.89 42.65 -35.97
CA GLY B 205 22.95 42.58 -34.99
C GLY B 205 22.45 42.19 -33.61
N SER B 206 21.30 42.73 -33.21
CA SER B 206 20.76 42.42 -31.90
C SER B 206 20.41 40.93 -31.80
N TYR B 207 19.74 40.39 -32.81
CA TYR B 207 19.42 38.97 -32.81
C TYR B 207 20.67 38.12 -32.81
N ILE B 208 21.66 38.51 -33.62
CA ILE B 208 22.92 37.78 -33.66
C ILE B 208 23.56 37.74 -32.27
N MET B 209 23.65 38.89 -31.61
CA MET B 209 24.30 38.95 -30.31
C MET B 209 23.53 38.16 -29.27
N ASN B 210 22.20 38.24 -29.28
CA ASN B 210 21.41 37.49 -28.31
C ASN B 210 21.58 35.99 -28.53
N TYR B 211 21.58 35.56 -29.79
CA TYR B 211 21.80 34.16 -30.10
C TYR B 211 23.17 33.69 -29.61
N ILE B 212 24.21 34.48 -29.90
CA ILE B 212 25.55 34.11 -29.48
C ILE B 212 25.63 34.02 -27.96
N MET B 213 25.01 34.96 -27.26
CA MET B 213 25.11 34.98 -25.80
C MET B 213 24.29 33.86 -25.17
N TYR B 214 23.16 33.49 -25.78
CA TYR B 214 22.41 32.34 -25.31
C TYR B 214 23.25 31.08 -25.44
N ILE B 215 23.92 30.91 -26.59
CA ILE B 215 24.79 29.76 -26.77
C ILE B 215 25.92 29.79 -25.75
N PHE B 216 26.52 30.97 -25.54
CA PHE B 216 27.58 31.10 -24.55
C PHE B 216 27.12 30.68 -23.17
N TRP B 217 25.96 31.15 -22.74
CA TRP B 217 25.51 30.85 -21.39
C TRP B 217 25.17 29.38 -21.24
N ALA B 218 24.55 28.77 -22.26
CA ALA B 218 24.29 27.34 -22.21
C ALA B 218 25.59 26.56 -22.12
N LEU B 219 26.58 26.91 -22.95
CA LEU B 219 27.87 26.24 -22.91
C LEU B 219 28.52 26.37 -21.55
N SER B 220 28.53 27.58 -20.98
CA SER B 220 29.21 27.80 -19.71
C SER B 220 28.52 27.04 -18.59
N PHE B 221 27.19 27.06 -18.56
CA PHE B 221 26.47 26.34 -17.51
C PHE B 221 26.73 24.84 -17.61
N ALA B 222 26.61 24.29 -18.82
CA ALA B 222 26.85 22.86 -18.99
C ALA B 222 28.28 22.51 -18.64
N PHE B 223 29.25 23.33 -19.05
CA PHE B 223 30.64 23.08 -18.74
C PHE B 223 30.86 23.05 -17.23
N LEU B 224 30.36 24.07 -16.53
CA LEU B 224 30.58 24.14 -15.10
C LEU B 224 29.94 22.95 -14.40
N ALA B 225 28.71 22.59 -14.78
CA ALA B 225 28.04 21.48 -14.14
C ALA B 225 28.79 20.17 -14.38
N VAL B 226 29.16 19.89 -15.63
CA VAL B 226 29.80 18.61 -15.93
C VAL B 226 31.18 18.53 -15.28
N SER B 227 31.95 19.62 -15.34
CA SER B 227 33.27 19.61 -14.72
C SER B 227 33.17 19.45 -13.21
N LEU B 228 32.19 20.11 -12.59
CA LEU B 228 32.05 19.99 -11.15
C LEU B 228 31.65 18.58 -10.76
N VAL B 229 30.77 17.95 -11.54
CA VAL B 229 30.40 16.56 -11.28
C VAL B 229 31.63 15.67 -11.42
N LYS B 230 32.37 15.81 -12.52
CA LYS B 230 33.51 14.95 -12.79
C LYS B 230 34.57 15.10 -11.72
N VAL B 231 34.76 16.30 -11.20
CA VAL B 231 35.87 16.56 -10.29
C VAL B 231 35.49 16.21 -8.86
N PHE B 232 34.35 16.73 -8.38
CA PHE B 232 34.06 16.71 -6.95
C PHE B 232 33.16 15.57 -6.51
N ALA B 233 32.29 15.07 -7.39
CA ALA B 233 31.40 13.98 -7.02
C ALA B 233 30.91 13.27 -8.28
N PRO B 234 31.67 12.32 -8.82
CA PRO B 234 31.26 11.67 -10.07
C PRO B 234 29.95 10.91 -9.99
N TYR B 235 29.33 10.81 -8.81
CA TYR B 235 28.10 10.03 -8.68
C TYR B 235 26.85 10.86 -8.94
N ALA B 236 26.97 12.18 -9.08
CA ALA B 236 25.80 13.03 -9.26
C ALA B 236 25.17 12.89 -10.64
N CYS B 237 25.89 12.32 -11.60
CA CYS B 237 25.38 12.25 -12.96
C CYS B 237 24.14 11.37 -13.04
N GLY B 238 23.26 11.71 -13.97
CA GLY B 238 22.06 10.92 -14.22
C GLY B 238 20.96 11.19 -13.22
N SER B 239 19.78 10.66 -13.51
CA SER B 239 18.65 10.82 -12.62
C SER B 239 18.92 10.16 -11.27
N GLY B 240 19.58 9.02 -11.28
CA GLY B 240 19.91 8.32 -10.05
C GLY B 240 18.83 7.42 -9.51
N ILE B 241 17.74 7.22 -10.25
CA ILE B 241 16.68 6.31 -9.84
C ILE B 241 17.10 4.88 -10.14
N PRO B 242 17.69 4.59 -11.31
CA PRO B 242 18.14 3.22 -11.56
C PRO B 242 19.09 2.70 -10.49
N GLU B 243 19.94 3.56 -9.93
CA GLU B 243 20.86 3.16 -8.88
C GLU B 243 20.19 3.07 -7.52
N ILE B 244 19.21 3.93 -7.24
CA ILE B 244 18.57 3.92 -5.93
C ILE B 244 17.61 2.74 -5.81
N LYS B 245 17.07 2.28 -6.91
CA LYS B 245 16.22 1.12 -6.89
C LYS B 245 17.08 -0.04 -6.51
N THR B 246 18.28 -0.14 -7.07
CA THR B 246 19.24 -1.18 -6.71
C THR B 246 19.68 -1.06 -5.26
N ILE B 247 19.91 0.17 -4.79
CA ILE B 247 20.34 0.38 -3.41
C ILE B 247 19.27 -0.09 -2.44
N LEU B 248 18.01 0.24 -2.70
CA LEU B 248 16.92 -0.22 -1.85
C LEU B 248 16.66 -1.71 -2.01
N SER B 249 17.12 -2.32 -3.10
CA SER B 249 17.10 -3.76 -3.26
C SER B 249 18.18 -4.46 -2.42
N GLY B 250 19.07 -3.70 -1.79
CA GLY B 250 20.11 -4.25 -0.95
C GLY B 250 21.52 -3.90 -1.38
N PHE B 251 21.72 -3.41 -2.60
CA PHE B 251 23.04 -3.06 -3.08
C PHE B 251 23.67 -1.98 -2.22
N ILE B 252 25.00 -1.93 -2.24
CA ILE B 252 25.77 -0.91 -1.55
C ILE B 252 26.56 -0.12 -2.58
N ILE B 253 26.41 1.19 -2.56
CA ILE B 253 27.32 2.10 -3.26
C ILE B 253 27.74 3.13 -2.22
N ARG B 254 29.05 3.20 -1.94
CA ARG B 254 29.51 3.84 -0.72
C ARG B 254 29.13 5.32 -0.68
N GLY B 255 29.63 6.10 -1.63
CA GLY B 255 29.42 7.54 -1.62
C GLY B 255 28.21 8.02 -2.37
N TYR B 256 27.35 7.11 -2.84
CA TYR B 256 26.20 7.52 -3.63
C TYR B 256 25.29 8.47 -2.85
N LEU B 257 25.16 8.27 -1.54
CA LEU B 257 24.27 9.05 -0.71
C LEU B 257 25.04 9.75 0.40
N GLY B 258 26.22 10.27 0.07
CA GLY B 258 27.04 10.99 1.03
C GLY B 258 26.68 12.47 1.07
N LYS B 259 27.63 13.27 1.55
CA LYS B 259 27.44 14.72 1.64
C LYS B 259 28.06 15.47 0.47
N TRP B 260 29.17 14.98 -0.08
CA TRP B 260 29.71 15.58 -1.29
C TRP B 260 28.83 15.29 -2.50
N THR B 261 28.32 14.06 -2.59
CA THR B 261 27.42 13.73 -3.67
C THR B 261 26.17 14.59 -3.61
N LEU B 262 25.63 14.81 -2.41
CA LEU B 262 24.44 15.65 -2.29
C LEU B 262 24.71 17.09 -2.69
N MET B 263 25.79 17.67 -2.16
CA MET B 263 26.12 19.06 -2.49
C MET B 263 26.32 19.24 -3.98
N ILE B 264 27.16 18.39 -4.58
CA ILE B 264 27.46 18.52 -5.99
C ILE B 264 26.22 18.21 -6.83
N LYS B 265 25.40 17.25 -6.41
CA LYS B 265 24.17 16.96 -7.12
C LYS B 265 23.27 18.17 -7.15
N THR B 266 23.09 18.83 -5.99
CA THR B 266 22.24 20.01 -5.96
C THR B 266 22.77 21.10 -6.89
N ILE B 267 24.04 21.48 -6.72
CA ILE B 267 24.57 22.59 -7.49
C ILE B 267 24.58 22.27 -8.98
N THR B 268 25.07 21.08 -9.33
CA THR B 268 25.21 20.72 -10.73
C THR B 268 23.86 20.42 -11.37
N LEU B 269 22.86 20.02 -10.58
CA LEU B 269 21.53 19.83 -11.12
C LEU B 269 20.90 21.17 -11.45
N VAL B 270 21.05 22.15 -10.55
CA VAL B 270 20.63 23.51 -10.87
C VAL B 270 21.31 23.98 -12.15
N LEU B 271 22.63 23.79 -12.23
CA LEU B 271 23.38 24.32 -13.37
C LEU B 271 23.01 23.60 -14.66
N ALA B 272 22.75 22.29 -14.59
CA ALA B 272 22.38 21.53 -15.77
C ALA B 272 21.00 21.93 -16.28
N VAL B 273 20.03 22.08 -15.37
CA VAL B 273 18.71 22.52 -15.78
C VAL B 273 18.78 23.92 -16.39
N ALA B 274 19.59 24.79 -15.80
CA ALA B 274 19.78 26.12 -16.38
C ALA B 274 20.48 26.06 -17.74
N SER B 275 21.34 25.07 -17.95
CA SER B 275 22.14 25.03 -19.17
C SER B 275 21.26 24.96 -20.41
N GLY B 276 20.10 24.35 -20.29
CA GLY B 276 19.18 24.24 -21.41
C GLY B 276 19.19 22.86 -22.05
N LEU B 277 19.90 21.93 -21.44
CA LEU B 277 19.91 20.56 -21.94
C LEU B 277 18.52 19.94 -21.83
N SER B 278 18.24 19.03 -22.75
CA SER B 278 16.94 18.34 -22.76
C SER B 278 16.96 17.33 -21.63
N LEU B 279 16.81 17.83 -20.41
CA LEU B 279 16.79 17.01 -19.22
C LEU B 279 15.89 17.68 -18.19
N GLY B 280 15.74 17.04 -17.04
CA GLY B 280 14.82 17.52 -16.02
C GLY B 280 15.43 17.65 -14.65
N LYS B 281 14.59 17.97 -13.67
CA LYS B 281 15.04 18.16 -12.29
C LYS B 281 14.10 17.50 -11.29
N GLU B 282 13.14 16.70 -11.76
CA GLU B 282 12.16 16.09 -10.87
C GLU B 282 12.50 14.64 -10.55
N GLY B 283 13.07 13.90 -11.49
CA GLY B 283 13.59 12.59 -11.22
C GLY B 283 14.79 12.62 -10.30
N PRO B 284 15.73 13.53 -10.57
CA PRO B 284 16.92 13.64 -9.71
C PRO B 284 16.61 14.04 -8.28
N LEU B 285 15.46 14.64 -8.00
CA LEU B 285 15.14 14.98 -6.61
C LEU B 285 14.92 13.75 -5.76
N VAL B 286 14.62 12.60 -6.37
CA VAL B 286 14.58 11.35 -5.62
C VAL B 286 15.96 11.06 -5.04
N HIS B 287 17.00 11.28 -5.85
CA HIS B 287 18.36 11.06 -5.37
C HIS B 287 18.73 12.05 -4.28
N VAL B 288 18.30 13.30 -4.40
CA VAL B 288 18.58 14.28 -3.36
C VAL B 288 17.88 13.89 -2.06
N ALA B 289 16.62 13.44 -2.16
CA ALA B 289 15.89 13.03 -0.96
C ALA B 289 16.55 11.82 -0.31
N CYS B 290 17.02 10.86 -1.12
CA CYS B 290 17.69 9.69 -0.55
C CYS B 290 19.04 10.07 0.06
N CYS B 291 19.74 11.03 -0.56
CA CYS B 291 20.97 11.54 0.04
C CYS B 291 20.68 12.15 1.41
N CYS B 292 19.60 12.92 1.50
CA CYS B 292 19.22 13.52 2.78
C CYS B 292 18.89 12.45 3.80
N GLY B 293 18.16 11.42 3.37
CA GLY B 293 17.84 10.33 4.29
C GLY B 293 19.07 9.63 4.80
N ASN B 294 20.01 9.33 3.90
CA ASN B 294 21.26 8.67 4.31
C ASN B 294 22.04 9.55 5.28
N ILE B 295 22.13 10.85 4.99
CA ILE B 295 22.89 11.75 5.87
C ILE B 295 22.24 11.84 7.23
N PHE B 296 20.91 11.94 7.27
CA PHE B 296 20.21 12.10 8.54
C PHE B 296 20.13 10.80 9.32
N SER B 297 20.29 9.65 8.66
CA SER B 297 20.35 8.39 9.38
C SER B 297 21.56 8.34 10.29
N TYR B 298 22.70 8.88 9.84
CA TYR B 298 23.94 8.80 10.60
C TYR B 298 23.85 9.52 11.94
N LEU B 299 22.86 10.39 12.13
CA LEU B 299 22.71 11.06 13.43
C LEU B 299 22.19 10.13 14.51
N PHE B 300 21.70 8.95 14.14
CA PHE B 300 21.19 7.97 15.10
C PHE B 300 21.99 6.67 14.98
N PRO B 301 22.58 6.16 16.05
CA PRO B 301 23.28 4.87 15.95
C PRO B 301 22.36 3.73 15.55
N LYS B 302 21.05 3.88 15.78
CA LYS B 302 20.11 2.83 15.40
C LYS B 302 20.17 2.53 13.91
N TYR B 303 20.38 3.56 13.08
CA TYR B 303 20.36 3.40 11.63
C TYR B 303 21.74 3.43 11.00
N SER B 304 22.73 4.05 11.65
CA SER B 304 24.06 4.11 11.06
C SER B 304 24.67 2.72 10.92
N THR B 305 24.64 1.92 11.98
CA THR B 305 25.26 0.60 11.94
C THR B 305 24.45 -0.37 11.10
N ASN B 306 23.13 -0.40 11.30
CA ASN B 306 22.28 -1.30 10.53
C ASN B 306 22.09 -0.77 9.11
N GLU B 307 21.82 -1.69 8.19
CA GLU B 307 21.62 -1.35 6.78
C GLU B 307 20.17 -1.49 6.35
N ALA B 308 19.48 -2.54 6.78
CA ALA B 308 18.08 -2.70 6.39
C ALA B 308 17.23 -1.55 6.92
N LYS B 309 17.50 -1.11 8.15
CA LYS B 309 16.83 0.07 8.67
C LYS B 309 17.13 1.28 7.80
N LYS B 310 18.39 1.41 7.36
CA LYS B 310 18.73 2.47 6.42
C LYS B 310 17.96 2.33 5.12
N ARG B 311 17.74 1.10 4.67
CA ARG B 311 16.97 0.90 3.44
C ARG B 311 15.52 1.33 3.63
N GLU B 312 14.96 1.08 4.81
CA GLU B 312 13.60 1.57 5.08
C GLU B 312 13.56 3.09 5.07
N VAL B 313 14.56 3.72 5.71
CA VAL B 313 14.62 5.18 5.74
C VAL B 313 14.75 5.74 4.33
N LEU B 314 15.58 5.13 3.50
CA LEU B 314 15.75 5.59 2.14
C LEU B 314 14.50 5.31 1.30
N SER B 315 13.76 4.25 1.61
CA SER B 315 12.49 4.02 0.93
C SER B 315 11.51 5.13 1.22
N ALA B 316 11.45 5.57 2.49
CA ALA B 316 10.63 6.73 2.83
C ALA B 316 11.15 7.99 2.13
N ALA B 317 12.47 8.13 2.06
CA ALA B 317 13.07 9.30 1.43
C ALA B 317 12.77 9.37 -0.06
N SER B 318 12.71 8.23 -0.74
CA SER B 318 12.35 8.23 -2.15
C SER B 318 10.92 8.72 -2.35
N ALA B 319 10.02 8.29 -1.47
CA ALA B 319 8.64 8.80 -1.53
C ALA B 319 8.62 10.30 -1.30
N ALA B 320 9.38 10.78 -0.31
CA ALA B 320 9.45 12.22 -0.07
C ALA B 320 10.00 12.96 -1.28
N GLY B 321 11.03 12.39 -1.92
CA GLY B 321 11.62 13.04 -3.08
C GLY B 321 10.67 13.11 -4.25
N VAL B 322 9.94 12.02 -4.51
CA VAL B 322 8.98 12.05 -5.60
C VAL B 322 7.85 13.02 -5.29
N SER B 323 7.40 13.05 -4.03
CA SER B 323 6.38 14.00 -3.63
C SER B 323 6.83 15.43 -3.91
N VAL B 324 8.00 15.80 -3.42
CA VAL B 324 8.47 17.17 -3.61
C VAL B 324 8.72 17.45 -5.08
N ALA B 325 9.15 16.45 -5.84
CA ALA B 325 9.36 16.62 -7.27
C ALA B 325 8.07 16.97 -7.99
N PHE B 326 6.99 16.24 -7.68
CA PHE B 326 5.70 16.47 -8.32
C PHE B 326 4.67 17.10 -7.40
N GLY B 327 5.02 17.39 -6.15
CA GLY B 327 4.05 17.93 -5.22
C GLY B 327 2.89 16.99 -4.97
N ALA B 328 3.11 15.68 -5.05
CA ALA B 328 2.06 14.68 -4.96
C ALA B 328 2.42 13.70 -3.85
N PRO B 329 2.00 13.97 -2.61
CA PRO B 329 2.31 13.03 -1.52
C PRO B 329 1.83 11.60 -1.79
N ILE B 330 0.55 11.43 -2.09
CA ILE B 330 0.04 10.08 -2.34
C ILE B 330 0.69 9.49 -3.58
N GLY B 331 0.83 10.30 -4.63
CA GLY B 331 1.51 9.82 -5.83
C GLY B 331 2.96 9.45 -5.55
N GLY B 332 3.64 10.26 -4.74
CA GLY B 332 5.02 9.92 -4.39
C GLY B 332 5.13 8.63 -3.62
N VAL B 333 4.22 8.40 -2.67
CA VAL B 333 4.26 7.17 -1.89
C VAL B 333 3.95 5.97 -2.77
N LEU B 334 2.98 6.11 -3.68
CA LEU B 334 2.68 5.02 -4.59
C LEU B 334 3.86 4.73 -5.51
N PHE B 335 4.54 5.78 -5.99
CA PHE B 335 5.73 5.60 -6.80
C PHE B 335 6.81 4.86 -6.02
N SER B 336 7.01 5.25 -4.76
CA SER B 336 7.99 4.56 -3.92
C SER B 336 7.66 3.08 -3.78
N LEU B 337 6.42 2.78 -3.42
CA LEU B 337 6.03 1.37 -3.26
C LEU B 337 6.19 0.59 -4.55
N GLU B 338 5.87 1.21 -5.68
CA GLU B 338 5.85 0.53 -6.96
C GLU B 338 7.22 0.56 -7.64
N GLU B 339 7.74 1.75 -7.90
CA GLU B 339 9.00 1.86 -8.64
C GLU B 339 10.27 1.73 -7.86
N VAL B 340 10.40 2.39 -6.73
CA VAL B 340 11.69 2.47 -6.05
C VAL B 340 11.76 1.50 -4.88
N SER B 341 10.86 1.64 -3.91
CA SER B 341 10.92 0.80 -2.72
C SER B 341 10.81 -0.67 -3.11
N TYR B 342 11.70 -1.47 -2.54
CA TYR B 342 11.76 -2.90 -2.83
C TYR B 342 11.31 -3.76 -1.66
N TYR B 343 11.76 -3.46 -0.45
CA TYR B 343 11.36 -4.20 0.74
C TYR B 343 10.38 -3.36 1.55
N PHE B 344 9.28 -3.98 1.97
CA PHE B 344 8.13 -3.26 2.51
C PHE B 344 7.63 -4.02 3.74
N PRO B 345 8.00 -3.59 4.94
CA PRO B 345 7.47 -4.21 6.16
C PRO B 345 6.00 -3.95 6.39
N LEU B 346 5.34 -3.17 5.53
CA LEU B 346 3.93 -2.80 5.61
C LEU B 346 3.63 -1.85 6.76
N LYS B 347 4.64 -1.44 7.53
CA LYS B 347 4.47 -0.42 8.56
C LYS B 347 5.06 0.92 8.14
N THR B 348 6.12 0.90 7.33
CA THR B 348 6.77 2.13 6.89
C THR B 348 5.91 2.94 5.92
N LEU B 349 4.82 2.36 5.39
CA LEU B 349 3.95 3.14 4.52
C LEU B 349 3.48 4.41 5.21
N TRP B 350 3.24 4.34 6.51
CA TRP B 350 2.94 5.55 7.26
C TRP B 350 4.16 6.47 7.28
N ARG B 351 5.35 5.90 7.42
CA ARG B 351 6.55 6.73 7.38
C ARG B 351 6.73 7.37 6.01
N SER B 352 6.50 6.60 4.95
CA SER B 352 6.61 7.17 3.60
C SER B 352 5.59 8.28 3.38
N PHE B 353 4.35 8.06 3.79
CA PHE B 353 3.33 9.10 3.63
C PHE B 353 3.66 10.33 4.44
N PHE B 354 4.14 10.15 5.67
CA PHE B 354 4.51 11.30 6.50
C PHE B 354 5.68 12.05 5.88
N ALA B 355 6.67 11.33 5.36
CA ALA B 355 7.80 11.99 4.70
C ALA B 355 7.33 12.80 3.51
N ALA B 356 6.46 12.21 2.69
CA ALA B 356 5.94 12.92 1.52
C ALA B 356 5.14 14.16 1.93
N LEU B 357 4.30 14.02 2.95
CA LEU B 357 3.51 15.15 3.41
C LEU B 357 4.41 16.27 3.93
N VAL B 358 5.43 15.92 4.71
CA VAL B 358 6.32 16.93 5.26
C VAL B 358 7.10 17.61 4.15
N ALA B 359 7.58 16.84 3.17
CA ALA B 359 8.31 17.43 2.05
C ALA B 359 7.42 18.41 1.28
N ALA B 360 6.19 18.00 1.00
CA ALA B 360 5.27 18.88 0.29
C ALA B 360 4.96 20.13 1.10
N PHE B 361 4.77 19.97 2.41
CA PHE B 361 4.50 21.13 3.27
C PHE B 361 5.66 22.12 3.25
N VAL B 362 6.88 21.61 3.36
CA VAL B 362 8.04 22.50 3.40
C VAL B 362 8.24 23.16 2.04
N LEU B 363 7.97 22.43 0.95
CA LEU B 363 8.10 23.01 -0.37
C LEU B 363 7.07 24.11 -0.60
N ARG B 364 5.83 23.88 -0.17
CA ARG B 364 4.77 24.87 -0.38
C ARG B 364 5.11 26.17 0.34
N SER B 365 5.72 26.09 1.52
CA SER B 365 6.10 27.28 2.26
C SER B 365 7.19 28.08 1.56
N ILE B 366 7.84 27.53 0.54
CA ILE B 366 8.89 28.25 -0.20
C ILE B 366 8.17 29.02 -1.29
N ASN B 367 7.68 30.20 -0.93
CA ASN B 367 7.00 31.10 -1.87
C ASN B 367 7.20 32.53 -1.40
N PRO B 368 8.44 33.02 -1.40
CA PRO B 368 8.68 34.39 -0.92
C PRO B 368 7.94 35.45 -1.71
N PHE B 369 7.77 35.26 -3.02
CA PHE B 369 7.21 36.28 -3.90
C PHE B 369 5.75 36.01 -4.27
N GLY B 370 5.08 35.12 -3.55
CA GLY B 370 3.66 34.88 -3.77
C GLY B 370 3.30 34.27 -5.10
N ASN B 371 4.07 33.28 -5.55
CA ASN B 371 3.70 32.54 -6.75
C ASN B 371 2.41 31.76 -6.52
N SER B 372 1.57 31.70 -7.54
CA SER B 372 0.28 31.04 -7.46
C SER B 372 0.31 29.59 -7.92
N ARG B 373 1.45 29.07 -8.34
CA ARG B 373 1.58 27.71 -8.83
C ARG B 373 2.21 26.81 -7.77
N LEU B 374 1.61 25.65 -7.56
CA LEU B 374 2.22 24.64 -6.69
C LEU B 374 3.56 24.17 -7.26
N VAL B 375 3.65 24.00 -8.58
CA VAL B 375 4.88 23.64 -9.26
C VAL B 375 5.01 24.53 -10.49
N LEU B 376 6.23 24.60 -11.02
CA LEU B 376 6.47 25.45 -12.18
C LEU B 376 5.75 24.97 -13.42
N PHE B 377 5.22 23.73 -13.41
CA PHE B 377 4.46 23.19 -14.52
C PHE B 377 3.08 22.78 -14.03
N TYR B 378 2.45 23.66 -13.26
CA TYR B 378 1.15 23.41 -12.65
C TYR B 378 0.04 24.04 -13.48
N VAL B 379 -1.03 23.27 -13.70
CA VAL B 379 -2.22 23.76 -14.39
C VAL B 379 -3.40 22.94 -13.92
N GLU B 380 -4.59 23.54 -13.94
CA GLU B 380 -5.82 22.89 -13.55
C GLU B 380 -6.85 23.03 -14.65
N TYR B 381 -7.84 22.12 -14.66
CA TYR B 381 -8.82 22.05 -15.73
C TYR B 381 -10.22 22.00 -15.16
N HIS B 382 -11.12 22.77 -15.77
CA HIS B 382 -12.53 22.77 -15.39
C HIS B 382 -13.40 22.77 -16.64
N THR B 383 -13.03 21.95 -17.62
CA THR B 383 -13.71 21.83 -18.90
C THR B 383 -14.12 20.38 -19.11
N PRO B 384 -15.12 20.14 -19.96
CA PRO B 384 -15.60 18.76 -20.14
C PRO B 384 -14.77 17.96 -21.13
N TRP B 385 -15.02 16.65 -21.18
CA TRP B 385 -14.46 15.80 -22.21
C TRP B 385 -15.54 14.84 -22.68
N TYR B 386 -15.53 14.53 -23.97
CA TYR B 386 -16.58 13.74 -24.60
C TYR B 386 -16.06 12.33 -24.87
N LEU B 387 -17.00 11.42 -25.13
CA LEU B 387 -16.63 10.04 -25.40
C LEU B 387 -15.87 9.90 -26.70
N PHE B 388 -16.20 10.69 -27.72
CA PHE B 388 -15.48 10.60 -28.97
C PHE B 388 -14.03 11.06 -28.83
N GLU B 389 -13.73 11.88 -27.83
CA GLU B 389 -12.35 12.24 -27.53
C GLU B 389 -11.59 11.12 -26.86
N LEU B 390 -12.23 9.99 -26.57
CA LEU B 390 -11.52 8.83 -26.05
C LEU B 390 -10.80 8.06 -27.14
N PHE B 391 -11.11 8.32 -28.41
CA PHE B 391 -10.40 7.68 -29.51
C PHE B 391 -8.97 8.19 -29.59
N PRO B 392 -8.75 9.51 -29.73
CA PRO B 392 -7.37 9.99 -29.78
C PRO B 392 -6.65 9.99 -28.44
N PHE B 393 -7.38 10.04 -27.32
CA PHE B 393 -6.73 9.80 -26.04
C PHE B 393 -6.09 8.43 -26.01
N ILE B 394 -6.75 7.43 -26.61
CA ILE B 394 -6.11 6.14 -26.84
C ILE B 394 -4.96 6.29 -27.83
N LEU B 395 -5.16 7.07 -28.90
CA LEU B 395 -4.12 7.24 -29.90
C LEU B 395 -2.86 7.83 -29.29
N LEU B 396 -3.01 8.85 -28.45
CA LEU B 396 -1.86 9.38 -27.75
C LEU B 396 -1.18 8.28 -26.93
N GLY B 397 -1.97 7.46 -26.26
CA GLY B 397 -1.39 6.32 -25.57
C GLY B 397 -0.55 5.48 -26.51
N VAL B 398 -1.08 5.19 -27.70
CA VAL B 398 -0.30 4.46 -28.69
C VAL B 398 1.02 5.18 -28.94
N PHE B 399 0.96 6.49 -29.17
CA PHE B 399 2.18 7.28 -29.29
C PHE B 399 3.05 7.07 -28.06
N GLY B 400 2.48 7.28 -26.87
CA GLY B 400 3.24 7.10 -25.65
C GLY B 400 3.84 5.72 -25.53
N GLY B 401 3.24 4.73 -26.19
CA GLY B 401 3.82 3.40 -26.18
C GLY B 401 4.94 3.23 -27.18
N LEU B 402 4.80 3.80 -28.37
CA LEU B 402 5.87 3.66 -29.36
C LEU B 402 7.08 4.48 -28.96
N TRP B 403 6.89 5.77 -28.70
CA TRP B 403 8.02 6.61 -28.33
C TRP B 403 8.76 6.02 -27.14
N GLY B 404 8.03 5.69 -26.08
CA GLY B 404 8.63 4.99 -24.95
C GLY B 404 9.46 3.84 -25.45
N ALA B 405 8.83 2.91 -26.18
CA ALA B 405 9.58 1.77 -26.71
C ALA B 405 10.73 2.22 -27.59
N PHE B 406 10.51 3.26 -28.39
CA PHE B 406 11.59 3.85 -29.16
C PHE B 406 12.71 4.33 -28.24
N PHE B 407 12.36 5.14 -27.24
CA PHE B 407 13.39 5.76 -26.41
C PHE B 407 14.30 4.70 -25.79
N ILE B 408 13.70 3.73 -25.11
CA ILE B 408 14.49 2.70 -24.44
C ILE B 408 15.35 1.98 -25.47
N ARG B 409 14.84 1.81 -26.68
CA ARG B 409 15.65 1.22 -27.75
C ARG B 409 16.78 2.16 -28.14
N ALA B 410 16.47 3.43 -28.39
CA ALA B 410 17.47 4.35 -28.93
C ALA B 410 18.42 4.85 -27.85
N ASN B 411 17.90 5.17 -26.66
CA ASN B 411 18.77 5.68 -25.62
C ASN B 411 19.75 4.61 -25.15
N ILE B 412 19.25 3.42 -24.81
CA ILE B 412 20.11 2.35 -24.33
C ILE B 412 21.22 2.10 -25.34
N ALA B 413 20.85 1.89 -26.60
CA ALA B 413 21.84 1.75 -27.65
C ALA B 413 22.90 2.84 -27.55
N TRP B 414 22.46 4.10 -27.55
CA TRP B 414 23.42 5.20 -27.44
C TRP B 414 24.24 5.08 -26.18
N CYS B 415 23.58 4.86 -25.04
CA CYS B 415 24.33 4.69 -23.80
C CYS B 415 25.32 3.54 -23.94
N ARG B 416 24.90 2.46 -24.61
CA ARG B 416 25.82 1.37 -24.88
C ARG B 416 27.03 1.86 -25.66
N ARG B 417 26.79 2.60 -26.75
CA ARG B 417 27.89 3.16 -27.52
C ARG B 417 28.69 4.14 -26.68
N ARG B 418 28.07 4.73 -25.66
CA ARG B 418 28.80 5.67 -24.81
C ARG B 418 29.85 4.97 -23.97
N LYS B 419 29.82 3.63 -23.93
CA LYS B 419 30.80 2.87 -23.18
C LYS B 419 31.73 2.06 -24.08
N SER B 420 31.33 1.77 -25.31
CA SER B 420 32.09 0.96 -26.24
C SER B 420 32.72 1.82 -27.34
N THR B 421 33.13 3.03 -26.97
CA THR B 421 33.73 3.96 -27.92
C THR B 421 34.54 4.98 -27.13
N LYS B 422 35.42 5.70 -27.83
CA LYS B 422 36.23 6.71 -27.16
C LYS B 422 35.38 7.87 -26.66
N PHE B 423 34.11 7.94 -27.07
CA PHE B 423 33.22 8.98 -26.57
C PHE B 423 33.16 8.97 -25.05
N GLY B 424 33.34 7.80 -24.44
CA GLY B 424 33.31 7.70 -22.99
C GLY B 424 34.53 8.26 -22.31
N LYS B 425 35.65 8.36 -23.02
CA LYS B 425 36.87 8.95 -22.48
C LYS B 425 36.83 10.46 -22.42
N TYR B 426 35.84 11.09 -23.05
CA TYR B 426 35.73 12.55 -23.11
C TYR B 426 34.32 12.93 -22.70
N PRO B 427 34.00 12.79 -21.41
CA PRO B 427 32.64 13.15 -20.97
C PRO B 427 32.41 14.65 -20.92
N VAL B 428 33.41 15.43 -20.52
CA VAL B 428 33.26 16.87 -20.50
C VAL B 428 33.06 17.40 -21.92
N LEU B 429 33.84 16.89 -22.87
CA LEU B 429 33.62 17.28 -24.26
C LEU B 429 32.27 16.81 -24.77
N GLU B 430 31.83 15.63 -24.31
CA GLU B 430 30.51 15.15 -24.68
C GLU B 430 29.43 16.15 -24.26
N VAL B 431 29.49 16.59 -23.01
CA VAL B 431 28.47 17.52 -22.52
C VAL B 431 28.60 18.87 -23.22
N ILE B 432 29.84 19.31 -23.48
CA ILE B 432 30.03 20.57 -24.20
C ILE B 432 29.35 20.50 -25.56
N ILE B 433 29.61 19.45 -26.32
CA ILE B 433 29.07 19.34 -27.67
C ILE B 433 27.56 19.21 -27.63
N VAL B 434 27.04 18.40 -26.70
CA VAL B 434 25.59 18.20 -26.65
C VAL B 434 24.89 19.50 -26.27
N ALA B 435 25.39 20.20 -25.26
CA ALA B 435 24.79 21.46 -24.85
C ALA B 435 24.89 22.50 -25.95
N ALA B 436 26.04 22.56 -26.65
CA ALA B 436 26.20 23.50 -27.73
C ALA B 436 25.22 23.24 -28.85
N ILE B 437 25.06 21.97 -29.25
CA ILE B 437 24.12 21.64 -30.32
C ILE B 437 22.70 21.97 -29.87
N THR B 438 22.36 21.62 -28.63
CA THR B 438 21.01 21.91 -28.14
C THR B 438 20.73 23.40 -28.17
N ALA B 439 21.66 24.22 -27.66
CA ALA B 439 21.44 25.66 -27.65
C ALA B 439 21.40 26.24 -29.05
N VAL B 440 22.24 25.71 -29.95
CA VAL B 440 22.29 26.20 -31.32
C VAL B 440 20.98 25.93 -32.04
N ILE B 441 20.42 24.73 -31.87
CA ILE B 441 19.24 24.33 -32.62
C ILE B 441 17.96 24.36 -31.78
N ALA B 442 18.02 24.88 -30.56
CA ALA B 442 16.82 25.09 -29.75
C ALA B 442 16.43 26.56 -29.63
N PHE B 443 17.33 27.47 -29.98
CA PHE B 443 17.05 28.90 -29.88
C PHE B 443 16.12 29.36 -30.99
N PRO B 444 16.38 28.99 -32.25
CA PRO B 444 15.55 29.53 -33.34
C PRO B 444 14.06 29.26 -33.15
N ASN B 445 13.68 28.09 -32.65
CA ASN B 445 12.28 27.76 -32.47
C ASN B 445 11.82 28.21 -31.09
N PRO B 446 10.83 29.10 -30.99
CA PRO B 446 10.49 29.65 -29.66
C PRO B 446 9.99 28.62 -28.67
N TYR B 447 9.47 27.48 -29.13
CA TYR B 447 8.95 26.48 -28.19
C TYR B 447 10.07 25.72 -27.51
N THR B 448 11.18 25.48 -28.21
CA THR B 448 12.32 24.81 -27.62
C THR B 448 13.25 25.78 -26.88
N ARG B 449 13.26 27.06 -27.25
CA ARG B 449 14.05 28.03 -26.50
C ARG B 449 13.55 28.22 -25.08
N LEU B 450 12.29 27.89 -24.81
CA LEU B 450 11.73 28.06 -23.48
C LEU B 450 12.14 26.91 -22.57
N ASN B 451 12.23 27.20 -21.28
CA ASN B 451 12.54 26.18 -20.30
C ASN B 451 11.50 25.07 -20.40
N THR B 452 11.97 23.82 -20.36
CA THR B 452 11.08 22.69 -20.62
C THR B 452 9.91 22.68 -19.65
N SER B 453 10.11 23.13 -18.42
CA SER B 453 8.99 23.26 -17.49
C SER B 453 8.02 24.34 -17.94
N GLU B 454 8.55 25.48 -18.40
CA GLU B 454 7.68 26.50 -18.99
C GLU B 454 6.96 25.96 -20.23
N LEU B 455 7.65 25.16 -21.03
CA LEU B 455 6.99 24.55 -22.19
C LEU B 455 5.85 23.66 -21.76
N ILE B 456 6.05 22.85 -20.72
CA ILE B 456 4.99 21.98 -20.23
C ILE B 456 3.84 22.82 -19.67
N LYS B 457 4.17 23.95 -19.05
CA LYS B 457 3.13 24.82 -18.50
C LYS B 457 2.27 25.44 -19.59
N GLU B 458 2.89 26.02 -20.62
CA GLU B 458 2.13 26.54 -21.75
C GLU B 458 1.42 25.46 -22.54
N LEU B 459 1.92 24.23 -22.54
CA LEU B 459 1.21 23.16 -23.22
C LEU B 459 0.01 22.67 -22.43
N PHE B 460 0.00 22.92 -21.12
CA PHE B 460 -1.14 22.55 -20.27
C PHE B 460 -2.20 23.63 -20.19
N THR B 461 -1.94 24.83 -20.71
CA THR B 461 -2.82 25.97 -20.54
C THR B 461 -3.61 26.18 -21.83
N ASP B 462 -4.93 26.30 -21.70
CA ASP B 462 -5.79 26.54 -22.85
C ASP B 462 -5.69 28.00 -23.29
N CYS B 463 -6.00 28.24 -24.57
CA CYS B 463 -5.91 29.57 -25.15
C CYS B 463 -6.93 30.50 -24.53
N GLY B 464 -6.46 31.54 -23.84
CA GLY B 464 -7.34 32.53 -23.25
C GLY B 464 -7.64 33.67 -24.22
N PRO B 465 -8.64 34.47 -23.91
CA PRO B 465 -8.97 35.60 -24.80
C PRO B 465 -7.83 36.58 -24.99
N LEU B 466 -7.02 36.81 -23.95
CA LEU B 466 -5.94 37.78 -24.02
C LEU B 466 -4.70 37.25 -24.72
N GLU B 467 -4.61 35.95 -24.95
CA GLU B 467 -3.42 35.37 -25.55
C GLU B 467 -3.34 35.73 -27.03
N SER B 468 -2.19 36.30 -27.43
CA SER B 468 -1.95 36.62 -28.83
C SER B 468 -0.68 35.95 -29.34
N SER B 469 -0.14 34.95 -28.64
CA SER B 469 1.07 34.27 -29.06
C SER B 469 0.79 33.43 -30.31
N SER B 470 1.88 32.94 -30.91
CA SER B 470 1.74 32.08 -32.08
C SER B 470 1.02 30.79 -31.75
N LEU B 471 1.03 30.36 -30.49
CA LEU B 471 0.34 29.14 -30.10
C LEU B 471 -1.17 29.28 -30.17
N CYS B 472 -1.70 30.50 -30.09
CA CYS B 472 -3.14 30.74 -30.02
C CYS B 472 -3.54 31.90 -30.91
N ASP B 473 -3.02 31.91 -32.14
CA ASP B 473 -3.38 32.94 -33.12
C ASP B 473 -4.65 32.51 -33.84
N TYR B 474 -5.76 33.12 -33.43
CA TYR B 474 -7.06 32.90 -34.04
C TYR B 474 -7.65 34.22 -34.52
N ARG B 475 -8.41 34.16 -35.60
CA ARG B 475 -9.02 35.35 -36.18
C ARG B 475 -9.84 36.09 -35.13
N ILE B 487 -20.48 29.80 -35.33
CA ILE B 487 -19.78 28.53 -35.39
C ILE B 487 -19.26 28.19 -33.99
N PRO B 488 -19.42 26.92 -33.55
CA PRO B 488 -18.97 26.56 -32.20
C PRO B 488 -17.49 26.86 -31.96
N ASP B 489 -16.67 26.60 -32.97
CA ASP B 489 -15.23 26.77 -32.85
C ASP B 489 -14.83 28.19 -33.27
N ARG B 490 -13.53 28.42 -33.43
CA ARG B 490 -13.00 29.74 -33.75
C ARG B 490 -12.22 29.68 -35.06
N PRO B 491 -12.41 30.65 -35.96
CA PRO B 491 -11.63 30.65 -37.20
C PRO B 491 -10.14 30.86 -36.95
N ALA B 492 -9.33 30.31 -37.84
CA ALA B 492 -7.89 30.31 -37.70
C ALA B 492 -7.23 30.88 -38.95
N GLY B 493 -6.06 31.49 -38.77
CA GLY B 493 -5.28 32.05 -39.84
C GLY B 493 -3.99 31.30 -40.06
N VAL B 494 -3.02 31.99 -40.67
CA VAL B 494 -1.71 31.39 -40.91
C VAL B 494 -1.01 31.08 -39.59
N GLY B 495 -1.42 31.75 -38.51
CA GLY B 495 -0.76 31.54 -37.23
C GLY B 495 -0.83 30.11 -36.75
N VAL B 496 -2.00 29.47 -36.90
CA VAL B 496 -2.15 28.10 -36.43
C VAL B 496 -1.34 27.14 -37.31
N TYR B 497 -1.34 27.39 -38.62
CA TYR B 497 -0.51 26.59 -39.52
C TYR B 497 0.95 26.64 -39.08
N SER B 498 1.46 27.85 -38.84
CA SER B 498 2.84 27.99 -38.38
C SER B 498 3.03 27.37 -37.01
N ALA B 499 2.03 27.45 -36.14
CA ALA B 499 2.16 26.88 -34.80
C ALA B 499 2.31 25.36 -34.86
N ILE B 500 1.51 24.70 -35.69
CA ILE B 500 1.67 23.26 -35.88
C ILE B 500 3.03 22.96 -36.50
N TRP B 501 3.43 23.75 -37.50
CA TRP B 501 4.74 23.56 -38.10
C TRP B 501 5.84 23.60 -37.04
N GLN B 502 5.76 24.57 -36.12
CA GLN B 502 6.79 24.74 -35.12
C GLN B 502 6.73 23.66 -34.05
N LEU B 503 5.53 23.26 -33.65
CA LEU B 503 5.40 22.21 -32.63
C LEU B 503 5.91 20.88 -33.14
N CYS B 504 5.74 20.62 -34.44
CA CYS B 504 6.29 19.38 -35.01
C CYS B 504 7.80 19.35 -34.88
N LEU B 505 8.46 20.46 -35.24
CA LEU B 505 9.92 20.52 -35.10
C LEU B 505 10.33 20.44 -33.63
N ALA B 506 9.56 21.07 -32.74
CA ALA B 506 9.87 20.97 -31.32
C ALA B 506 9.80 19.53 -30.84
N LEU B 507 8.77 18.80 -31.27
CA LEU B 507 8.64 17.40 -30.86
C LEU B 507 9.79 16.57 -31.39
N ILE B 508 10.11 16.71 -32.68
CA ILE B 508 11.21 15.96 -33.26
C ILE B 508 12.52 16.28 -32.53
N PHE B 509 12.76 17.57 -32.29
CA PHE B 509 13.97 18.01 -31.63
C PHE B 509 14.09 17.41 -30.23
N LYS B 510 13.01 17.48 -29.44
CA LYS B 510 13.07 16.95 -28.09
C LYS B 510 13.24 15.45 -28.10
N ILE B 511 12.52 14.75 -28.98
CA ILE B 511 12.66 13.30 -29.05
C ILE B 511 14.09 12.92 -29.36
N ILE B 512 14.70 13.59 -30.34
CA ILE B 512 16.05 13.21 -30.76
C ILE B 512 17.06 13.59 -29.70
N MET B 513 16.91 14.77 -29.09
CA MET B 513 17.91 15.24 -28.14
C MET B 513 17.86 14.51 -26.81
N THR B 514 16.67 14.17 -26.31
CA THR B 514 16.62 13.47 -25.03
C THR B 514 17.30 12.11 -25.14
N VAL B 515 17.30 11.51 -26.33
CA VAL B 515 18.01 10.26 -26.54
C VAL B 515 19.49 10.44 -26.27
N PHE B 516 20.08 11.51 -26.78
CA PHE B 516 21.51 11.75 -26.64
C PHE B 516 21.87 12.44 -25.34
N THR B 517 20.88 12.92 -24.58
CA THR B 517 21.14 13.80 -23.44
C THR B 517 20.83 13.14 -22.10
N PHE B 518 20.32 11.90 -22.08
CA PHE B 518 19.93 11.31 -20.80
C PHE B 518 21.14 10.76 -20.05
N GLY B 519 22.03 10.06 -20.76
CA GLY B 519 23.15 9.41 -20.11
C GLY B 519 24.46 10.17 -20.18
N ILE B 520 24.41 11.49 -20.03
CA ILE B 520 25.60 12.31 -20.01
C ILE B 520 26.00 12.56 -18.56
N LYS B 521 27.26 12.93 -18.35
CA LYS B 521 27.84 12.97 -17.01
C LYS B 521 27.46 14.25 -16.26
N VAL B 522 26.16 14.46 -16.10
CA VAL B 522 25.63 15.63 -15.40
C VAL B 522 24.21 15.33 -14.97
N PRO B 523 23.81 15.81 -13.79
CA PRO B 523 22.49 15.43 -13.27
C PRO B 523 21.39 15.70 -14.29
N SER B 524 20.77 14.62 -14.76
CA SER B 524 19.77 14.70 -15.81
C SER B 524 18.59 13.82 -15.43
N GLY B 525 17.39 14.36 -15.63
CA GLY B 525 16.18 13.63 -15.35
C GLY B 525 15.46 13.28 -16.64
N LEU B 526 14.44 12.44 -16.50
CA LEU B 526 13.66 11.99 -17.64
C LEU B 526 12.16 12.24 -17.50
N PHE B 527 11.69 12.65 -16.33
CA PHE B 527 10.27 13.00 -16.19
C PHE B 527 9.94 14.24 -17.02
N ILE B 528 10.74 15.30 -16.87
CA ILE B 528 10.43 16.55 -17.57
C ILE B 528 10.52 16.40 -19.08
N PRO B 529 11.61 15.87 -19.67
CA PRO B 529 11.64 15.74 -21.13
C PRO B 529 10.57 14.81 -21.67
N SER B 530 10.28 13.71 -20.96
CA SER B 530 9.24 12.79 -21.42
C SER B 530 7.87 13.47 -21.40
N MET B 531 7.57 14.21 -20.32
CA MET B 531 6.31 14.94 -20.28
C MET B 531 6.27 16.04 -21.32
N ALA B 532 7.41 16.65 -21.65
CA ALA B 532 7.41 17.66 -22.70
C ALA B 532 7.11 17.04 -24.06
N ILE B 533 7.70 15.89 -24.35
CA ILE B 533 7.39 15.19 -25.60
C ILE B 533 5.91 14.83 -25.64
N GLY B 534 5.39 14.26 -24.54
CA GLY B 534 4.00 13.88 -24.50
C GLY B 534 3.07 15.08 -24.62
N ALA B 535 3.42 16.19 -23.99
CA ALA B 535 2.59 17.38 -24.03
C ALA B 535 2.59 18.01 -25.42
N ILE B 536 3.73 18.00 -26.10
CA ILE B 536 3.76 18.51 -27.46
C ILE B 536 2.90 17.64 -28.37
N ALA B 537 3.01 16.32 -28.22
CA ALA B 537 2.18 15.44 -29.02
C ALA B 537 0.70 15.68 -28.74
N GLY B 538 0.35 15.82 -27.45
CA GLY B 538 -1.04 16.05 -27.10
C GLY B 538 -1.56 17.38 -27.60
N ARG B 539 -0.75 18.42 -27.53
CA ARG B 539 -1.16 19.71 -28.05
C ARG B 539 -1.37 19.66 -29.56
N ILE B 540 -0.49 18.95 -30.27
CA ILE B 540 -0.67 18.79 -31.71
C ILE B 540 -1.99 18.08 -32.00
N VAL B 541 -2.27 17.00 -31.27
CA VAL B 541 -3.50 16.26 -31.50
C VAL B 541 -4.71 17.12 -31.17
N GLY B 542 -4.63 17.90 -30.08
CA GLY B 542 -5.76 18.73 -29.70
C GLY B 542 -6.04 19.82 -30.71
N ILE B 543 -4.98 20.47 -31.22
CA ILE B 543 -5.19 21.49 -32.25
C ILE B 543 -5.76 20.85 -33.51
N ALA B 544 -5.26 19.68 -33.89
CA ALA B 544 -5.81 19.00 -35.06
C ALA B 544 -7.30 18.72 -34.87
N VAL B 545 -7.67 18.23 -33.69
CA VAL B 545 -9.07 17.93 -33.41
C VAL B 545 -9.91 19.21 -33.48
N GLU B 546 -9.41 20.29 -32.90
CA GLU B 546 -10.16 21.54 -32.89
C GLU B 546 -10.38 22.06 -34.30
N GLN B 547 -9.34 22.03 -35.13
CA GLN B 547 -9.48 22.49 -36.52
C GLN B 547 -10.44 21.59 -37.29
N LEU B 548 -10.35 20.28 -37.09
CA LEU B 548 -11.25 19.37 -37.78
C LEU B 548 -12.69 19.64 -37.37
N ALA B 549 -12.92 19.93 -36.10
CA ALA B 549 -14.27 20.29 -35.66
C ALA B 549 -14.72 21.60 -36.30
N TYR B 550 -13.84 22.59 -36.36
CA TYR B 550 -14.23 23.88 -36.90
C TYR B 550 -14.61 23.78 -38.37
N TYR B 551 -13.73 23.19 -39.19
CA TYR B 551 -14.03 23.07 -40.61
C TYR B 551 -15.21 22.14 -40.85
N HIS B 552 -15.30 21.04 -40.10
CA HIS B 552 -16.27 19.99 -40.41
C HIS B 552 -17.19 19.70 -39.23
N HIS B 553 -17.75 20.75 -38.63
CA HIS B 553 -18.75 20.56 -37.59
C HIS B 553 -20.02 19.93 -38.16
N ASP B 554 -20.31 20.16 -39.45
CA ASP B 554 -21.56 19.69 -40.03
C ASP B 554 -21.66 18.18 -40.07
N TRP B 555 -20.56 17.45 -39.88
CA TRP B 555 -20.63 16.00 -39.84
C TRP B 555 -21.36 15.54 -38.57
N PHE B 556 -21.99 14.37 -38.67
CA PHE B 556 -22.77 13.85 -37.55
C PHE B 556 -21.90 13.57 -36.34
N ILE B 557 -20.62 13.24 -36.54
CA ILE B 557 -19.77 12.85 -35.43
C ILE B 557 -19.69 13.98 -34.40
N PHE B 558 -19.59 15.23 -34.86
CA PHE B 558 -19.52 16.37 -33.97
C PHE B 558 -20.86 17.08 -33.82
N LYS B 559 -21.81 16.85 -34.74
CA LYS B 559 -23.08 17.54 -34.67
C LYS B 559 -23.88 17.17 -33.43
N GLU B 560 -23.62 16.00 -32.84
CA GLU B 560 -24.38 15.57 -31.67
C GLU B 560 -23.92 16.29 -30.41
N TRP B 561 -22.63 16.59 -30.28
CA TRP B 561 -22.06 17.11 -29.04
C TRP B 561 -21.79 18.61 -29.08
N CYS B 562 -21.04 19.09 -30.07
CA CYS B 562 -20.61 20.48 -30.08
C CYS B 562 -21.82 21.40 -30.12
N GLU B 563 -21.83 22.41 -29.25
CA GLU B 563 -22.91 23.39 -29.18
C GLU B 563 -22.47 24.69 -29.84
N VAL B 564 -23.40 25.29 -30.59
CA VAL B 564 -23.09 26.53 -31.30
C VAL B 564 -22.76 27.62 -30.30
N GLY B 565 -21.74 28.42 -30.62
CA GLY B 565 -21.38 29.56 -29.81
C GLY B 565 -20.40 29.29 -28.69
N ALA B 566 -19.95 28.05 -28.51
CA ALA B 566 -19.05 27.69 -27.43
C ALA B 566 -17.95 26.76 -27.95
N ASP B 567 -16.79 26.81 -27.30
CA ASP B 567 -15.70 25.92 -27.66
C ASP B 567 -16.06 24.48 -27.35
N CYS B 568 -15.52 23.56 -28.15
CA CYS B 568 -15.87 22.15 -28.04
C CYS B 568 -14.74 21.25 -27.57
N ILE B 569 -13.49 21.59 -27.90
CA ILE B 569 -12.34 20.77 -27.54
C ILE B 569 -11.30 21.63 -26.85
N THR B 570 -10.61 21.03 -25.88
CA THR B 570 -9.60 21.72 -25.07
C THR B 570 -8.25 21.05 -25.29
N PRO B 571 -7.37 21.61 -26.13
CA PRO B 571 -6.08 20.93 -26.40
C PRO B 571 -5.21 20.77 -25.18
N GLY B 572 -5.35 21.61 -24.16
CA GLY B 572 -4.55 21.44 -22.96
C GLY B 572 -4.78 20.09 -22.31
N LEU B 573 -6.01 19.61 -22.34
CA LEU B 573 -6.30 18.27 -21.82
C LEU B 573 -5.55 17.22 -22.62
N TYR B 574 -5.51 17.37 -23.95
CA TYR B 574 -4.78 16.43 -24.78
C TYR B 574 -3.30 16.44 -24.43
N ALA B 575 -2.75 17.63 -24.19
CA ALA B 575 -1.34 17.72 -23.80
C ALA B 575 -1.09 17.05 -22.46
N MET B 576 -1.97 17.29 -21.48
CA MET B 576 -1.78 16.65 -20.18
C MET B 576 -1.93 15.14 -20.28
N VAL B 577 -2.81 14.65 -21.15
CA VAL B 577 -2.97 13.22 -21.35
C VAL B 577 -1.73 12.64 -22.01
N GLY B 578 -1.19 13.32 -23.02
CA GLY B 578 0.00 12.83 -23.71
C GLY B 578 1.21 12.82 -22.81
N ALA B 579 1.33 13.80 -21.92
CA ALA B 579 2.41 13.80 -20.95
C ALA B 579 2.41 12.51 -20.15
N ALA B 580 1.25 12.16 -19.58
CA ALA B 580 1.14 10.92 -18.82
C ALA B 580 1.35 9.70 -19.70
N ALA B 581 0.85 9.73 -20.93
CA ALA B 581 1.02 8.59 -21.83
C ALA B 581 2.51 8.30 -22.06
N CYS B 582 3.27 9.33 -22.44
CA CYS B 582 4.70 9.13 -22.68
C CYS B 582 5.45 8.80 -21.40
N LEU B 583 5.07 9.44 -20.29
CA LEU B 583 5.73 9.15 -19.02
C LEU B 583 5.56 7.70 -18.64
N GLY B 584 4.35 7.16 -18.81
CA GLY B 584 4.09 5.76 -18.50
C GLY B 584 4.61 4.80 -19.54
N GLY B 585 4.79 5.26 -20.77
CA GLY B 585 5.37 4.41 -21.79
C GLY B 585 6.87 4.27 -21.66
N VAL B 586 7.52 5.29 -21.10
CA VAL B 586 8.97 5.20 -20.86
C VAL B 586 9.27 4.59 -19.51
N THR B 587 8.55 4.97 -18.45
CA THR B 587 8.74 4.41 -17.13
C THR B 587 7.95 3.13 -16.90
N ARG B 588 6.97 2.82 -17.76
CA ARG B 588 6.10 1.66 -17.59
C ARG B 588 5.38 1.70 -16.24
N MET B 589 5.08 2.90 -15.77
CA MET B 589 4.27 3.09 -14.58
C MET B 589 2.81 3.27 -14.97
N THR B 590 1.91 2.67 -14.20
CA THR B 590 0.48 2.70 -14.52
C THR B 590 -0.34 3.48 -13.49
N VAL B 591 -0.32 3.06 -12.23
CA VAL B 591 -1.19 3.61 -11.21
C VAL B 591 -0.50 4.69 -10.41
N SER B 592 0.76 4.46 -10.02
CA SER B 592 1.53 5.50 -9.36
C SER B 592 1.62 6.73 -10.26
N LEU B 593 1.87 6.52 -11.56
CA LEU B 593 1.95 7.63 -12.50
C LEU B 593 0.60 8.35 -12.62
N VAL B 594 -0.50 7.60 -12.65
CA VAL B 594 -1.80 8.22 -12.79
C VAL B 594 -2.12 9.06 -11.55
N VAL B 595 -1.79 8.55 -10.36
CA VAL B 595 -2.00 9.34 -9.15
C VAL B 595 -1.10 10.56 -9.15
N ILE B 596 0.13 10.41 -9.67
CA ILE B 596 1.04 11.55 -9.78
C ILE B 596 0.45 12.62 -10.68
N VAL B 597 -0.15 12.22 -11.80
CA VAL B 597 -0.75 13.18 -12.72
C VAL B 597 -2.00 13.79 -12.10
N PHE B 598 -2.75 13.01 -11.32
CA PHE B 598 -3.84 13.59 -10.54
C PHE B 598 -3.34 14.72 -9.66
N GLU B 599 -2.39 14.43 -8.78
CA GLU B 599 -2.01 15.42 -7.77
C GLU B 599 -1.18 16.55 -8.35
N LEU B 600 -0.48 16.32 -9.46
CA LEU B 600 0.24 17.36 -10.15
C LEU B 600 -0.69 18.33 -10.87
N THR B 601 -1.75 17.82 -11.50
CA THR B 601 -2.75 18.64 -12.17
C THR B 601 -4.11 18.26 -11.59
N GLY B 602 -4.56 19.03 -10.61
CA GLY B 602 -5.79 18.71 -9.89
C GLY B 602 -7.01 18.58 -10.79
N GLY B 603 -7.90 17.65 -10.44
CA GLY B 603 -9.12 17.45 -11.19
C GLY B 603 -9.39 15.98 -11.44
N LEU B 604 -10.56 15.50 -11.01
CA LEU B 604 -10.93 14.10 -11.13
C LEU B 604 -11.80 13.82 -12.36
N GLU B 605 -12.25 14.84 -13.07
CA GLU B 605 -13.08 14.59 -14.25
C GLU B 605 -12.35 13.78 -15.31
N TYR B 606 -11.02 13.71 -15.24
CA TYR B 606 -10.20 13.18 -16.32
C TYR B 606 -9.51 11.86 -15.96
N ILE B 607 -10.09 11.10 -15.05
CA ILE B 607 -9.55 9.79 -14.69
C ILE B 607 -9.62 8.83 -15.86
N VAL B 608 -10.76 8.77 -16.55
CA VAL B 608 -10.90 7.80 -17.63
C VAL B 608 -9.90 8.11 -18.73
N PRO B 609 -9.78 9.36 -19.19
CA PRO B 609 -8.77 9.65 -20.23
C PRO B 609 -7.35 9.33 -19.81
N LEU B 610 -6.94 9.76 -18.61
CA LEU B 610 -5.57 9.48 -18.18
C LEU B 610 -5.32 8.00 -18.05
N MET B 611 -6.27 7.26 -17.45
CA MET B 611 -6.08 5.83 -17.27
C MET B 611 -6.01 5.11 -18.61
N ALA B 612 -6.90 5.46 -19.53
CA ALA B 612 -6.87 4.82 -20.85
C ALA B 612 -5.57 5.11 -21.56
N ALA B 613 -5.11 6.36 -21.54
CA ALA B 613 -3.87 6.71 -22.23
C ALA B 613 -2.68 6.00 -21.60
N VAL B 614 -2.58 6.02 -20.28
CA VAL B 614 -1.44 5.39 -19.61
C VAL B 614 -1.43 3.90 -19.85
N MET B 615 -2.59 3.24 -19.73
CA MET B 615 -2.64 1.80 -19.93
C MET B 615 -2.33 1.44 -21.38
N THR B 616 -2.86 2.19 -22.33
CA THR B 616 -2.55 1.93 -23.73
C THR B 616 -1.07 2.11 -24.01
N SER B 617 -0.48 3.17 -23.46
CA SER B 617 0.95 3.39 -23.67
C SER B 617 1.78 2.26 -23.08
N LYS B 618 1.45 1.80 -21.87
CA LYS B 618 2.19 0.69 -21.29
C LYS B 618 2.02 -0.58 -22.11
N TRP B 619 0.79 -0.87 -22.55
CA TRP B 619 0.57 -2.12 -23.27
C TRP B 619 1.21 -2.08 -24.64
N VAL B 620 1.29 -0.92 -25.28
CA VAL B 620 1.99 -0.82 -26.55
C VAL B 620 3.49 -0.90 -26.36
N GLY B 621 4.00 -0.31 -25.27
CA GLY B 621 5.43 -0.40 -25.01
C GLY B 621 5.86 -1.78 -24.58
N ASP B 622 4.93 -2.55 -24.00
CA ASP B 622 5.22 -3.92 -23.61
C ASP B 622 5.32 -4.85 -24.80
N ALA B 623 4.60 -4.56 -25.89
CA ALA B 623 4.72 -5.38 -27.09
C ALA B 623 6.13 -5.36 -27.66
N PHE B 624 6.93 -4.35 -27.30
CA PHE B 624 8.31 -4.25 -27.73
C PHE B 624 9.29 -4.57 -26.61
N GLY B 625 8.81 -5.15 -25.50
CA GLY B 625 9.64 -5.38 -24.34
C GLY B 625 9.03 -4.77 -23.09
N ARG B 626 9.09 -5.47 -21.96
CA ARG B 626 8.45 -5.05 -20.73
C ARG B 626 9.41 -4.32 -19.80
N GLU B 627 10.39 -3.62 -20.36
CA GLU B 627 11.43 -2.94 -19.60
C GLU B 627 11.09 -1.45 -19.49
N GLY B 628 11.02 -0.96 -18.26
CA GLY B 628 11.04 0.48 -18.05
C GLY B 628 12.43 1.03 -18.28
N ILE B 629 12.51 2.37 -18.39
CA ILE B 629 13.79 2.99 -18.63
C ILE B 629 14.72 2.76 -17.45
N TYR B 630 14.18 2.77 -16.22
CA TYR B 630 14.98 2.52 -15.04
C TYR B 630 15.33 1.04 -14.88
N GLU B 631 14.80 0.17 -15.67
CA GLU B 631 15.23 -1.21 -15.61
C GLU B 631 16.09 -1.46 -16.78
N ALA B 632 15.81 -0.87 -17.92
CA ALA B 632 16.74 -0.99 -19.03
C ALA B 632 18.10 -0.42 -18.66
N HIS B 633 18.15 0.72 -17.91
CA HIS B 633 19.47 1.28 -17.51
C HIS B 633 20.11 0.48 -16.38
N ILE B 634 19.30 -0.13 -15.51
CA ILE B 634 19.86 -1.05 -14.52
C ILE B 634 20.51 -2.23 -15.22
N ARG B 635 19.84 -2.78 -16.24
CA ARG B 635 20.43 -3.85 -17.02
C ARG B 635 21.70 -3.39 -17.73
N LEU B 636 21.67 -2.20 -18.32
CA LEU B 636 22.83 -1.70 -19.06
C LEU B 636 24.03 -1.52 -18.14
N ASN B 637 23.83 -0.92 -16.97
CA ASN B 637 24.91 -0.81 -16.00
C ASN B 637 25.26 -2.14 -15.35
N GLY B 638 24.46 -3.18 -15.59
CA GLY B 638 24.73 -4.49 -15.03
C GLY B 638 24.68 -4.49 -13.52
N TYR B 639 23.74 -3.75 -12.96
CA TYR B 639 23.60 -3.73 -11.51
C TYR B 639 22.91 -5.01 -11.03
N PRO B 640 23.32 -5.53 -9.88
CA PRO B 640 22.67 -6.78 -9.39
C PRO B 640 21.29 -6.53 -8.80
N PHE B 641 20.33 -6.27 -9.70
CA PHE B 641 18.96 -5.96 -9.32
C PHE B 641 18.10 -7.20 -9.55
N LEU B 642 17.51 -7.70 -8.48
CA LEU B 642 16.61 -8.85 -8.54
C LEU B 642 15.21 -8.31 -8.79
N ASP B 643 14.82 -8.24 -10.06
CA ASP B 643 13.54 -7.66 -10.42
C ASP B 643 12.41 -8.44 -9.77
N ALA B 644 11.48 -7.69 -9.15
CA ALA B 644 10.32 -8.31 -8.54
C ALA B 644 9.35 -8.89 -9.55
N LYS B 645 9.50 -8.54 -10.84
CA LYS B 645 8.62 -9.03 -11.88
C LYS B 645 9.25 -10.10 -12.75
N GLU B 646 10.57 -10.21 -12.76
CA GLU B 646 11.24 -11.19 -13.60
C GLU B 646 10.74 -12.60 -13.29
N GLU B 647 10.52 -13.37 -14.35
CA GLU B 647 10.08 -14.75 -14.24
C GLU B 647 11.18 -15.67 -14.73
N PHE B 648 11.43 -16.75 -13.99
CA PHE B 648 12.44 -17.74 -14.35
C PHE B 648 11.79 -18.69 -15.34
N THR B 649 11.96 -18.39 -16.63
CA THR B 649 11.27 -19.14 -17.67
C THR B 649 11.70 -20.60 -17.69
N HIS B 650 13.00 -20.86 -17.52
CA HIS B 650 13.48 -22.24 -17.49
C HIS B 650 12.77 -23.01 -16.39
N THR B 651 12.25 -24.18 -16.73
CA THR B 651 11.60 -25.05 -15.76
C THR B 651 12.62 -25.93 -15.06
N THR B 652 13.67 -25.30 -14.53
CA THR B 652 14.77 -25.99 -13.91
C THR B 652 14.74 -25.77 -12.40
N LEU B 653 15.57 -26.54 -11.70
CA LEU B 653 15.61 -26.58 -10.25
C LEU B 653 16.81 -25.79 -9.75
N ALA B 654 17.05 -25.85 -8.44
CA ALA B 654 18.26 -25.26 -7.88
C ALA B 654 19.52 -26.02 -8.25
N ALA B 655 19.39 -27.20 -8.85
CA ALA B 655 20.56 -27.98 -9.22
C ALA B 655 21.35 -27.33 -10.36
N ASP B 656 20.66 -26.88 -11.41
CA ASP B 656 21.36 -26.35 -12.58
C ASP B 656 22.09 -25.05 -12.26
N VAL B 657 21.56 -24.26 -11.33
CA VAL B 657 22.15 -22.96 -11.03
C VAL B 657 23.32 -23.07 -10.03
N MET B 658 23.59 -24.27 -9.52
CA MET B 658 24.80 -24.49 -8.74
C MET B 658 26.01 -24.22 -9.61
N ARG B 659 27.03 -23.59 -9.01
CA ARG B 659 28.22 -23.27 -9.80
C ARG B 659 29.48 -23.87 -9.18
N PRO B 660 29.42 -25.06 -8.61
CA PRO B 660 30.51 -26.02 -8.78
C PRO B 660 30.20 -26.92 -9.98
N ARG B 661 31.01 -26.86 -11.03
CA ARG B 661 30.72 -27.61 -12.25
C ARG B 661 31.90 -28.53 -12.58
N ARG B 662 31.72 -29.34 -13.62
CA ARG B 662 32.77 -30.26 -14.04
C ARG B 662 34.02 -29.52 -14.47
N SER B 663 33.87 -28.32 -15.02
CA SER B 663 35.00 -27.53 -15.48
C SER B 663 35.59 -26.64 -14.39
N ASP B 664 34.93 -26.55 -13.23
CA ASP B 664 35.41 -25.74 -12.13
C ASP B 664 36.15 -26.60 -11.11
N PRO B 665 37.05 -26.01 -10.33
CA PRO B 665 37.73 -26.77 -9.28
C PRO B 665 36.74 -27.27 -8.23
N PRO B 666 37.18 -28.10 -7.29
CA PRO B 666 36.26 -28.57 -6.25
C PRO B 666 35.75 -27.42 -5.40
N LEU B 667 34.55 -27.60 -4.86
CA LEU B 667 33.93 -26.59 -4.03
C LEU B 667 34.88 -26.12 -2.95
N ALA B 668 34.88 -24.81 -2.69
CA ALA B 668 35.64 -24.25 -1.58
C ALA B 668 34.89 -24.56 -0.29
N VAL B 669 35.59 -25.11 0.69
CA VAL B 669 35.00 -25.51 1.96
C VAL B 669 36.03 -25.30 3.06
N LEU B 670 35.60 -25.54 4.29
CA LEU B 670 36.47 -25.52 5.45
C LEU B 670 36.26 -26.79 6.27
N THR B 671 37.34 -27.23 6.93
CA THR B 671 37.27 -28.35 7.86
C THR B 671 37.04 -27.80 9.26
N GLN B 672 36.58 -28.67 10.16
CA GLN B 672 36.14 -28.20 11.46
C GLN B 672 37.32 -27.89 12.38
N ASP B 673 38.24 -28.85 12.57
CA ASP B 673 39.31 -28.66 13.53
C ASP B 673 40.67 -29.19 13.07
N ASN B 674 40.87 -29.43 11.78
CA ASN B 674 42.12 -30.02 11.31
C ASN B 674 43.08 -29.01 10.71
N MET B 675 42.59 -27.91 10.14
CA MET B 675 43.45 -26.99 9.42
C MET B 675 44.20 -26.07 10.38
N THR B 676 45.30 -25.50 9.88
CA THR B 676 46.15 -24.58 10.62
C THR B 676 46.13 -23.20 9.96
N VAL B 677 46.95 -22.30 10.49
CA VAL B 677 46.98 -20.92 10.00
C VAL B 677 47.49 -20.88 8.55
N ASP B 678 48.52 -21.67 8.25
CA ASP B 678 49.11 -21.63 6.92
C ASP B 678 48.08 -22.02 5.86
N ASP B 679 47.28 -23.05 6.13
CA ASP B 679 46.31 -23.50 5.15
C ASP B 679 45.27 -22.42 4.85
N ILE B 680 44.73 -21.78 5.89
CA ILE B 680 43.73 -20.75 5.68
C ILE B 680 44.33 -19.55 4.95
N GLU B 681 45.54 -19.15 5.34
CA GLU B 681 46.19 -18.03 4.66
C GLU B 681 46.37 -18.34 3.18
N ASN B 682 46.88 -19.53 2.86
CA ASN B 682 47.09 -19.89 1.47
C ASN B 682 45.79 -19.94 0.70
N MET B 683 44.74 -20.51 1.31
CA MET B 683 43.48 -20.65 0.60
C MET B 683 42.82 -19.30 0.35
N ILE B 684 42.94 -18.37 1.30
CA ILE B 684 42.38 -17.04 1.09
C ILE B 684 43.18 -16.29 0.03
N ASN B 685 44.52 -16.42 0.07
CA ASN B 685 45.34 -15.76 -0.92
C ASN B 685 45.06 -16.28 -2.34
N GLU B 686 44.88 -17.59 -2.49
CA GLU B 686 44.72 -18.20 -3.81
C GLU B 686 43.28 -18.21 -4.29
N THR B 687 42.32 -17.84 -3.45
CA THR B 687 40.91 -17.87 -3.81
C THR B 687 40.31 -16.47 -3.72
N SER B 688 39.12 -16.33 -4.31
CA SER B 688 38.49 -15.01 -4.44
C SER B 688 37.01 -15.06 -4.09
N TYR B 689 36.65 -15.79 -3.04
CA TYR B 689 35.27 -15.96 -2.63
C TYR B 689 34.96 -15.13 -1.38
N ASN B 690 33.70 -14.72 -1.25
CA ASN B 690 33.30 -13.89 -0.12
C ASN B 690 32.97 -14.71 1.12
N GLY B 691 32.38 -15.89 0.93
CA GLY B 691 31.99 -16.74 2.05
C GLY B 691 32.37 -18.18 1.79
N PHE B 692 32.55 -18.92 2.88
CA PHE B 692 32.91 -20.33 2.83
C PHE B 692 32.05 -21.11 3.81
N PRO B 693 31.39 -22.19 3.38
CA PRO B 693 30.74 -23.07 4.35
C PRO B 693 31.75 -23.89 5.13
N VAL B 694 31.35 -24.30 6.33
CA VAL B 694 32.16 -25.15 7.20
C VAL B 694 31.46 -26.50 7.29
N ILE B 695 32.21 -27.57 7.02
CA ILE B 695 31.69 -28.92 6.98
C ILE B 695 32.45 -29.77 8.00
N MET B 696 31.97 -31.00 8.21
CA MET B 696 32.58 -31.89 9.19
C MET B 696 33.96 -32.36 8.74
N SER B 697 34.03 -33.07 7.62
CA SER B 697 35.28 -33.71 7.22
C SER B 697 35.27 -33.95 5.72
N LYS B 698 36.44 -34.28 5.19
CA LYS B 698 36.60 -34.49 3.76
C LYS B 698 35.71 -35.62 3.25
N GLU B 699 35.70 -36.75 3.95
CA GLU B 699 34.92 -37.91 3.52
C GLU B 699 33.47 -37.82 3.94
N SER B 700 33.10 -36.86 4.77
CA SER B 700 31.73 -36.72 5.26
C SER B 700 30.93 -35.67 4.48
N GLN B 701 31.49 -34.49 4.27
CA GLN B 701 30.80 -33.40 3.58
C GLN B 701 29.48 -33.07 4.29
N ARG B 702 29.51 -33.12 5.61
CA ARG B 702 28.35 -32.82 6.45
C ARG B 702 28.43 -31.37 6.88
N LEU B 703 27.39 -30.60 6.55
CA LEU B 703 27.40 -29.17 6.81
C LEU B 703 27.53 -28.89 8.30
N VAL B 704 28.26 -27.81 8.62
CA VAL B 704 28.37 -27.30 9.97
C VAL B 704 27.83 -25.87 10.06
N GLY B 705 28.27 -25.01 9.16
CA GLY B 705 27.86 -23.62 9.22
C GLY B 705 28.41 -22.81 8.07
N PHE B 706 28.53 -21.50 8.31
CA PHE B 706 28.99 -20.56 7.30
C PHE B 706 29.96 -19.58 7.92
N ALA B 707 30.87 -19.05 7.10
CA ALA B 707 31.82 -18.03 7.53
C ALA B 707 32.00 -17.02 6.40
N LEU B 708 32.33 -15.78 6.77
CA LEU B 708 32.49 -14.71 5.82
C LEU B 708 33.95 -14.31 5.70
N ARG B 709 34.30 -13.75 4.55
CA ARG B 709 35.69 -13.42 4.27
C ARG B 709 36.21 -12.32 5.20
N ARG B 710 35.47 -11.22 5.29
CA ARG B 710 36.00 -10.03 5.98
C ARG B 710 36.20 -10.30 7.46
N ASP B 711 35.18 -10.84 8.12
CA ASP B 711 35.29 -11.10 9.56
C ASP B 711 36.32 -12.19 9.84
N LEU B 712 36.41 -13.21 8.99
CA LEU B 712 37.43 -14.23 9.18
C LEU B 712 38.83 -13.64 9.09
N THR B 713 39.07 -12.77 8.09
CA THR B 713 40.37 -12.13 7.97
C THR B 713 40.66 -11.24 9.17
N ILE B 714 39.65 -10.51 9.64
CA ILE B 714 39.84 -9.64 10.80
C ILE B 714 40.20 -10.48 12.02
N ALA B 715 39.50 -11.59 12.24
CA ALA B 715 39.80 -12.45 13.37
C ALA B 715 41.19 -13.03 13.28
N ILE B 716 41.62 -13.43 12.07
CA ILE B 716 42.95 -14.00 11.93
C ILE B 716 44.01 -12.94 12.22
N GLU B 717 43.82 -11.73 11.71
CA GLU B 717 44.77 -10.66 12.00
C GLU B 717 44.85 -10.38 13.51
N SER B 718 43.69 -10.30 14.17
CA SER B 718 43.68 -10.06 15.60
C SER B 718 44.37 -11.19 16.36
N ALA B 719 44.12 -12.44 15.96
CA ALA B 719 44.75 -13.57 16.62
C ALA B 719 46.26 -13.53 16.45
N ARG B 720 46.74 -13.20 15.25
CA ARG B 720 48.18 -13.09 15.05
C ARG B 720 48.78 -11.98 15.91
N LYS B 721 48.12 -10.83 15.97
CA LYS B 721 48.66 -9.73 16.77
C LYS B 721 48.70 -10.07 18.25
N LYS B 722 47.66 -10.68 18.79
CA LYS B 722 47.61 -10.99 20.22
C LYS B 722 48.11 -12.41 20.49
N VAL B 732 43.62 -24.05 15.28
CA VAL B 732 42.44 -23.48 14.66
C VAL B 732 41.30 -24.49 14.69
N CYS B 733 40.33 -24.28 15.57
CA CYS B 733 39.23 -25.20 15.77
C CYS B 733 37.91 -24.46 15.58
N PHE B 734 37.03 -25.04 14.77
CA PHE B 734 35.65 -24.57 14.63
C PHE B 734 34.70 -25.30 15.56
N ALA B 735 35.20 -26.22 16.38
CA ALA B 735 34.36 -27.03 17.25
C ALA B 735 33.92 -26.23 18.47
N GLN B 736 33.19 -26.88 19.36
CA GLN B 736 32.73 -26.25 20.59
C GLN B 736 33.80 -26.35 21.66
N LEU B 749 43.71 -21.55 19.04
CA LEU B 749 42.88 -20.52 18.42
C LEU B 749 41.50 -21.07 18.08
N LYS B 750 40.46 -20.32 18.46
CA LYS B 750 39.08 -20.72 18.24
C LYS B 750 38.32 -19.57 17.57
N LEU B 751 37.62 -19.87 16.49
CA LEU B 751 36.82 -18.89 15.75
C LEU B 751 35.33 -19.19 15.87
N ARG B 752 34.93 -19.74 17.01
CA ARG B 752 33.53 -20.14 17.18
C ARG B 752 32.59 -18.95 17.11
N SER B 753 33.02 -17.79 17.61
CA SER B 753 32.10 -16.68 17.81
C SER B 753 31.56 -16.13 16.50
N ILE B 754 32.44 -15.91 15.52
CA ILE B 754 32.05 -15.20 14.30
C ILE B 754 31.59 -16.19 13.23
N LEU B 755 31.37 -17.44 13.62
CA LEU B 755 30.93 -18.48 12.68
C LEU B 755 29.41 -18.57 12.70
N ASP B 756 28.81 -18.38 11.53
CA ASP B 756 27.35 -18.39 11.40
C ASP B 756 26.86 -19.84 11.46
N MET B 757 25.97 -20.12 12.40
CA MET B 757 25.42 -21.46 12.60
C MET B 757 24.09 -21.68 11.91
N SER B 758 23.52 -20.67 11.25
CA SER B 758 22.21 -20.80 10.61
C SER B 758 22.28 -20.30 9.17
N PRO B 759 23.05 -20.98 8.32
CA PRO B 759 23.03 -20.65 6.89
C PRO B 759 21.84 -21.29 6.20
N PHE B 760 21.09 -20.48 5.46
CA PHE B 760 19.95 -21.01 4.74
C PHE B 760 20.40 -22.07 3.74
N THR B 761 19.72 -23.21 3.75
CA THR B 761 20.01 -24.31 2.86
C THR B 761 18.78 -24.64 2.05
N VAL B 762 19.01 -25.16 0.85
CA VAL B 762 17.93 -25.49 -0.08
C VAL B 762 18.34 -26.74 -0.84
N THR B 763 17.48 -27.75 -0.82
CA THR B 763 17.77 -28.99 -1.52
C THR B 763 17.81 -28.74 -3.02
N ASP B 764 18.74 -29.43 -3.68
CA ASP B 764 18.90 -29.24 -5.12
C ASP B 764 17.58 -29.47 -5.87
N HIS B 765 16.76 -30.40 -5.37
CA HIS B 765 15.48 -30.66 -6.03
C HIS B 765 14.45 -29.57 -5.76
N THR B 766 14.77 -28.60 -4.92
CA THR B 766 13.94 -27.42 -4.80
C THR B 766 13.92 -26.66 -6.14
N PRO B 767 12.76 -26.18 -6.57
CA PRO B 767 12.69 -25.39 -7.79
C PRO B 767 13.00 -23.90 -7.64
N MET B 768 13.52 -23.33 -8.73
CA MET B 768 14.13 -22.00 -8.66
C MET B 768 13.13 -20.90 -8.33
N GLU B 769 11.84 -21.14 -8.52
CA GLU B 769 10.86 -20.16 -8.08
C GLU B 769 10.94 -19.95 -6.57
N ILE B 770 11.09 -21.04 -5.82
CA ILE B 770 11.19 -20.95 -4.37
C ILE B 770 12.45 -20.20 -3.96
N VAL B 771 13.57 -20.47 -4.63
CA VAL B 771 14.82 -19.78 -4.32
C VAL B 771 14.67 -18.29 -4.60
N VAL B 772 14.08 -17.94 -5.75
CA VAL B 772 13.87 -16.54 -6.08
C VAL B 772 12.98 -15.88 -5.03
N ASP B 773 11.90 -16.57 -4.63
CA ASP B 773 10.96 -15.99 -3.68
C ASP B 773 11.58 -15.81 -2.31
N ILE B 774 12.38 -16.78 -1.85
CA ILE B 774 13.03 -16.63 -0.55
C ILE B 774 14.07 -15.53 -0.59
N PHE B 775 14.79 -15.40 -1.72
CA PHE B 775 15.70 -14.28 -1.88
C PHE B 775 14.97 -12.95 -1.80
N ARG B 776 13.80 -12.87 -2.45
CA ARG B 776 13.06 -11.62 -2.53
C ARG B 776 12.36 -11.30 -1.21
N LYS B 777 12.02 -12.32 -0.43
CA LYS B 777 11.25 -12.09 0.79
C LYS B 777 12.16 -11.93 2.00
N LEU B 778 13.03 -12.90 2.24
CA LEU B 778 13.96 -12.83 3.36
C LEU B 778 15.20 -12.00 3.05
N GLY B 779 15.38 -11.58 1.81
CA GLY B 779 16.54 -10.78 1.44
C GLY B 779 17.83 -11.54 1.59
N LEU B 780 17.86 -12.77 1.09
CA LEU B 780 19.05 -13.59 1.15
C LEU B 780 20.14 -13.03 0.24
N ARG B 781 21.39 -13.23 0.65
CA ARG B 781 22.53 -13.02 -0.22
C ARG B 781 23.10 -14.32 -0.76
N GLN B 782 23.08 -15.38 0.04
CA GLN B 782 23.51 -16.69 -0.41
C GLN B 782 22.68 -17.76 0.28
N CYS B 783 22.51 -18.88 -0.39
CA CYS B 783 21.89 -20.06 0.20
C CYS B 783 22.72 -21.28 -0.19
N LEU B 784 23.15 -22.04 0.82
CA LEU B 784 23.78 -23.31 0.54
C LEU B 784 22.78 -24.25 -0.13
N VAL B 785 23.29 -25.35 -0.67
CA VAL B 785 22.46 -26.42 -1.20
C VAL B 785 22.98 -27.73 -0.64
N THR B 786 22.08 -28.52 -0.07
CA THR B 786 22.44 -29.77 0.58
C THR B 786 21.73 -30.92 -0.10
N HIS B 787 22.43 -32.03 -0.24
CA HIS B 787 21.88 -33.26 -0.82
C HIS B 787 21.90 -34.33 0.26
N ASN B 788 20.72 -34.71 0.75
CA ASN B 788 20.58 -35.76 1.75
C ASN B 788 21.50 -35.51 2.94
N GLY B 789 21.60 -34.22 3.32
CA GLY B 789 22.48 -33.83 4.39
C GLY B 789 23.92 -33.59 3.98
N ARG B 790 24.27 -33.84 2.73
CA ARG B 790 25.63 -33.65 2.23
C ARG B 790 25.69 -32.36 1.43
N LEU B 791 26.60 -31.47 1.82
CA LEU B 791 26.74 -30.19 1.14
C LEU B 791 27.21 -30.38 -0.29
N LEU B 792 26.65 -29.60 -1.20
CA LEU B 792 27.01 -29.68 -2.62
C LEU B 792 27.56 -28.36 -3.15
N GLY B 793 26.93 -27.24 -2.86
CA GLY B 793 27.35 -25.98 -3.43
C GLY B 793 26.61 -24.81 -2.82
N ILE B 794 26.78 -23.65 -3.45
CA ILE B 794 26.19 -22.41 -2.96
C ILE B 794 25.50 -21.70 -4.12
N ILE B 795 24.49 -20.90 -3.79
CA ILE B 795 23.78 -20.07 -4.76
C ILE B 795 23.70 -18.67 -4.17
N THR B 796 24.47 -17.75 -4.74
CA THR B 796 24.48 -16.35 -4.32
C THR B 796 23.60 -15.53 -5.26
N LYS B 797 23.43 -14.26 -4.93
CA LYS B 797 22.61 -13.39 -5.78
C LYS B 797 23.20 -13.30 -7.18
N LYS B 798 24.53 -13.26 -7.29
CA LYS B 798 25.16 -13.22 -8.61
C LYS B 798 24.81 -14.46 -9.42
N ASP B 799 24.80 -15.64 -8.78
CA ASP B 799 24.47 -16.87 -9.50
C ASP B 799 23.07 -16.79 -10.09
N ILE B 800 22.09 -16.46 -9.25
CA ILE B 800 20.70 -16.40 -9.70
C ILE B 800 20.54 -15.35 -10.79
N LEU B 801 21.18 -14.19 -10.61
CA LEU B 801 21.03 -13.11 -11.60
C LEU B 801 21.65 -13.51 -12.93
N ARG B 802 22.87 -14.04 -12.91
CA ARG B 802 23.50 -14.48 -14.16
C ARG B 802 22.65 -15.54 -14.85
N HIS B 803 22.20 -16.55 -14.12
CA HIS B 803 21.45 -17.63 -14.76
C HIS B 803 20.09 -17.16 -15.24
N MET B 804 19.52 -16.15 -14.58
CA MET B 804 18.21 -15.64 -14.99
C MET B 804 18.26 -15.04 -16.39
N ALA B 805 19.33 -14.31 -16.70
CA ALA B 805 19.47 -13.66 -17.99
C ALA B 805 19.33 -14.67 -19.13
#